data_2LF6
#
_entry.id   2LF6
#
_entity_poly.entity_id   1
_entity_poly.type   'polypeptide(L)'
_entity_poly.pdbx_seq_one_letter_code
;QGLDLESARLASAARHNHSANQTNEALRRLTQEGVDMERLRTSLGRYIMSLEPLPPDLRRALESVGINPFIPEELSLVDH
PVLNFSAALNRMLASRQTTTN
;
_entity_poly.pdbx_strand_id   A
#
# COMPACT_ATOMS: atom_id res chain seq x y z
N GLN A 1 36.56 -9.33 26.03
CA GLN A 1 35.29 -8.99 26.71
C GLN A 1 34.52 -7.92 25.91
N GLY A 2 33.25 -7.71 26.27
CA GLY A 2 32.36 -6.76 25.58
C GLY A 2 31.09 -7.44 25.05
N LEU A 3 30.59 -8.42 25.83
CA LEU A 3 29.36 -9.17 25.50
C LEU A 3 28.12 -8.34 25.91
N ASP A 4 27.79 -7.37 25.04
CA ASP A 4 26.63 -6.45 25.20
C ASP A 4 25.91 -6.36 23.84
N LEU A 5 26.02 -7.48 23.10
CA LEU A 5 25.63 -7.59 21.70
C LEU A 5 24.10 -7.60 21.54
N GLU A 6 23.40 -8.10 22.57
CA GLU A 6 21.92 -8.10 22.64
C GLU A 6 21.38 -6.66 22.54
N SER A 7 21.95 -5.78 23.38
CA SER A 7 21.56 -4.36 23.48
C SER A 7 21.79 -3.61 22.15
N ALA A 8 22.89 -3.98 21.48
CA ALA A 8 23.32 -3.37 20.23
C ALA A 8 22.41 -3.78 19.05
N ARG A 9 22.10 -5.09 18.99
CA ARG A 9 21.39 -5.69 17.83
C ARG A 9 19.89 -5.40 17.87
N LEU A 10 19.30 -5.24 19.09
CA LEU A 10 17.84 -4.94 19.24
C LEU A 10 17.51 -3.52 18.74
N ALA A 11 18.50 -2.62 18.90
CA ALA A 11 18.39 -1.23 18.44
C ALA A 11 18.40 -1.15 16.90
N SER A 12 19.21 -2.02 16.29
CA SER A 12 19.31 -2.16 14.84
C SER A 12 18.11 -2.97 14.27
N ALA A 13 17.57 -3.89 15.11
CA ALA A 13 16.42 -4.73 14.75
C ALA A 13 15.15 -3.89 14.64
N ALA A 14 15.02 -2.92 15.56
CA ALA A 14 13.92 -1.93 15.55
C ALA A 14 14.07 -1.03 14.31
N ARG A 15 15.14 -0.20 14.32
CA ARG A 15 15.51 0.73 13.21
C ARG A 15 14.41 1.80 12.92
N HIS A 16 14.81 2.94 12.32
CA HIS A 16 13.86 3.97 11.86
C HIS A 16 13.96 4.11 10.32
N ASN A 17 12.91 3.65 9.62
CA ASN A 17 12.83 3.68 8.15
C ASN A 17 11.35 3.53 7.71
N HIS A 18 10.79 4.62 7.14
CA HIS A 18 9.41 4.67 6.59
C HIS A 18 9.15 6.05 5.98
N SER A 19 8.23 6.10 5.00
CA SER A 19 7.85 7.33 4.29
C SER A 19 6.59 7.12 3.44
N ALA A 20 6.05 8.23 2.91
CA ALA A 20 4.96 8.21 1.91
C ALA A 20 5.49 7.72 0.54
N ASN A 21 6.83 7.62 0.43
CA ASN A 21 7.50 6.97 -0.71
C ASN A 21 7.04 5.52 -0.83
N GLN A 22 6.92 4.81 0.32
CA GLN A 22 6.53 3.38 0.37
C GLN A 22 5.14 3.12 -0.27
N THR A 23 4.28 4.15 -0.20
CA THR A 23 2.95 4.14 -0.83
C THR A 23 3.07 4.09 -2.38
N ASN A 24 3.75 5.11 -2.95
CA ASN A 24 3.96 5.24 -4.41
C ASN A 24 4.86 4.12 -4.94
N GLU A 25 5.76 3.65 -4.04
CA GLU A 25 6.66 2.54 -4.29
C GLU A 25 5.83 1.28 -4.48
N ALA A 26 4.85 1.04 -3.58
CA ALA A 26 3.97 -0.12 -3.66
C ALA A 26 3.19 -0.12 -4.98
N LEU A 27 2.60 1.04 -5.33
CA LEU A 27 1.84 1.22 -6.59
C LEU A 27 2.66 0.77 -7.83
N ARG A 28 3.83 1.40 -7.99
CA ARG A 28 4.73 1.16 -9.14
C ARG A 28 5.30 -0.27 -9.12
N ARG A 29 5.59 -0.82 -7.91
CA ARG A 29 6.14 -2.18 -7.75
C ARG A 29 5.13 -3.21 -8.22
N LEU A 30 3.86 -3.06 -7.79
CA LEU A 30 2.77 -3.96 -8.18
C LEU A 30 2.59 -3.93 -9.71
N THR A 31 2.73 -2.73 -10.31
CA THR A 31 2.72 -2.56 -11.78
C THR A 31 3.81 -3.43 -12.46
N GLN A 32 5.05 -3.39 -11.91
CA GLN A 32 6.22 -4.13 -12.46
C GLN A 32 6.16 -5.62 -12.08
N GLU A 33 5.39 -5.92 -11.02
CA GLU A 33 5.24 -7.27 -10.45
C GLU A 33 4.26 -8.09 -11.32
N GLY A 34 3.31 -7.40 -11.97
CA GLY A 34 2.35 -8.04 -12.90
C GLY A 34 0.90 -7.81 -12.47
N VAL A 35 0.70 -6.90 -11.52
CA VAL A 35 -0.66 -6.50 -11.05
C VAL A 35 -1.08 -5.23 -11.79
N ASP A 36 -2.24 -5.30 -12.49
CA ASP A 36 -2.82 -4.15 -13.19
C ASP A 36 -3.33 -3.11 -12.19
N MET A 37 -3.09 -1.83 -12.50
CA MET A 37 -3.46 -0.69 -11.64
C MET A 37 -4.97 -0.65 -11.36
N GLU A 38 -5.76 -0.86 -12.41
CA GLU A 38 -7.24 -0.80 -12.35
C GLU A 38 -7.81 -1.95 -11.50
N ARG A 39 -7.24 -3.17 -11.69
CA ARG A 39 -7.71 -4.41 -11.02
C ARG A 39 -7.36 -4.34 -9.52
N LEU A 40 -6.16 -3.79 -9.27
CA LEU A 40 -5.67 -3.45 -7.93
C LEU A 40 -6.63 -2.47 -7.25
N ARG A 41 -7.04 -1.41 -7.98
CA ARG A 41 -7.92 -0.34 -7.45
C ARG A 41 -9.32 -0.88 -7.10
N THR A 42 -9.79 -1.86 -7.91
CA THR A 42 -11.06 -2.53 -7.68
C THR A 42 -11.00 -3.37 -6.39
N SER A 43 -10.03 -4.31 -6.33
CA SER A 43 -9.86 -5.27 -5.22
C SER A 43 -9.56 -4.55 -3.89
N LEU A 44 -8.88 -3.39 -3.98
CA LEU A 44 -8.48 -2.59 -2.82
C LEU A 44 -9.71 -1.84 -2.27
N GLY A 45 -10.46 -1.18 -3.19
CA GLY A 45 -11.67 -0.45 -2.83
C GLY A 45 -12.76 -1.35 -2.24
N ARG A 46 -12.77 -2.61 -2.73
CA ARG A 46 -13.65 -3.69 -2.21
C ARG A 46 -13.28 -4.03 -0.75
N TYR A 47 -11.95 -4.14 -0.50
CA TYR A 47 -11.42 -4.44 0.84
C TYR A 47 -11.81 -3.36 1.87
N ILE A 48 -11.80 -2.08 1.43
CA ILE A 48 -12.17 -0.93 2.30
C ILE A 48 -13.62 -1.10 2.83
N MET A 49 -14.50 -1.52 1.93
CA MET A 49 -15.95 -1.61 2.18
C MET A 49 -16.37 -3.05 2.55
N SER A 50 -17.67 -3.22 2.85
CA SER A 50 -18.29 -4.54 3.03
C SER A 50 -18.54 -5.18 1.65
N LEU A 51 -17.50 -5.84 1.11
CA LEU A 51 -17.48 -6.35 -0.28
C LEU A 51 -16.57 -7.61 -0.33
N GLU A 52 -16.47 -8.23 -1.52
CA GLU A 52 -15.52 -9.33 -1.80
C GLU A 52 -14.05 -8.88 -1.53
N PRO A 53 -13.20 -9.71 -0.86
CA PRO A 53 -11.80 -9.33 -0.54
C PRO A 53 -10.88 -9.37 -1.79
N LEU A 54 -9.65 -8.86 -1.60
CA LEU A 54 -8.61 -8.90 -2.64
C LEU A 54 -7.99 -10.33 -2.70
N PRO A 55 -7.57 -10.82 -3.93
CA PRO A 55 -6.99 -12.17 -4.09
C PRO A 55 -5.60 -12.28 -3.41
N PRO A 56 -5.11 -13.54 -3.10
CA PRO A 56 -3.76 -13.78 -2.52
C PRO A 56 -2.60 -13.24 -3.40
N ASP A 57 -2.92 -12.93 -4.68
CA ASP A 57 -2.02 -12.19 -5.59
C ASP A 57 -1.79 -10.76 -5.06
N LEU A 58 -2.90 -10.02 -4.85
CA LEU A 58 -2.87 -8.66 -4.29
C LEU A 58 -2.24 -8.64 -2.88
N ARG A 59 -2.56 -9.70 -2.11
CA ARG A 59 -2.06 -9.86 -0.74
C ARG A 59 -0.53 -9.98 -0.71
N ARG A 60 0.00 -10.96 -1.48
CA ARG A 60 1.45 -11.28 -1.50
C ARG A 60 2.26 -10.07 -2.04
N ALA A 61 1.66 -9.35 -3.02
CA ALA A 61 2.28 -8.18 -3.67
C ALA A 61 2.48 -7.05 -2.65
N LEU A 62 1.38 -6.70 -1.95
CA LEU A 62 1.36 -5.66 -0.91
C LEU A 62 2.32 -5.99 0.25
N GLU A 63 2.21 -7.22 0.76
CA GLU A 63 3.04 -7.72 1.90
C GLU A 63 4.53 -7.81 1.54
N SER A 64 4.82 -8.03 0.26
CA SER A 64 6.19 -8.09 -0.26
C SER A 64 6.82 -6.69 -0.28
N VAL A 65 6.00 -5.65 -0.58
CA VAL A 65 6.44 -4.25 -0.44
C VAL A 65 6.54 -3.86 1.06
N GLY A 66 5.64 -4.42 1.89
CA GLY A 66 5.63 -4.16 3.34
C GLY A 66 4.33 -3.56 3.85
N ILE A 67 3.37 -3.33 2.94
CA ILE A 67 2.03 -2.83 3.29
C ILE A 67 1.10 -4.03 3.48
N ASN A 68 0.71 -4.31 4.73
CA ASN A 68 -0.19 -5.43 5.02
C ASN A 68 -1.63 -5.06 4.61
N PRO A 69 -2.29 -5.84 3.68
CA PRO A 69 -3.72 -5.66 3.39
C PRO A 69 -4.61 -6.04 4.59
N PHE A 70 -4.53 -7.30 5.04
CA PHE A 70 -5.47 -7.86 6.04
C PHE A 70 -5.17 -7.34 7.46
N ILE A 71 -5.85 -6.23 7.77
CA ILE A 71 -5.91 -5.63 9.10
C ILE A 71 -7.23 -6.06 9.78
N PRO A 72 -7.22 -6.44 11.09
CA PRO A 72 -8.43 -6.84 11.82
C PRO A 72 -9.38 -5.65 12.11
N GLU A 73 -10.64 -5.98 12.37
CA GLU A 73 -11.73 -4.98 12.52
C GLU A 73 -11.72 -4.28 13.89
N GLU A 74 -10.70 -4.57 14.71
CA GLU A 74 -10.42 -3.79 15.94
C GLU A 74 -9.90 -2.38 15.59
N LEU A 75 -9.28 -2.25 14.39
CA LEU A 75 -8.94 -0.92 13.80
C LEU A 75 -10.18 -0.32 13.09
N SER A 76 -11.17 -1.20 12.83
CA SER A 76 -12.40 -0.89 12.06
C SER A 76 -12.08 -0.49 10.61
N LEU A 77 -10.89 -0.93 10.14
CA LEU A 77 -10.31 -0.56 8.83
C LEU A 77 -10.17 0.98 8.68
N VAL A 78 -9.83 1.65 9.79
CA VAL A 78 -9.60 3.11 9.82
C VAL A 78 -8.08 3.38 9.95
N ASP A 79 -7.46 2.85 11.02
CA ASP A 79 -6.05 3.12 11.37
C ASP A 79 -5.04 2.42 10.42
N HIS A 80 -5.53 1.50 9.57
CA HIS A 80 -4.70 0.67 8.68
C HIS A 80 -3.90 1.52 7.64
N PRO A 81 -2.67 1.08 7.23
CA PRO A 81 -1.82 1.84 6.25
C PRO A 81 -2.41 1.78 4.82
N VAL A 82 -3.37 0.88 4.65
CA VAL A 82 -3.99 0.54 3.35
C VAL A 82 -4.88 1.70 2.84
N LEU A 83 -5.32 2.60 3.77
CA LEU A 83 -6.09 3.81 3.41
C LEU A 83 -5.26 4.77 2.54
N ASN A 84 -4.07 5.15 3.05
CA ASN A 84 -3.15 6.09 2.38
C ASN A 84 -2.67 5.51 1.03
N PHE A 85 -2.52 4.17 1.02
CA PHE A 85 -2.17 3.42 -0.18
C PHE A 85 -3.28 3.59 -1.23
N SER A 86 -4.53 3.30 -0.82
CA SER A 86 -5.71 3.37 -1.68
C SER A 86 -5.98 4.81 -2.15
N ALA A 87 -5.66 5.79 -1.28
CA ALA A 87 -5.86 7.22 -1.53
C ALA A 87 -5.03 7.65 -2.73
N ALA A 88 -3.72 7.38 -2.62
CA ALA A 88 -2.74 7.68 -3.67
C ALA A 88 -3.05 6.92 -4.96
N LEU A 89 -3.55 5.69 -4.78
CA LEU A 89 -3.94 4.79 -5.89
C LEU A 89 -5.08 5.39 -6.74
N ASN A 90 -6.22 5.70 -6.10
CA ASN A 90 -7.44 6.13 -6.81
C ASN A 90 -7.23 7.53 -7.42
N ARG A 91 -6.52 8.42 -6.70
CA ARG A 91 -6.28 9.82 -7.16
C ARG A 91 -5.27 9.83 -8.32
N MET A 92 -4.32 8.87 -8.30
CA MET A 92 -3.33 8.67 -9.38
C MET A 92 -4.06 8.28 -10.68
N LEU A 93 -4.91 7.24 -10.59
CA LEU A 93 -5.64 6.71 -11.75
C LEU A 93 -6.68 7.71 -12.27
N ALA A 94 -7.33 8.43 -11.34
CA ALA A 94 -8.30 9.50 -11.64
C ALA A 94 -7.63 10.62 -12.45
N SER A 95 -6.39 10.95 -12.05
CA SER A 95 -5.57 11.97 -12.71
C SER A 95 -5.09 11.48 -14.10
N ARG A 96 -4.84 10.15 -14.22
CA ARG A 96 -4.36 9.52 -15.47
C ARG A 96 -5.43 9.56 -16.58
N GLN A 97 -6.60 8.95 -16.30
CA GLN A 97 -7.75 8.98 -17.22
C GLN A 97 -8.52 10.32 -17.04
N THR A 98 -9.54 10.35 -16.14
CA THR A 98 -10.41 11.51 -15.90
C THR A 98 -11.47 11.15 -14.84
N THR A 99 -12.16 12.18 -14.32
CA THR A 99 -13.36 12.02 -13.47
C THR A 99 -14.48 12.91 -14.04
N THR A 100 -15.23 12.34 -15.01
CA THR A 100 -16.33 13.02 -15.72
C THR A 100 -17.67 12.75 -15.01
N ASN A 101 -18.32 13.83 -14.49
CA ASN A 101 -19.63 13.78 -13.80
C ASN A 101 -19.61 12.78 -12.59
N GLN A 1 34.71 9.08 23.61
CA GLN A 1 34.42 9.77 22.34
C GLN A 1 33.01 9.39 21.85
N GLY A 2 32.84 8.11 21.49
CA GLY A 2 31.56 7.58 20.99
C GLY A 2 31.07 6.41 21.80
N LEU A 3 30.05 6.63 22.62
CA LEU A 3 29.37 5.57 23.40
C LEU A 3 28.08 5.15 22.68
N ASP A 4 27.57 3.96 23.03
CA ASP A 4 26.33 3.38 22.47
C ASP A 4 26.43 3.19 20.94
N LEU A 5 27.62 2.80 20.47
CA LEU A 5 27.90 2.59 19.03
C LEU A 5 26.94 1.54 18.40
N GLU A 6 26.71 0.45 19.15
CA GLU A 6 25.81 -0.65 18.75
C GLU A 6 24.33 -0.18 18.67
N SER A 7 23.93 0.74 19.56
CA SER A 7 22.56 1.29 19.62
C SER A 7 22.33 2.31 18.48
N ALA A 8 23.38 3.09 18.19
CA ALA A 8 23.34 4.18 17.19
C ALA A 8 23.30 3.62 15.76
N ARG A 9 24.09 2.54 15.54
CA ARG A 9 24.27 1.94 14.21
C ARG A 9 22.99 1.22 13.73
N LEU A 10 22.24 0.59 14.68
CA LEU A 10 20.98 -0.13 14.34
C LEU A 10 19.85 0.88 14.10
N ALA A 11 19.94 2.02 14.80
CA ALA A 11 19.00 3.15 14.62
C ALA A 11 19.19 3.80 13.24
N SER A 12 20.43 3.74 12.74
CA SER A 12 20.78 4.19 11.39
C SER A 12 20.38 3.12 10.35
N ALA A 13 20.61 1.85 10.70
CA ALA A 13 20.38 0.69 9.82
C ALA A 13 18.88 0.44 9.58
N ALA A 14 18.06 0.79 10.58
CA ALA A 14 16.60 0.66 10.51
C ALA A 14 16.01 1.62 9.47
N ARG A 15 16.48 2.90 9.56
CA ARG A 15 16.06 4.01 8.68
C ARG A 15 14.52 4.09 8.57
N HIS A 16 13.91 4.56 9.69
CA HIS A 16 12.45 4.62 9.86
C HIS A 16 11.75 5.39 8.70
N ASN A 17 11.08 4.64 7.81
CA ASN A 17 10.41 5.22 6.63
C ASN A 17 9.20 4.35 6.23
N HIS A 18 8.01 4.92 6.43
CA HIS A 18 6.73 4.38 5.92
C HIS A 18 5.94 5.54 5.28
N SER A 19 6.71 6.48 4.69
CA SER A 19 6.21 7.74 4.10
C SER A 19 5.47 7.49 2.76
N ALA A 20 5.07 8.59 2.09
CA ALA A 20 4.46 8.54 0.74
C ALA A 20 5.39 7.88 -0.28
N ASN A 21 6.71 7.88 0.02
CA ASN A 21 7.73 7.14 -0.74
C ASN A 21 7.38 5.65 -0.81
N GLN A 22 7.10 5.06 0.36
CA GLN A 22 6.80 3.61 0.51
C GLN A 22 5.45 3.25 -0.19
N THR A 23 4.51 4.21 -0.12
CA THR A 23 3.17 4.09 -0.71
C THR A 23 3.23 4.06 -2.26
N ASN A 24 3.94 5.04 -2.84
CA ASN A 24 4.08 5.19 -4.30
C ASN A 24 5.02 4.11 -4.87
N GLU A 25 5.97 3.68 -4.01
CA GLU A 25 6.81 2.48 -4.23
C GLU A 25 5.92 1.26 -4.43
N ALA A 26 4.91 1.11 -3.54
CA ALA A 26 3.96 -0.01 -3.58
C ALA A 26 3.18 -0.03 -4.89
N LEU A 27 2.60 1.14 -5.27
CA LEU A 27 1.82 1.28 -6.52
C LEU A 27 2.63 0.81 -7.75
N ARG A 28 3.82 1.42 -7.94
CA ARG A 28 4.68 1.14 -9.11
C ARG A 28 5.21 -0.31 -9.08
N ARG A 29 5.51 -0.83 -7.86
CA ARG A 29 6.00 -2.20 -7.69
C ARG A 29 4.98 -3.20 -8.21
N LEU A 30 3.71 -3.04 -7.76
CA LEU A 30 2.62 -3.93 -8.15
C LEU A 30 2.40 -3.90 -9.66
N THR A 31 2.52 -2.69 -10.26
CA THR A 31 2.42 -2.51 -11.72
C THR A 31 3.47 -3.37 -12.47
N GLN A 32 4.71 -3.36 -11.95
CA GLN A 32 5.87 -4.04 -12.59
C GLN A 32 5.95 -5.53 -12.16
N GLU A 33 5.17 -5.86 -11.13
CA GLU A 33 5.02 -7.21 -10.57
C GLU A 33 4.01 -7.99 -11.42
N GLY A 34 3.05 -7.27 -12.03
CA GLY A 34 2.05 -7.87 -12.93
C GLY A 34 0.64 -7.50 -12.54
N VAL A 35 0.48 -6.90 -11.34
CA VAL A 35 -0.83 -6.47 -10.83
C VAL A 35 -1.30 -5.24 -11.61
N ASP A 36 -2.35 -5.43 -12.42
CA ASP A 36 -3.00 -4.35 -13.21
C ASP A 36 -3.53 -3.27 -12.26
N MET A 37 -3.27 -2.00 -12.58
CA MET A 37 -3.61 -0.83 -11.72
C MET A 37 -5.12 -0.75 -11.41
N GLU A 38 -5.94 -1.05 -12.43
CA GLU A 38 -7.41 -0.96 -12.32
C GLU A 38 -7.98 -2.14 -11.52
N ARG A 39 -7.38 -3.35 -11.71
CA ARG A 39 -7.78 -4.58 -11.00
C ARG A 39 -7.40 -4.49 -9.52
N LEU A 40 -6.24 -3.87 -9.29
CA LEU A 40 -5.71 -3.52 -7.98
C LEU A 40 -6.68 -2.57 -7.26
N ARG A 41 -7.08 -1.48 -7.95
CA ARG A 41 -7.98 -0.45 -7.40
C ARG A 41 -9.38 -1.02 -7.13
N THR A 42 -9.82 -1.97 -7.96
CA THR A 42 -11.10 -2.66 -7.79
C THR A 42 -11.04 -3.54 -6.51
N SER A 43 -9.96 -4.34 -6.39
CA SER A 43 -9.75 -5.29 -5.28
C SER A 43 -9.49 -4.55 -3.95
N LEU A 44 -8.88 -3.36 -4.05
CA LEU A 44 -8.53 -2.52 -2.89
C LEU A 44 -9.82 -1.85 -2.38
N GLY A 45 -10.59 -1.29 -3.33
CA GLY A 45 -11.88 -0.67 -3.03
C GLY A 45 -12.87 -1.63 -2.42
N ARG A 46 -12.88 -2.88 -2.93
CA ARG A 46 -13.71 -3.98 -2.41
C ARG A 46 -13.29 -4.34 -0.97
N TYR A 47 -11.96 -4.48 -0.78
CA TYR A 47 -11.36 -4.77 0.53
C TYR A 47 -11.85 -3.76 1.62
N ILE A 48 -11.95 -2.48 1.22
CA ILE A 48 -12.41 -1.40 2.12
C ILE A 48 -13.94 -1.43 2.31
N MET A 49 -14.67 -1.68 1.20
CA MET A 49 -16.14 -1.51 1.16
C MET A 49 -16.88 -2.85 1.40
N SER A 50 -16.93 -3.71 0.35
CA SER A 50 -17.79 -4.92 0.35
C SER A 50 -17.34 -5.89 -0.77
N LEU A 51 -18.22 -6.85 -1.17
CA LEU A 51 -17.93 -7.88 -2.20
C LEU A 51 -16.81 -8.82 -1.67
N GLU A 52 -16.04 -9.41 -2.59
CA GLU A 52 -14.84 -10.19 -2.24
C GLU A 52 -13.71 -9.27 -1.72
N PRO A 53 -13.00 -9.62 -0.60
CA PRO A 53 -11.72 -8.95 -0.22
C PRO A 53 -10.64 -9.20 -1.30
N LEU A 54 -9.57 -8.38 -1.30
CA LEU A 54 -8.48 -8.49 -2.31
C LEU A 54 -7.85 -9.91 -2.32
N PRO A 55 -7.51 -10.48 -3.53
CA PRO A 55 -7.01 -11.87 -3.65
C PRO A 55 -5.61 -12.07 -2.99
N PRO A 56 -5.20 -13.35 -2.70
CA PRO A 56 -3.83 -13.69 -2.21
C PRO A 56 -2.71 -13.14 -3.13
N ASP A 57 -3.04 -12.89 -4.41
CA ASP A 57 -2.16 -12.19 -5.38
C ASP A 57 -1.83 -10.76 -4.87
N LEU A 58 -2.89 -10.01 -4.56
CA LEU A 58 -2.79 -8.65 -4.00
C LEU A 58 -2.20 -8.67 -2.59
N ARG A 59 -2.45 -9.76 -1.85
CA ARG A 59 -1.98 -9.92 -0.47
C ARG A 59 -0.44 -9.97 -0.47
N ARG A 60 0.11 -10.97 -1.19
CA ARG A 60 1.57 -11.22 -1.28
C ARG A 60 2.30 -9.99 -1.86
N ALA A 61 1.65 -9.32 -2.85
CA ALA A 61 2.18 -8.11 -3.51
C ALA A 61 2.44 -6.98 -2.49
N LEU A 62 1.36 -6.61 -1.78
CA LEU A 62 1.39 -5.54 -0.77
C LEU A 62 2.36 -5.87 0.38
N GLU A 63 2.26 -7.10 0.90
CA GLU A 63 3.11 -7.60 2.01
C GLU A 63 4.60 -7.55 1.66
N SER A 64 4.90 -7.87 0.40
CA SER A 64 6.28 -7.86 -0.13
C SER A 64 6.85 -6.45 -0.12
N VAL A 65 5.99 -5.44 -0.40
CA VAL A 65 6.41 -4.02 -0.30
C VAL A 65 6.55 -3.60 1.19
N GLY A 66 5.65 -4.11 2.05
CA GLY A 66 5.67 -3.79 3.49
C GLY A 66 4.31 -3.35 4.02
N ILE A 67 3.30 -3.25 3.14
CA ILE A 67 1.92 -2.90 3.51
C ILE A 67 1.14 -4.19 3.73
N ASN A 68 0.78 -4.50 4.98
CA ASN A 68 -0.09 -5.65 5.24
C ASN A 68 -1.54 -5.27 4.86
N PRO A 69 -2.18 -5.98 3.89
CA PRO A 69 -3.55 -5.67 3.44
C PRO A 69 -4.62 -6.05 4.48
N PHE A 70 -4.66 -7.33 4.87
CA PHE A 70 -5.73 -7.88 5.73
C PHE A 70 -5.59 -7.37 7.16
N ILE A 71 -6.34 -6.30 7.46
CA ILE A 71 -6.34 -5.62 8.76
C ILE A 71 -7.55 -6.10 9.59
N PRO A 72 -7.34 -6.40 10.92
CA PRO A 72 -8.43 -6.86 11.82
C PRO A 72 -9.48 -5.78 12.13
N GLU A 73 -10.62 -6.26 12.66
CA GLU A 73 -11.84 -5.45 12.92
C GLU A 73 -11.60 -4.34 13.98
N GLU A 74 -10.56 -4.52 14.80
CA GLU A 74 -10.14 -3.53 15.82
C GLU A 74 -9.73 -2.19 15.17
N LEU A 75 -8.99 -2.26 14.04
CA LEU A 75 -8.62 -1.05 13.25
C LEU A 75 -9.84 -0.55 12.43
N SER A 76 -10.79 -1.48 12.17
CA SER A 76 -12.09 -1.20 11.50
C SER A 76 -11.93 -0.75 10.04
N LEU A 77 -10.74 -1.05 9.43
CA LEU A 77 -10.35 -0.57 8.08
C LEU A 77 -10.23 0.98 8.04
N VAL A 78 -10.06 1.58 9.23
CA VAL A 78 -9.83 3.03 9.37
C VAL A 78 -8.33 3.25 9.60
N ASP A 79 -7.82 2.64 10.68
CA ASP A 79 -6.42 2.82 11.15
C ASP A 79 -5.41 1.95 10.32
N HIS A 80 -5.85 1.42 9.17
CA HIS A 80 -5.03 0.53 8.32
C HIS A 80 -3.96 1.33 7.54
N PRO A 81 -2.71 0.78 7.35
CA PRO A 81 -1.65 1.42 6.51
C PRO A 81 -2.04 1.48 5.02
N VAL A 82 -3.05 0.67 4.66
CA VAL A 82 -3.59 0.54 3.30
C VAL A 82 -4.45 1.79 2.93
N LEU A 83 -4.70 2.68 3.92
CA LEU A 83 -5.47 3.94 3.73
C LEU A 83 -4.72 4.85 2.74
N ASN A 84 -3.45 5.17 3.09
CA ASN A 84 -2.57 6.04 2.28
C ASN A 84 -2.35 5.44 0.89
N PHE A 85 -2.27 4.10 0.86
CA PHE A 85 -2.09 3.33 -0.38
C PHE A 85 -3.28 3.55 -1.34
N SER A 86 -4.50 3.32 -0.82
CA SER A 86 -5.76 3.53 -1.56
C SER A 86 -5.89 4.98 -2.04
N ALA A 87 -5.49 5.94 -1.17
CA ALA A 87 -5.58 7.39 -1.40
C ALA A 87 -4.76 7.79 -2.64
N ALA A 88 -3.49 7.37 -2.63
CA ALA A 88 -2.54 7.64 -3.72
C ALA A 88 -2.95 6.91 -5.01
N LEU A 89 -3.51 5.70 -4.83
CA LEU A 89 -3.98 4.83 -5.92
C LEU A 89 -5.14 5.48 -6.69
N ASN A 90 -6.16 5.95 -5.96
CA ASN A 90 -7.39 6.49 -6.57
C ASN A 90 -7.12 7.86 -7.22
N ARG A 91 -6.29 8.71 -6.56
CA ARG A 91 -5.93 10.05 -7.10
C ARG A 91 -5.10 9.91 -8.39
N MET A 92 -4.23 8.87 -8.43
CA MET A 92 -3.37 8.57 -9.58
C MET A 92 -4.21 8.18 -10.79
N LEU A 93 -5.13 7.21 -10.57
CA LEU A 93 -6.01 6.69 -11.62
C LEU A 93 -7.12 7.69 -12.00
N ALA A 94 -7.37 8.68 -11.11
CA ALA A 94 -8.30 9.79 -11.39
C ALA A 94 -7.64 10.83 -12.32
N SER A 95 -6.33 11.06 -12.11
CA SER A 95 -5.55 11.99 -12.94
C SER A 95 -5.27 11.36 -14.33
N ARG A 96 -5.20 10.01 -14.37
CA ARG A 96 -5.06 9.25 -15.62
C ARG A 96 -6.40 9.18 -16.37
N GLN A 97 -7.46 8.83 -15.63
CA GLN A 97 -8.84 8.71 -16.15
C GLN A 97 -9.63 9.98 -15.78
N THR A 98 -9.46 11.02 -16.61
CA THR A 98 -10.13 12.32 -16.42
C THR A 98 -11.64 12.20 -16.76
N THR A 99 -12.46 12.03 -15.71
CA THR A 99 -13.92 11.94 -15.82
C THR A 99 -14.56 12.62 -14.60
N THR A 100 -15.55 13.49 -14.85
CA THR A 100 -16.34 14.14 -13.79
C THR A 100 -17.25 13.07 -13.12
N ASN A 101 -17.45 13.20 -11.80
CA ASN A 101 -18.25 12.23 -11.00
C ASN A 101 -19.39 13.01 -10.31
N GLN A 1 29.83 -2.02 31.35
CA GLN A 1 28.74 -2.78 30.71
C GLN A 1 27.99 -1.87 29.72
N GLY A 2 27.52 -2.44 28.60
CA GLY A 2 26.79 -1.70 27.56
C GLY A 2 27.66 -1.29 26.39
N LEU A 3 28.92 -1.76 26.38
CA LEU A 3 29.86 -1.57 25.26
C LEU A 3 29.50 -2.47 24.06
N ASP A 4 28.54 -3.41 24.29
CA ASP A 4 28.09 -4.44 23.33
C ASP A 4 27.83 -3.87 21.92
N LEU A 5 28.83 -4.03 21.05
CA LEU A 5 28.72 -3.72 19.61
C LEU A 5 27.69 -4.66 18.97
N GLU A 6 27.53 -5.87 19.56
CA GLU A 6 26.51 -6.85 19.15
C GLU A 6 25.08 -6.25 19.29
N SER A 7 24.86 -5.50 20.39
CA SER A 7 23.59 -4.79 20.63
C SER A 7 23.47 -3.56 19.71
N ALA A 8 24.61 -2.86 19.53
CA ALA A 8 24.70 -1.61 18.75
C ALA A 8 24.47 -1.84 17.25
N ARG A 9 24.94 -2.99 16.73
CA ARG A 9 24.96 -3.29 15.27
C ARG A 9 23.54 -3.62 14.76
N LEU A 10 22.76 -4.39 15.55
CA LEU A 10 21.40 -4.81 15.14
C LEU A 10 20.44 -3.61 15.22
N ALA A 11 20.69 -2.73 16.20
CA ALA A 11 19.92 -1.50 16.41
C ALA A 11 20.26 -0.46 15.32
N SER A 12 21.53 -0.47 14.89
CA SER A 12 22.01 0.39 13.78
C SER A 12 21.42 -0.07 12.44
N ALA A 13 21.19 -1.39 12.31
CA ALA A 13 20.65 -2.02 11.09
C ALA A 13 19.11 -2.05 11.11
N ALA A 14 18.49 -1.78 12.29
CA ALA A 14 17.03 -1.84 12.48
C ALA A 14 16.32 -0.76 11.62
N ARG A 15 16.42 0.51 12.07
CA ARG A 15 15.85 1.68 11.36
C ARG A 15 14.35 1.49 11.00
N HIS A 16 13.48 1.54 12.02
CA HIS A 16 12.02 1.44 11.82
C HIS A 16 11.47 2.81 11.38
N ASN A 17 11.43 3.01 10.05
CA ASN A 17 10.96 4.28 9.44
C ASN A 17 10.30 4.00 8.08
N HIS A 18 9.45 4.94 7.65
CA HIS A 18 8.71 4.90 6.39
C HIS A 18 8.24 6.32 6.06
N SER A 19 7.62 6.47 4.88
CA SER A 19 7.08 7.76 4.40
C SER A 19 6.02 7.51 3.30
N ALA A 20 5.57 8.60 2.64
CA ALA A 20 4.65 8.52 1.48
C ALA A 20 5.36 7.88 0.26
N ASN A 21 6.72 7.83 0.31
CA ASN A 21 7.54 7.11 -0.68
C ASN A 21 7.11 5.65 -0.78
N GLN A 22 6.91 5.01 0.40
CA GLN A 22 6.57 3.57 0.54
C GLN A 22 5.23 3.25 -0.17
N THR A 23 4.34 4.23 -0.18
CA THR A 23 3.00 4.13 -0.79
C THR A 23 3.09 4.15 -2.35
N ASN A 24 3.78 5.18 -2.89
CA ASN A 24 3.97 5.31 -4.36
C ASN A 24 4.87 4.18 -4.89
N GLU A 25 5.79 3.73 -4.01
CA GLU A 25 6.64 2.55 -4.23
C GLU A 25 5.76 1.31 -4.39
N ALA A 26 4.74 1.18 -3.52
CA ALA A 26 3.79 0.07 -3.57
C ALA A 26 3.07 0.02 -4.92
N LEU A 27 2.52 1.18 -5.33
CA LEU A 27 1.77 1.32 -6.61
C LEU A 27 2.63 0.83 -7.81
N ARG A 28 3.83 1.42 -7.95
CA ARG A 28 4.74 1.14 -9.09
C ARG A 28 5.26 -0.31 -9.04
N ARG A 29 5.62 -0.82 -7.83
CA ARG A 29 6.10 -2.21 -7.64
C ARG A 29 5.07 -3.22 -8.14
N LEU A 30 3.79 -2.98 -7.77
CA LEU A 30 2.69 -3.85 -8.18
C LEU A 30 2.59 -3.87 -9.71
N THR A 31 2.74 -2.68 -10.33
CA THR A 31 2.69 -2.54 -11.80
C THR A 31 3.85 -3.32 -12.49
N GLN A 32 5.01 -3.42 -11.80
CA GLN A 32 6.21 -4.10 -12.37
C GLN A 32 6.09 -5.63 -12.20
N GLU A 33 5.50 -6.08 -11.07
CA GLU A 33 5.45 -7.52 -10.70
C GLU A 33 4.27 -8.25 -11.36
N GLY A 34 3.49 -7.53 -12.19
CA GLY A 34 2.41 -8.13 -12.97
C GLY A 34 1.05 -7.54 -12.64
N VAL A 35 0.91 -7.01 -11.42
CA VAL A 35 -0.40 -6.53 -10.90
C VAL A 35 -0.83 -5.24 -11.63
N ASP A 36 -1.93 -5.30 -12.39
CA ASP A 36 -2.47 -4.15 -13.15
C ASP A 36 -3.07 -3.12 -12.20
N MET A 37 -2.84 -1.83 -12.50
CA MET A 37 -3.24 -0.70 -11.64
C MET A 37 -4.76 -0.67 -11.36
N GLU A 38 -5.56 -0.90 -12.42
CA GLU A 38 -7.04 -0.77 -12.34
C GLU A 38 -7.67 -2.00 -11.68
N ARG A 39 -7.12 -3.19 -11.98
CA ARG A 39 -7.60 -4.46 -11.39
C ARG A 39 -7.30 -4.48 -9.88
N LEU A 40 -6.11 -3.96 -9.57
CA LEU A 40 -5.65 -3.68 -8.20
C LEU A 40 -6.63 -2.71 -7.51
N ARG A 41 -6.97 -1.58 -8.18
CA ARG A 41 -7.83 -0.52 -7.60
C ARG A 41 -9.22 -1.04 -7.25
N THR A 42 -9.77 -1.88 -8.16
CA THR A 42 -11.09 -2.50 -8.01
C THR A 42 -11.08 -3.44 -6.80
N SER A 43 -10.06 -4.32 -6.75
CA SER A 43 -9.92 -5.37 -5.71
C SER A 43 -9.57 -4.77 -4.33
N LEU A 44 -8.88 -3.63 -4.35
CA LEU A 44 -8.39 -2.93 -3.15
C LEU A 44 -9.58 -2.27 -2.44
N GLY A 45 -10.32 -1.45 -3.21
CA GLY A 45 -11.53 -0.78 -2.73
C GLY A 45 -12.65 -1.77 -2.39
N ARG A 46 -12.65 -2.93 -3.07
CA ARG A 46 -13.62 -4.03 -2.84
C ARG A 46 -13.40 -4.63 -1.45
N TYR A 47 -12.10 -4.74 -1.04
CA TYR A 47 -11.71 -5.20 0.31
C TYR A 47 -12.18 -4.20 1.39
N ILE A 48 -11.97 -2.90 1.12
CA ILE A 48 -12.30 -1.81 2.07
C ILE A 48 -13.83 -1.76 2.34
N MET A 49 -14.61 -2.05 1.28
CA MET A 49 -16.08 -2.16 1.38
C MET A 49 -16.49 -3.55 1.92
N SER A 50 -17.80 -3.73 2.17
CA SER A 50 -18.38 -5.00 2.66
C SER A 50 -18.53 -6.04 1.50
N LEU A 51 -17.95 -5.72 0.33
CA LEU A 51 -17.86 -6.63 -0.82
C LEU A 51 -16.79 -7.73 -0.59
N GLU A 52 -16.40 -8.45 -1.66
CA GLU A 52 -15.36 -9.50 -1.61
C GLU A 52 -13.98 -8.92 -1.19
N PRO A 53 -13.17 -9.67 -0.38
CA PRO A 53 -11.77 -9.26 -0.06
C PRO A 53 -10.86 -9.41 -1.29
N LEU A 54 -9.66 -8.83 -1.21
CA LEU A 54 -8.64 -8.97 -2.27
C LEU A 54 -7.99 -10.38 -2.20
N PRO A 55 -7.61 -10.99 -3.38
CA PRO A 55 -7.01 -12.37 -3.41
C PRO A 55 -5.60 -12.40 -2.77
N PRO A 56 -5.06 -13.63 -2.44
CA PRO A 56 -3.66 -13.80 -1.96
C PRO A 56 -2.60 -13.29 -2.97
N ASP A 57 -3.03 -13.05 -4.22
CA ASP A 57 -2.20 -12.39 -5.26
C ASP A 57 -1.95 -10.90 -4.90
N LEU A 58 -3.05 -10.16 -4.66
CA LEU A 58 -2.99 -8.76 -4.21
C LEU A 58 -2.38 -8.65 -2.80
N ARG A 59 -2.60 -9.70 -1.98
CA ARG A 59 -2.08 -9.79 -0.62
C ARG A 59 -0.55 -9.85 -0.65
N ARG A 60 -0.02 -10.84 -1.40
CA ARG A 60 1.44 -11.10 -1.52
C ARG A 60 2.14 -9.87 -2.14
N ALA A 61 1.44 -9.18 -3.06
CA ALA A 61 1.93 -7.97 -3.74
C ALA A 61 2.24 -6.86 -2.72
N LEU A 62 1.19 -6.50 -1.97
CA LEU A 62 1.25 -5.45 -0.94
C LEU A 62 2.28 -5.77 0.14
N GLU A 63 2.25 -7.02 0.63
CA GLU A 63 3.15 -7.53 1.68
C GLU A 63 4.61 -7.54 1.20
N SER A 64 4.82 -7.77 -0.10
CA SER A 64 6.14 -7.76 -0.72
C SER A 64 6.74 -6.34 -0.75
N VAL A 65 5.85 -5.32 -0.80
CA VAL A 65 6.27 -3.91 -0.57
C VAL A 65 6.49 -3.66 0.94
N GLY A 66 5.61 -4.23 1.78
CA GLY A 66 5.63 -4.03 3.24
C GLY A 66 4.28 -3.65 3.83
N ILE A 67 3.27 -3.37 2.95
CA ILE A 67 1.89 -3.05 3.38
C ILE A 67 1.11 -4.35 3.61
N ASN A 68 0.67 -4.60 4.85
CA ASN A 68 -0.23 -5.74 5.11
C ASN A 68 -1.67 -5.32 4.75
N PRO A 69 -2.39 -6.05 3.85
CA PRO A 69 -3.78 -5.70 3.45
C PRO A 69 -4.86 -6.10 4.48
N PHE A 70 -4.80 -7.34 5.01
CA PHE A 70 -5.84 -7.89 5.90
C PHE A 70 -5.71 -7.33 7.33
N ILE A 71 -6.39 -6.18 7.55
CA ILE A 71 -6.48 -5.52 8.85
C ILE A 71 -7.80 -5.95 9.57
N PRO A 72 -7.72 -6.40 10.86
CA PRO A 72 -8.91 -6.80 11.65
C PRO A 72 -9.77 -5.59 12.11
N GLU A 73 -10.97 -5.90 12.64
CA GLU A 73 -11.99 -4.90 13.03
C GLU A 73 -11.60 -4.11 14.30
N GLU A 74 -10.52 -4.50 14.98
CA GLU A 74 -10.00 -3.76 16.15
C GLU A 74 -9.44 -2.38 15.73
N LEU A 75 -8.83 -2.30 14.52
CA LEU A 75 -8.43 -0.99 13.91
C LEU A 75 -9.67 -0.29 13.30
N SER A 76 -10.76 -1.08 13.09
CA SER A 76 -12.06 -0.63 12.53
C SER A 76 -11.92 -0.16 11.07
N LEU A 77 -10.83 -0.60 10.40
CA LEU A 77 -10.45 -0.17 9.02
C LEU A 77 -10.21 1.35 8.95
N VAL A 78 -9.82 1.92 10.11
CA VAL A 78 -9.48 3.35 10.24
C VAL A 78 -7.95 3.50 10.20
N ASP A 79 -7.25 2.82 11.13
CA ASP A 79 -5.79 2.94 11.30
C ASP A 79 -5.01 1.95 10.37
N HIS A 80 -5.67 1.48 9.29
CA HIS A 80 -5.06 0.52 8.34
C HIS A 80 -4.01 1.24 7.44
N PRO A 81 -2.78 0.65 7.22
CA PRO A 81 -1.76 1.22 6.28
C PRO A 81 -2.26 1.28 4.80
N VAL A 82 -3.32 0.51 4.55
CA VAL A 82 -4.02 0.42 3.25
C VAL A 82 -4.80 1.73 2.93
N LEU A 83 -4.95 2.62 3.94
CA LEU A 83 -5.65 3.92 3.82
C LEU A 83 -4.92 4.81 2.79
N ASN A 84 -3.65 5.11 3.12
CA ASN A 84 -2.77 5.99 2.30
C ASN A 84 -2.57 5.38 0.90
N PHE A 85 -2.49 4.03 0.86
CA PHE A 85 -2.31 3.27 -0.38
C PHE A 85 -3.47 3.51 -1.36
N SER A 86 -4.70 3.16 -0.92
CA SER A 86 -5.93 3.33 -1.71
C SER A 86 -6.13 4.79 -2.14
N ALA A 87 -5.80 5.73 -1.23
CA ALA A 87 -5.91 7.18 -1.46
C ALA A 87 -5.05 7.60 -2.67
N ALA A 88 -3.76 7.23 -2.61
CA ALA A 88 -2.77 7.53 -3.66
C ALA A 88 -3.11 6.83 -4.97
N LEU A 89 -3.67 5.62 -4.84
CA LEU A 89 -4.05 4.75 -5.97
C LEU A 89 -5.19 5.36 -6.79
N ASN A 90 -6.30 5.71 -6.10
CA ASN A 90 -7.52 6.20 -6.77
C ASN A 90 -7.29 7.60 -7.36
N ARG A 91 -6.54 8.47 -6.62
CA ARG A 91 -6.25 9.85 -7.06
C ARG A 91 -5.29 9.86 -8.28
N MET A 92 -4.37 8.87 -8.33
CA MET A 92 -3.41 8.71 -9.43
C MET A 92 -4.13 8.31 -10.71
N LEU A 93 -4.99 7.28 -10.61
CA LEU A 93 -5.75 6.75 -11.76
C LEU A 93 -6.87 7.73 -12.18
N ALA A 94 -7.29 8.61 -11.24
CA ALA A 94 -8.23 9.72 -11.53
C ALA A 94 -7.52 10.83 -12.33
N SER A 95 -6.25 11.08 -11.96
CA SER A 95 -5.38 12.06 -12.63
C SER A 95 -5.03 11.60 -14.06
N ARG A 96 -4.97 10.26 -14.25
CA ARG A 96 -4.76 9.64 -15.57
C ARG A 96 -6.05 9.72 -16.41
N GLN A 97 -7.17 9.31 -15.80
CA GLN A 97 -8.44 9.09 -16.50
C GLN A 97 -9.45 10.20 -16.13
N THR A 98 -9.50 11.23 -16.98
CA THR A 98 -10.52 12.29 -16.90
C THR A 98 -11.86 11.72 -17.42
N THR A 99 -11.83 11.24 -18.69
CA THR A 99 -12.97 10.63 -19.40
C THR A 99 -14.27 11.48 -19.37
N THR A 100 -15.12 11.26 -18.34
CA THR A 100 -16.45 11.91 -18.21
C THR A 100 -16.77 12.16 -16.72
N ASN A 101 -17.34 13.34 -16.42
CA ASN A 101 -17.86 13.70 -15.09
C ASN A 101 -18.80 14.91 -15.25
N GLN A 1 32.64 1.32 27.59
CA GLN A 1 32.31 2.72 27.23
C GLN A 1 32.81 3.05 25.82
N GLY A 2 31.94 3.71 25.03
CA GLY A 2 32.29 4.15 23.68
C GLY A 2 31.08 4.62 22.88
N LEU A 3 31.21 5.79 22.22
CA LEU A 3 30.19 6.33 21.31
C LEU A 3 30.48 5.79 19.90
N ASP A 4 29.64 4.85 19.44
CA ASP A 4 29.69 4.29 18.07
C ASP A 4 28.54 4.87 17.23
N LEU A 5 28.07 6.08 17.62
CA LEU A 5 26.96 6.81 16.97
C LEU A 5 27.14 6.95 15.44
N GLU A 6 28.40 7.12 15.02
CA GLU A 6 28.77 7.25 13.59
C GLU A 6 28.53 5.92 12.82
N SER A 7 28.82 4.79 13.49
CA SER A 7 28.59 3.43 12.93
C SER A 7 27.09 3.05 13.00
N ALA A 8 26.38 3.64 13.98
CA ALA A 8 24.98 3.31 14.29
C ALA A 8 23.99 4.10 13.40
N ARG A 9 24.35 5.35 13.09
CA ARG A 9 23.46 6.32 12.39
C ARG A 9 23.11 5.87 10.95
N LEU A 10 24.09 5.22 10.28
CA LEU A 10 23.94 4.76 8.88
C LEU A 10 22.92 3.61 8.79
N ALA A 11 22.88 2.79 9.85
CA ALA A 11 21.98 1.63 9.94
C ALA A 11 20.53 2.09 10.19
N SER A 12 20.38 3.08 11.08
CA SER A 12 19.08 3.69 11.42
C SER A 12 18.50 4.46 10.21
N ALA A 13 19.38 5.15 9.48
CA ALA A 13 19.01 5.97 8.29
C ALA A 13 18.70 5.09 7.07
N ALA A 14 19.26 3.87 7.05
CA ALA A 14 18.96 2.86 6.02
C ALA A 14 17.55 2.27 6.23
N ARG A 15 17.11 2.24 7.51
CA ARG A 15 15.77 1.73 7.91
C ARG A 15 14.77 2.90 8.10
N HIS A 16 15.01 4.00 7.35
CA HIS A 16 14.15 5.21 7.38
C HIS A 16 12.87 5.02 6.52
N ASN A 17 12.71 3.84 5.88
CA ASN A 17 11.54 3.53 5.03
C ASN A 17 10.28 3.33 5.90
N HIS A 18 9.67 4.46 6.27
CA HIS A 18 8.37 4.57 6.97
C HIS A 18 7.80 5.94 6.62
N SER A 19 7.32 6.07 5.37
CA SER A 19 6.90 7.35 4.77
C SER A 19 5.83 7.12 3.69
N ALA A 20 5.28 8.23 3.16
CA ALA A 20 4.33 8.22 2.01
C ALA A 20 5.04 7.77 0.72
N ASN A 21 6.38 7.85 0.72
CA ASN A 21 7.26 7.30 -0.32
C ASN A 21 7.00 5.81 -0.57
N GLN A 22 6.69 5.05 0.52
CA GLN A 22 6.43 3.60 0.45
C GLN A 22 5.12 3.28 -0.30
N THR A 23 4.16 4.23 -0.24
CA THR A 23 2.89 4.13 -0.96
C THR A 23 3.11 4.19 -2.48
N ASN A 24 3.92 5.16 -2.94
CA ASN A 24 4.29 5.32 -4.36
C ASN A 24 5.14 4.14 -4.83
N GLU A 25 6.09 3.74 -3.96
CA GLU A 25 6.91 2.53 -4.11
C GLU A 25 6.02 1.30 -4.34
N ALA A 26 4.96 1.16 -3.52
CA ALA A 26 4.04 0.02 -3.58
C ALA A 26 3.31 -0.01 -4.93
N LEU A 27 2.73 1.14 -5.33
CA LEU A 27 1.98 1.28 -6.61
C LEU A 27 2.81 0.79 -7.81
N ARG A 28 4.05 1.35 -7.95
CA ARG A 28 4.94 1.01 -9.07
C ARG A 28 5.39 -0.47 -8.99
N ARG A 29 5.75 -0.96 -7.77
CA ARG A 29 6.22 -2.36 -7.55
C ARG A 29 5.17 -3.38 -7.96
N LEU A 30 3.90 -3.08 -7.61
CA LEU A 30 2.75 -3.94 -7.94
C LEU A 30 2.57 -4.00 -9.46
N THR A 31 2.71 -2.84 -10.13
CA THR A 31 2.60 -2.76 -11.60
C THR A 31 3.71 -3.58 -12.30
N GLN A 32 4.91 -3.60 -11.68
CA GLN A 32 6.09 -4.27 -12.27
C GLN A 32 6.08 -5.78 -12.00
N GLU A 33 5.49 -6.17 -10.86
CA GLU A 33 5.46 -7.59 -10.43
C GLU A 33 4.37 -8.36 -11.19
N GLY A 34 3.31 -7.65 -11.65
CA GLY A 34 2.25 -8.24 -12.46
C GLY A 34 0.87 -7.66 -12.20
N VAL A 35 0.69 -7.02 -11.02
CA VAL A 35 -0.61 -6.46 -10.60
C VAL A 35 -0.92 -5.16 -11.36
N ASP A 36 -1.91 -5.22 -12.26
CA ASP A 36 -2.34 -4.06 -13.08
C ASP A 36 -3.05 -3.02 -12.20
N MET A 37 -2.76 -1.73 -12.47
CA MET A 37 -3.23 -0.57 -11.67
C MET A 37 -4.75 -0.56 -11.48
N GLU A 38 -5.49 -0.90 -12.55
CA GLU A 38 -6.96 -0.86 -12.56
C GLU A 38 -7.57 -2.01 -11.73
N ARG A 39 -6.95 -3.20 -11.85
CA ARG A 39 -7.39 -4.42 -11.14
C ARG A 39 -7.13 -4.25 -9.64
N LEU A 40 -5.94 -3.72 -9.37
CA LEU A 40 -5.48 -3.30 -8.05
C LEU A 40 -6.48 -2.31 -7.42
N ARG A 41 -6.87 -1.27 -8.19
CA ARG A 41 -7.76 -0.19 -7.71
C ARG A 41 -9.11 -0.75 -7.24
N THR A 42 -9.74 -1.53 -8.13
CA THR A 42 -11.07 -2.10 -7.92
C THR A 42 -11.08 -3.05 -6.70
N SER A 43 -10.12 -3.99 -6.67
CA SER A 43 -10.00 -5.01 -5.61
C SER A 43 -9.67 -4.37 -4.24
N LEU A 44 -8.93 -3.25 -4.27
CA LEU A 44 -8.54 -2.50 -3.06
C LEU A 44 -9.79 -1.84 -2.44
N GLY A 45 -10.59 -1.19 -3.31
CA GLY A 45 -11.85 -0.55 -2.92
C GLY A 45 -12.91 -1.54 -2.47
N ARG A 46 -12.85 -2.77 -3.04
CA ARG A 46 -13.74 -3.89 -2.65
C ARG A 46 -13.46 -4.36 -1.20
N TYR A 47 -12.17 -4.38 -0.82
CA TYR A 47 -11.74 -4.75 0.53
C TYR A 47 -12.23 -3.72 1.58
N ILE A 48 -12.19 -2.43 1.21
CA ILE A 48 -12.61 -1.33 2.09
C ILE A 48 -14.14 -1.31 2.25
N MET A 49 -14.85 -1.54 1.13
CA MET A 49 -16.33 -1.57 1.09
C MET A 49 -16.84 -2.97 1.51
N SER A 50 -18.18 -3.17 1.60
CA SER A 50 -18.79 -4.46 2.00
C SER A 50 -18.80 -5.50 0.84
N LEU A 51 -17.83 -5.39 -0.09
CA LEU A 51 -17.73 -6.23 -1.29
C LEU A 51 -16.74 -7.39 -1.04
N GLU A 52 -16.25 -8.00 -2.13
CA GLU A 52 -15.24 -9.08 -2.10
C GLU A 52 -13.93 -8.60 -1.43
N PRO A 53 -13.21 -9.49 -0.66
CA PRO A 53 -11.84 -9.18 -0.21
C PRO A 53 -10.87 -9.25 -1.41
N LEU A 54 -9.77 -8.48 -1.35
CA LEU A 54 -8.75 -8.45 -2.43
C LEU A 54 -8.11 -9.86 -2.63
N PRO A 55 -7.77 -10.26 -3.91
CA PRO A 55 -7.28 -11.64 -4.22
C PRO A 55 -5.92 -11.96 -3.56
N PRO A 56 -5.48 -13.27 -3.54
CA PRO A 56 -4.14 -13.67 -3.02
C PRO A 56 -3.00 -12.94 -3.74
N ASP A 57 -3.27 -12.52 -4.99
CA ASP A 57 -2.36 -11.69 -5.81
C ASP A 57 -2.02 -10.38 -5.09
N LEU A 58 -3.08 -9.68 -4.63
CA LEU A 58 -2.95 -8.39 -3.95
C LEU A 58 -2.41 -8.55 -2.52
N ARG A 59 -2.69 -9.70 -1.90
CA ARG A 59 -2.21 -10.00 -0.54
C ARG A 59 -0.68 -10.13 -0.52
N ARG A 60 -0.15 -11.03 -1.39
CA ARG A 60 1.30 -11.29 -1.53
C ARG A 60 2.04 -10.04 -2.04
N ALA A 61 1.39 -9.27 -2.95
CA ALA A 61 1.97 -8.07 -3.58
C ALA A 61 2.25 -6.98 -2.53
N LEU A 62 1.19 -6.58 -1.82
CA LEU A 62 1.25 -5.57 -0.76
C LEU A 62 2.25 -5.95 0.33
N GLU A 63 2.15 -7.21 0.81
CA GLU A 63 3.04 -7.74 1.88
C GLU A 63 4.51 -7.84 1.42
N SER A 64 4.73 -8.03 0.12
CA SER A 64 6.09 -8.10 -0.46
C SER A 64 6.72 -6.70 -0.58
N VAL A 65 5.88 -5.64 -0.61
CA VAL A 65 6.37 -4.24 -0.46
C VAL A 65 6.59 -3.91 1.03
N GLY A 66 5.66 -4.36 1.90
CA GLY A 66 5.69 -4.07 3.34
C GLY A 66 4.36 -3.52 3.89
N ILE A 67 3.34 -3.36 3.02
CA ILE A 67 1.99 -2.94 3.41
C ILE A 67 1.14 -4.18 3.70
N ASN A 68 0.61 -4.32 4.91
CA ASN A 68 -0.29 -5.46 5.23
C ASN A 68 -1.72 -5.11 4.77
N PRO A 69 -2.35 -5.93 3.84
CA PRO A 69 -3.74 -5.72 3.39
C PRO A 69 -4.78 -6.04 4.49
N PHE A 70 -4.77 -7.29 5.01
CA PHE A 70 -5.79 -7.81 5.92
C PHE A 70 -5.49 -7.37 7.36
N ILE A 71 -6.10 -6.23 7.72
CA ILE A 71 -6.07 -5.68 9.07
C ILE A 71 -7.28 -6.19 9.89
N PRO A 72 -7.11 -6.45 11.21
CA PRO A 72 -8.23 -6.86 12.11
C PRO A 72 -9.22 -5.71 12.43
N GLU A 73 -10.38 -6.08 13.03
CA GLU A 73 -11.49 -5.15 13.31
C GLU A 73 -11.20 -4.24 14.52
N GLU A 74 -10.08 -4.49 15.22
CA GLU A 74 -9.62 -3.63 16.35
C GLU A 74 -9.15 -2.24 15.84
N LEU A 75 -8.62 -2.19 14.59
CA LEU A 75 -8.32 -0.91 13.89
C LEU A 75 -9.60 -0.33 13.23
N SER A 76 -10.68 -1.14 13.21
CA SER A 76 -12.00 -0.83 12.60
C SER A 76 -11.88 -0.68 11.06
N LEU A 77 -10.77 -1.23 10.48
CA LEU A 77 -10.38 -1.05 9.06
C LEU A 77 -10.16 0.43 8.71
N VAL A 78 -9.86 1.25 9.74
CA VAL A 78 -9.62 2.70 9.58
C VAL A 78 -8.11 3.00 9.65
N ASP A 79 -7.48 2.62 10.78
CA ASP A 79 -6.06 2.93 11.05
C ASP A 79 -5.09 2.17 10.09
N HIS A 80 -5.63 1.23 9.29
CA HIS A 80 -4.84 0.37 8.37
C HIS A 80 -4.01 1.21 7.36
N PRO A 81 -2.74 0.79 7.03
CA PRO A 81 -1.84 1.51 6.06
C PRO A 81 -2.35 1.45 4.60
N VAL A 82 -3.43 0.67 4.41
CA VAL A 82 -4.06 0.42 3.11
C VAL A 82 -4.93 1.64 2.68
N LEU A 83 -5.21 2.58 3.62
CA LEU A 83 -6.02 3.80 3.35
C LEU A 83 -5.23 4.82 2.51
N ASN A 84 -4.01 5.16 2.96
CA ASN A 84 -3.11 6.10 2.25
C ASN A 84 -2.77 5.56 0.86
N PHE A 85 -2.60 4.23 0.82
CA PHE A 85 -2.34 3.47 -0.40
C PHE A 85 -3.51 3.60 -1.39
N SER A 86 -4.74 3.34 -0.89
CA SER A 86 -5.99 3.42 -1.68
C SER A 86 -6.19 4.81 -2.26
N ALA A 87 -5.99 5.83 -1.39
CA ALA A 87 -6.20 7.25 -1.71
C ALA A 87 -5.31 7.66 -2.90
N ALA A 88 -3.99 7.41 -2.74
CA ALA A 88 -2.97 7.73 -3.75
C ALA A 88 -3.20 6.97 -5.07
N LEU A 89 -3.67 5.73 -4.93
CA LEU A 89 -3.96 4.82 -6.05
C LEU A 89 -5.08 5.37 -6.95
N ASN A 90 -6.27 5.57 -6.36
CA ASN A 90 -7.49 5.92 -7.13
C ASN A 90 -7.39 7.36 -7.66
N ARG A 91 -6.69 8.26 -6.91
CA ARG A 91 -6.48 9.66 -7.33
C ARG A 91 -5.45 9.74 -8.48
N MET A 92 -4.45 8.83 -8.48
CA MET A 92 -3.45 8.72 -9.56
C MET A 92 -4.14 8.36 -10.87
N LEU A 93 -4.97 7.30 -10.82
CA LEU A 93 -5.69 6.80 -11.99
C LEU A 93 -6.78 7.79 -12.45
N ALA A 94 -7.37 8.52 -11.48
CA ALA A 94 -8.36 9.59 -11.76
C ALA A 94 -7.69 10.79 -12.44
N SER A 95 -6.40 11.03 -12.09
CA SER A 95 -5.60 12.11 -12.68
C SER A 95 -5.13 11.74 -14.10
N ARG A 96 -4.96 10.43 -14.37
CA ARG A 96 -4.58 9.90 -15.69
C ARG A 96 -5.78 9.99 -16.65
N GLN A 97 -6.93 9.48 -16.18
CA GLN A 97 -8.18 9.40 -16.96
C GLN A 97 -8.90 10.76 -16.93
N THR A 98 -9.30 11.25 -18.11
CA THR A 98 -10.04 12.51 -18.26
C THR A 98 -11.49 12.33 -17.77
N THR A 99 -11.71 12.64 -16.48
CA THR A 99 -13.00 12.49 -15.79
C THR A 99 -14.05 13.49 -16.36
N THR A 100 -14.91 12.97 -17.25
CA THR A 100 -15.90 13.76 -18.02
C THR A 100 -17.30 13.64 -17.39
N ASN A 101 -18.14 14.70 -17.57
CA ASN A 101 -19.56 14.76 -17.16
C ASN A 101 -19.73 14.93 -15.62
N GLN A 1 7.92 -22.56 18.40
CA GLN A 1 9.04 -22.60 19.38
C GLN A 1 10.13 -21.59 19.00
N GLY A 2 10.62 -20.79 19.97
CA GLY A 2 11.67 -19.82 19.72
C GLY A 2 11.73 -18.74 20.79
N LEU A 3 12.85 -18.00 20.82
CA LEU A 3 13.05 -16.83 21.71
C LEU A 3 13.78 -15.73 20.89
N ASP A 4 13.70 -15.85 19.56
CA ASP A 4 14.42 -14.98 18.60
C ASP A 4 13.62 -13.69 18.32
N LEU A 5 12.70 -13.34 19.25
CA LEU A 5 11.87 -12.12 19.17
C LEU A 5 12.74 -10.86 19.11
N GLU A 6 13.93 -10.92 19.73
CA GLU A 6 14.98 -9.89 19.63
C GLU A 6 15.36 -9.65 18.15
N SER A 7 15.85 -10.72 17.50
CA SER A 7 16.33 -10.70 16.10
C SER A 7 15.20 -10.34 15.12
N ALA A 8 13.97 -10.75 15.47
CA ALA A 8 12.77 -10.52 14.67
C ALA A 8 12.36 -9.04 14.69
N ARG A 9 12.28 -8.46 15.90
CA ARG A 9 11.74 -7.12 16.12
C ARG A 9 12.66 -6.03 15.55
N LEU A 10 13.99 -6.22 15.67
CA LEU A 10 14.99 -5.23 15.16
C LEU A 10 15.01 -5.23 13.62
N ALA A 11 14.77 -6.41 13.03
CA ALA A 11 14.76 -6.59 11.57
C ALA A 11 13.50 -5.98 10.96
N SER A 12 12.35 -6.27 11.60
CA SER A 12 11.04 -5.83 11.14
C SER A 12 10.88 -4.30 11.32
N ALA A 13 11.34 -3.79 12.49
CA ALA A 13 11.23 -2.36 12.85
C ALA A 13 12.12 -1.48 11.96
N ALA A 14 13.27 -2.02 11.55
CA ALA A 14 14.20 -1.34 10.61
C ALA A 14 13.49 -1.01 9.28
N ARG A 15 12.54 -1.88 8.89
CA ARG A 15 11.76 -1.70 7.67
C ARG A 15 10.45 -0.91 7.93
N HIS A 16 9.87 -1.07 9.14
CA HIS A 16 8.61 -0.39 9.54
C HIS A 16 8.82 1.14 9.64
N ASN A 17 8.51 1.84 8.55
CA ASN A 17 8.57 3.31 8.46
C ASN A 17 7.31 3.79 7.72
N HIS A 18 6.16 3.80 8.44
CA HIS A 18 4.83 4.07 7.87
C HIS A 18 4.77 5.51 7.29
N SER A 19 4.99 5.60 5.97
CA SER A 19 5.03 6.88 5.25
C SER A 19 4.32 6.73 3.90
N ALA A 20 4.07 7.88 3.23
CA ALA A 20 3.56 7.92 1.85
C ALA A 20 4.61 7.38 0.85
N ASN A 21 5.85 7.21 1.33
CA ASN A 21 6.93 6.54 0.60
C ASN A 21 6.55 5.08 0.34
N GLN A 22 6.14 4.32 1.39
CA GLN A 22 5.76 2.87 1.25
C GLN A 22 4.50 2.71 0.36
N THR A 23 3.71 3.78 0.30
CA THR A 23 2.46 3.86 -0.47
C THR A 23 2.74 3.93 -1.98
N ASN A 24 3.45 5.00 -2.39
CA ASN A 24 3.82 5.26 -3.80
C ASN A 24 4.77 4.17 -4.30
N GLU A 25 5.57 3.66 -3.35
CA GLU A 25 6.42 2.50 -3.54
C GLU A 25 5.57 1.32 -3.98
N ALA A 26 4.56 0.97 -3.16
CA ALA A 26 3.69 -0.19 -3.41
C ALA A 26 2.97 -0.08 -4.76
N LEU A 27 2.56 1.13 -5.14
CA LEU A 27 1.94 1.38 -6.46
C LEU A 27 2.89 0.94 -7.60
N ARG A 28 4.10 1.52 -7.62
CA ARG A 28 5.10 1.24 -8.69
C ARG A 28 5.64 -0.21 -8.60
N ARG A 29 5.74 -0.76 -7.36
CA ARG A 29 6.17 -2.14 -7.10
C ARG A 29 5.26 -3.12 -7.85
N LEU A 30 3.94 -3.01 -7.57
CA LEU A 30 2.94 -3.92 -8.13
C LEU A 30 2.91 -3.78 -9.67
N THR A 31 3.02 -2.53 -10.15
CA THR A 31 3.02 -2.22 -11.60
C THR A 31 4.14 -3.00 -12.33
N GLN A 32 5.37 -2.97 -11.77
CA GLN A 32 6.56 -3.59 -12.40
C GLN A 32 6.59 -5.11 -12.14
N GLU A 33 5.93 -5.56 -11.05
CA GLU A 33 5.94 -6.98 -10.67
C GLU A 33 4.97 -7.78 -11.57
N GLY A 34 3.89 -7.11 -12.05
CA GLY A 34 2.92 -7.73 -12.94
C GLY A 34 1.51 -7.72 -12.38
N VAL A 35 1.13 -6.62 -11.72
CA VAL A 35 -0.26 -6.36 -11.26
C VAL A 35 -0.79 -5.12 -12.01
N ASP A 36 -1.92 -5.28 -12.72
CA ASP A 36 -2.57 -4.19 -13.46
C ASP A 36 -3.23 -3.19 -12.49
N MET A 37 -3.09 -1.89 -12.83
CA MET A 37 -3.53 -0.76 -11.99
C MET A 37 -5.05 -0.79 -11.70
N GLU A 38 -5.84 -1.08 -12.75
CA GLU A 38 -7.33 -1.05 -12.68
C GLU A 38 -7.86 -2.21 -11.81
N ARG A 39 -7.26 -3.41 -11.99
CA ARG A 39 -7.65 -4.62 -11.26
C ARG A 39 -7.32 -4.46 -9.78
N LEU A 40 -6.10 -3.96 -9.53
CA LEU A 40 -5.57 -3.59 -8.20
C LEU A 40 -6.53 -2.62 -7.50
N ARG A 41 -6.95 -1.55 -8.21
CA ARG A 41 -7.78 -0.47 -7.63
C ARG A 41 -9.15 -1.00 -7.18
N THR A 42 -9.77 -1.81 -8.06
CA THR A 42 -11.09 -2.40 -7.81
C THR A 42 -11.03 -3.32 -6.57
N SER A 43 -10.03 -4.22 -6.54
CA SER A 43 -9.85 -5.21 -5.46
C SER A 43 -9.56 -4.53 -4.11
N LEU A 44 -8.85 -3.40 -4.19
CA LEU A 44 -8.40 -2.64 -3.02
C LEU A 44 -9.61 -1.97 -2.33
N GLY A 45 -10.40 -1.23 -3.14
CA GLY A 45 -11.61 -0.53 -2.65
C GLY A 45 -12.74 -1.49 -2.28
N ARG A 46 -12.72 -2.68 -2.90
CA ARG A 46 -13.69 -3.77 -2.62
C ARG A 46 -13.48 -4.31 -1.19
N TYR A 47 -12.20 -4.34 -0.75
CA TYR A 47 -11.83 -4.71 0.62
C TYR A 47 -12.28 -3.63 1.62
N ILE A 48 -12.14 -2.35 1.23
CA ILE A 48 -12.42 -1.20 2.13
C ILE A 48 -13.88 -0.72 1.96
N MET A 49 -14.83 -1.57 2.43
CA MET A 49 -16.27 -1.24 2.46
C MET A 49 -17.03 -2.31 3.30
N SER A 50 -17.44 -3.40 2.64
CA SER A 50 -18.29 -4.45 3.24
C SER A 50 -18.43 -5.63 2.24
N LEU A 51 -17.58 -5.64 1.19
CA LEU A 51 -17.63 -6.61 0.07
C LEU A 51 -16.55 -7.69 0.23
N GLU A 52 -16.39 -8.52 -0.81
CA GLU A 52 -15.40 -9.61 -0.82
C GLU A 52 -13.97 -9.01 -0.82
N PRO A 53 -13.03 -9.54 0.01
CA PRO A 53 -11.62 -9.06 0.05
C PRO A 53 -10.87 -9.24 -1.29
N LEU A 54 -9.69 -8.60 -1.37
CA LEU A 54 -8.80 -8.70 -2.54
C LEU A 54 -8.20 -10.13 -2.69
N PRO A 55 -7.90 -10.59 -3.95
CA PRO A 55 -7.37 -11.96 -4.21
C PRO A 55 -5.96 -12.17 -3.59
N PRO A 56 -5.52 -13.47 -3.41
CA PRO A 56 -4.18 -13.83 -2.85
C PRO A 56 -3.00 -13.17 -3.60
N ASP A 57 -3.21 -12.88 -4.91
CA ASP A 57 -2.20 -12.18 -5.75
C ASP A 57 -1.94 -10.76 -5.21
N LEU A 58 -3.02 -10.00 -5.02
CA LEU A 58 -2.96 -8.63 -4.46
C LEU A 58 -2.42 -8.64 -3.03
N ARG A 59 -2.78 -9.68 -2.25
CA ARG A 59 -2.35 -9.83 -0.86
C ARG A 59 -0.81 -9.98 -0.77
N ARG A 60 -0.28 -11.01 -1.47
CA ARG A 60 1.17 -11.34 -1.46
C ARG A 60 2.00 -10.16 -2.01
N ALA A 61 1.47 -9.47 -3.03
CA ALA A 61 2.12 -8.34 -3.71
C ALA A 61 2.36 -7.19 -2.71
N LEU A 62 1.25 -6.77 -2.06
CA LEU A 62 1.27 -5.71 -1.03
C LEU A 62 2.21 -6.07 0.13
N GLU A 63 2.10 -7.31 0.62
CA GLU A 63 2.91 -7.83 1.76
C GLU A 63 4.41 -7.90 1.41
N SER A 64 4.70 -8.14 0.12
CA SER A 64 6.08 -8.20 -0.39
C SER A 64 6.68 -6.79 -0.47
N VAL A 65 5.82 -5.76 -0.61
CA VAL A 65 6.24 -4.35 -0.45
C VAL A 65 6.42 -4.00 1.04
N GLY A 66 5.54 -4.54 1.90
CA GLY A 66 5.56 -4.27 3.34
C GLY A 66 4.20 -3.80 3.87
N ILE A 67 3.23 -3.57 2.97
CA ILE A 67 1.87 -3.15 3.36
C ILE A 67 0.98 -4.40 3.50
N ASN A 68 0.54 -4.70 4.72
CA ASN A 68 -0.38 -5.83 4.96
C ASN A 68 -1.81 -5.37 4.59
N PRO A 69 -2.54 -6.07 3.66
CA PRO A 69 -3.93 -5.71 3.28
C PRO A 69 -4.99 -6.07 4.36
N PHE A 70 -4.96 -7.33 4.87
CA PHE A 70 -5.99 -7.86 5.79
C PHE A 70 -5.79 -7.31 7.22
N ILE A 71 -6.45 -6.19 7.48
CA ILE A 71 -6.43 -5.47 8.76
C ILE A 71 -7.65 -5.88 9.64
N PRO A 72 -7.41 -6.18 10.96
CA PRO A 72 -8.49 -6.52 11.92
C PRO A 72 -9.32 -5.28 12.37
N GLU A 73 -10.44 -5.60 13.04
CA GLU A 73 -11.44 -4.62 13.53
C GLU A 73 -10.87 -3.60 14.55
N GLU A 74 -9.76 -3.96 15.21
CA GLU A 74 -9.08 -3.08 16.19
C GLU A 74 -8.53 -1.79 15.54
N LEU A 75 -8.24 -1.84 14.22
CA LEU A 75 -7.90 -0.64 13.41
C LEU A 75 -9.18 -0.04 12.78
N SER A 76 -10.24 -0.89 12.63
CA SER A 76 -11.57 -0.52 12.11
C SER A 76 -11.52 -0.07 10.62
N LEU A 77 -10.47 -0.52 9.90
CA LEU A 77 -10.18 -0.13 8.50
C LEU A 77 -9.93 1.40 8.40
N VAL A 78 -9.58 2.02 9.54
CA VAL A 78 -9.25 3.45 9.63
C VAL A 78 -7.73 3.59 9.71
N ASP A 79 -7.14 3.05 10.79
CA ASP A 79 -5.70 3.19 11.12
C ASP A 79 -4.77 2.42 10.14
N HIS A 80 -5.37 1.68 9.19
CA HIS A 80 -4.64 0.74 8.29
C HIS A 80 -3.66 1.45 7.32
N PRO A 81 -2.50 0.81 6.95
CA PRO A 81 -1.54 1.36 5.93
C PRO A 81 -2.16 1.39 4.51
N VAL A 82 -3.23 0.60 4.36
CA VAL A 82 -4.00 0.44 3.11
C VAL A 82 -4.85 1.71 2.83
N LEU A 83 -4.94 2.63 3.84
CA LEU A 83 -5.66 3.92 3.71
C LEU A 83 -4.92 4.80 2.69
N ASN A 84 -3.66 5.12 3.04
CA ASN A 84 -2.79 6.00 2.25
C ASN A 84 -2.58 5.41 0.85
N PHE A 85 -2.48 4.07 0.81
CA PHE A 85 -2.32 3.30 -0.42
C PHE A 85 -3.52 3.53 -1.36
N SER A 86 -4.74 3.28 -0.85
CA SER A 86 -6.01 3.46 -1.58
C SER A 86 -6.18 4.90 -2.07
N ALA A 87 -5.76 5.87 -1.23
CA ALA A 87 -5.87 7.31 -1.49
C ALA A 87 -5.04 7.70 -2.73
N ALA A 88 -3.75 7.35 -2.69
CA ALA A 88 -2.79 7.66 -3.77
C ALA A 88 -3.13 6.88 -5.05
N LEU A 89 -3.64 5.66 -4.87
CA LEU A 89 -4.02 4.76 -5.97
C LEU A 89 -5.21 5.32 -6.77
N ASN A 90 -6.30 5.66 -6.04
CA ASN A 90 -7.56 6.06 -6.66
C ASN A 90 -7.42 7.46 -7.31
N ARG A 91 -6.66 8.37 -6.65
CA ARG A 91 -6.41 9.74 -7.17
C ARG A 91 -5.55 9.67 -8.44
N MET A 92 -4.58 8.73 -8.46
CA MET A 92 -3.67 8.52 -9.60
C MET A 92 -4.44 8.10 -10.85
N LEU A 93 -5.31 7.10 -10.68
CA LEU A 93 -6.07 6.50 -11.80
C LEU A 93 -7.29 7.36 -12.18
N ALA A 94 -7.73 8.24 -11.27
CA ALA A 94 -8.75 9.27 -11.57
C ALA A 94 -8.13 10.43 -12.37
N SER A 95 -6.83 10.71 -12.09
CA SER A 95 -6.07 11.77 -12.77
C SER A 95 -5.63 11.31 -14.17
N ARG A 96 -5.39 9.99 -14.32
CA ARG A 96 -5.01 9.37 -15.61
C ARG A 96 -6.24 9.27 -16.53
N GLN A 97 -7.29 8.59 -16.04
CA GLN A 97 -8.48 8.25 -16.82
C GLN A 97 -9.49 9.42 -16.81
N THR A 98 -10.19 9.57 -15.67
CA THR A 98 -11.30 10.52 -15.49
C THR A 98 -11.80 10.48 -14.03
N THR A 99 -12.40 11.57 -13.55
CA THR A 99 -12.97 11.65 -12.19
C THR A 99 -14.40 11.05 -12.18
N THR A 100 -14.48 9.76 -12.53
CA THR A 100 -15.74 9.00 -12.52
C THR A 100 -15.94 8.37 -11.13
N ASN A 101 -17.00 7.56 -10.97
CA ASN A 101 -17.24 6.78 -9.74
C ASN A 101 -16.44 5.46 -9.82
N GLN A 1 19.42 15.97 32.02
CA GLN A 1 20.69 16.75 32.06
C GLN A 1 21.61 16.38 30.87
N GLY A 2 21.28 15.29 30.15
CA GLY A 2 22.04 14.86 28.98
C GLY A 2 21.98 13.35 28.81
N LEU A 3 21.17 12.88 27.84
CA LEU A 3 20.96 11.44 27.53
C LEU A 3 21.40 11.11 26.10
N ASP A 4 21.18 9.85 25.69
CA ASP A 4 21.50 9.34 24.35
C ASP A 4 20.30 9.50 23.39
N LEU A 5 19.39 10.45 23.72
CA LEU A 5 18.18 10.75 22.91
C LEU A 5 18.54 11.07 21.45
N GLU A 6 19.63 11.84 21.27
CA GLU A 6 20.17 12.23 19.95
C GLU A 6 20.62 11.00 19.15
N SER A 7 21.45 10.16 19.80
CA SER A 7 22.01 8.93 19.21
C SER A 7 20.90 7.94 18.78
N ALA A 8 19.78 7.97 19.52
CA ALA A 8 18.61 7.13 19.28
C ALA A 8 17.80 7.64 18.06
N ARG A 9 17.42 8.93 18.09
CA ARG A 9 16.48 9.52 17.11
C ARG A 9 17.08 9.61 15.69
N LEU A 10 18.40 9.82 15.58
CA LEU A 10 19.07 9.89 14.26
C LEU A 10 19.04 8.52 13.56
N ALA A 11 19.12 7.45 14.36
CA ALA A 11 19.13 6.06 13.88
C ALA A 11 17.71 5.52 13.66
N SER A 12 16.77 5.92 14.54
CA SER A 12 15.39 5.38 14.57
C SER A 12 14.50 6.07 13.52
N ALA A 13 14.50 7.42 13.53
CA ALA A 13 13.75 8.26 12.57
C ALA A 13 14.40 8.25 11.16
N ALA A 14 15.57 7.58 11.04
CA ALA A 14 16.22 7.30 9.74
C ALA A 14 15.29 6.44 8.83
N ARG A 15 14.49 5.57 9.47
CA ARG A 15 13.42 4.80 8.80
C ARG A 15 12.10 5.54 8.95
N HIS A 16 11.69 6.24 7.88
CA HIS A 16 10.36 6.84 7.76
C HIS A 16 9.40 5.78 7.15
N ASN A 17 8.89 4.89 8.04
CA ASN A 17 7.98 3.79 7.64
C ASN A 17 6.62 4.36 7.19
N HIS A 18 6.07 5.25 8.02
CA HIS A 18 4.86 6.01 7.69
C HIS A 18 5.25 7.13 6.71
N SER A 19 5.18 6.83 5.40
CA SER A 19 5.62 7.72 4.34
C SER A 19 4.81 7.48 3.05
N ALA A 20 4.52 8.59 2.34
CA ALA A 20 3.85 8.56 1.02
C ALA A 20 4.79 7.98 -0.06
N ASN A 21 6.10 7.94 0.26
CA ASN A 21 7.13 7.31 -0.59
C ASN A 21 6.91 5.79 -0.67
N GLN A 22 6.60 5.17 0.48
CA GLN A 22 6.37 3.70 0.58
C GLN A 22 5.07 3.31 -0.16
N THR A 23 4.14 4.27 -0.23
CA THR A 23 2.89 4.13 -0.98
C THR A 23 3.16 4.11 -2.50
N ASN A 24 3.85 5.16 -3.01
CA ASN A 24 4.20 5.29 -4.45
C ASN A 24 5.09 4.13 -4.89
N GLU A 25 5.96 3.71 -3.95
CA GLU A 25 6.82 2.52 -4.10
C GLU A 25 5.95 1.28 -4.33
N ALA A 26 4.94 1.08 -3.47
CA ALA A 26 4.04 -0.09 -3.57
C ALA A 26 3.28 -0.10 -4.90
N LEU A 27 2.69 1.05 -5.27
CA LEU A 27 1.92 1.21 -6.53
C LEU A 27 2.75 0.77 -7.76
N ARG A 28 3.96 1.36 -7.89
CA ARG A 28 4.85 1.11 -9.04
C ARG A 28 5.36 -0.36 -9.03
N ARG A 29 5.68 -0.90 -7.83
CA ARG A 29 6.21 -2.27 -7.67
C ARG A 29 5.18 -3.32 -8.12
N LEU A 30 3.90 -3.07 -7.76
CA LEU A 30 2.80 -3.97 -8.15
C LEU A 30 2.62 -3.93 -9.67
N THR A 31 2.71 -2.72 -10.25
CA THR A 31 2.63 -2.53 -11.71
C THR A 31 3.76 -3.30 -12.44
N GLN A 32 4.97 -3.34 -11.84
CA GLN A 32 6.16 -3.97 -12.46
C GLN A 32 6.18 -5.49 -12.23
N GLU A 33 5.53 -5.95 -11.13
CA GLU A 33 5.51 -7.38 -10.78
C GLU A 33 4.44 -8.13 -11.59
N GLY A 34 3.39 -7.40 -12.04
CA GLY A 34 2.36 -7.97 -12.91
C GLY A 34 0.94 -7.66 -12.47
N VAL A 35 0.77 -6.94 -11.35
CA VAL A 35 -0.56 -6.50 -10.88
C VAL A 35 -1.01 -5.25 -11.67
N ASP A 36 -2.22 -5.33 -12.26
CA ASP A 36 -2.79 -4.23 -13.06
C ASP A 36 -3.34 -3.14 -12.12
N MET A 37 -3.00 -1.87 -12.40
CA MET A 37 -3.38 -0.70 -11.58
C MET A 37 -4.90 -0.63 -11.33
N GLU A 38 -5.67 -0.90 -12.39
CA GLU A 38 -7.15 -0.76 -12.40
C GLU A 38 -7.80 -1.86 -11.53
N ARG A 39 -7.28 -3.09 -11.69
CA ARG A 39 -7.83 -4.29 -11.01
C ARG A 39 -7.43 -4.29 -9.53
N LEU A 40 -6.20 -3.83 -9.29
CA LEU A 40 -5.66 -3.51 -7.96
C LEU A 40 -6.59 -2.53 -7.24
N ARG A 41 -6.94 -1.42 -7.93
CA ARG A 41 -7.76 -0.34 -7.35
C ARG A 41 -9.16 -0.83 -6.98
N THR A 42 -9.76 -1.62 -7.88
CA THR A 42 -11.10 -2.17 -7.68
C THR A 42 -11.12 -3.11 -6.45
N SER A 43 -10.14 -4.02 -6.40
CA SER A 43 -10.08 -5.09 -5.39
C SER A 43 -9.61 -4.55 -4.01
N LEU A 44 -8.89 -3.41 -4.05
CA LEU A 44 -8.40 -2.72 -2.84
C LEU A 44 -9.58 -1.96 -2.20
N GLY A 45 -10.31 -1.21 -3.06
CA GLY A 45 -11.50 -0.45 -2.64
C GLY A 45 -12.62 -1.35 -2.14
N ARG A 46 -12.70 -2.56 -2.73
CA ARG A 46 -13.62 -3.64 -2.29
C ARG A 46 -13.38 -3.98 -0.80
N TYR A 47 -12.10 -4.23 -0.47
CA TYR A 47 -11.69 -4.64 0.89
C TYR A 47 -12.11 -3.58 1.94
N ILE A 48 -11.84 -2.30 1.62
CA ILE A 48 -12.06 -1.17 2.54
C ILE A 48 -13.57 -0.86 2.72
N MET A 49 -14.32 -0.99 1.61
CA MET A 49 -15.80 -0.78 1.62
C MET A 49 -16.51 -2.07 2.15
N SER A 50 -15.72 -3.05 2.61
CA SER A 50 -16.18 -4.27 3.31
C SER A 50 -16.86 -5.29 2.36
N LEU A 51 -16.68 -5.10 1.04
CA LEU A 51 -17.11 -6.08 0.01
C LEU A 51 -16.13 -7.27 -0.02
N GLU A 52 -16.22 -8.10 -1.08
CA GLU A 52 -15.34 -9.26 -1.30
C GLU A 52 -13.85 -8.83 -1.23
N PRO A 53 -12.98 -9.55 -0.45
CA PRO A 53 -11.57 -9.14 -0.25
C PRO A 53 -10.72 -9.31 -1.52
N LEU A 54 -9.46 -8.87 -1.44
CA LEU A 54 -8.50 -8.99 -2.53
C LEU A 54 -7.93 -10.43 -2.65
N PRO A 55 -7.52 -10.90 -3.88
CA PRO A 55 -6.94 -12.25 -4.09
C PRO A 55 -5.56 -12.39 -3.39
N PRO A 56 -5.05 -13.66 -3.21
CA PRO A 56 -3.72 -13.91 -2.61
C PRO A 56 -2.57 -13.32 -3.46
N ASP A 57 -2.89 -12.97 -4.73
CA ASP A 57 -1.99 -12.27 -5.66
C ASP A 57 -1.71 -10.84 -5.15
N LEU A 58 -2.80 -10.12 -4.84
CA LEU A 58 -2.75 -8.76 -4.29
C LEU A 58 -2.15 -8.75 -2.87
N ARG A 59 -2.48 -9.81 -2.11
CA ARG A 59 -1.98 -9.98 -0.74
C ARG A 59 -0.45 -10.11 -0.73
N ARG A 60 0.07 -11.08 -1.51
CA ARG A 60 1.53 -11.37 -1.57
C ARG A 60 2.30 -10.16 -2.15
N ALA A 61 1.68 -9.45 -3.12
CA ALA A 61 2.27 -8.27 -3.78
C ALA A 61 2.54 -7.14 -2.76
N LEU A 62 1.46 -6.76 -2.05
CA LEU A 62 1.50 -5.70 -1.02
C LEU A 62 2.49 -6.05 0.11
N GLU A 63 2.40 -7.29 0.61
CA GLU A 63 3.26 -7.81 1.70
C GLU A 63 4.73 -7.92 1.26
N SER A 64 4.96 -8.12 -0.05
CA SER A 64 6.31 -8.19 -0.63
C SER A 64 6.95 -6.79 -0.71
N VAL A 65 6.09 -5.74 -0.77
CA VAL A 65 6.54 -4.35 -0.57
C VAL A 65 6.74 -4.06 0.94
N GLY A 66 5.84 -4.59 1.77
CA GLY A 66 5.86 -4.38 3.23
C GLY A 66 4.51 -3.94 3.80
N ILE A 67 3.56 -3.60 2.92
CA ILE A 67 2.20 -3.18 3.33
C ILE A 67 1.32 -4.43 3.51
N ASN A 68 0.90 -4.73 4.75
CA ASN A 68 -0.03 -5.84 5.00
C ASN A 68 -1.46 -5.38 4.60
N PRO A 69 -2.18 -6.09 3.67
CA PRO A 69 -3.56 -5.73 3.27
C PRO A 69 -4.62 -6.03 4.37
N PHE A 70 -4.48 -7.20 5.03
CA PHE A 70 -5.51 -7.73 5.93
C PHE A 70 -5.38 -7.15 7.35
N ILE A 71 -6.13 -6.05 7.59
CA ILE A 71 -6.23 -5.39 8.90
C ILE A 71 -7.58 -5.76 9.56
N PRO A 72 -7.59 -6.13 10.88
CA PRO A 72 -8.83 -6.47 11.63
C PRO A 72 -9.81 -5.28 11.81
N GLU A 73 -11.06 -5.64 12.14
CA GLU A 73 -12.21 -4.70 12.22
C GLU A 73 -12.23 -3.90 13.56
N GLU A 74 -11.25 -4.17 14.43
CA GLU A 74 -11.01 -3.37 15.65
C GLU A 74 -10.48 -1.97 15.29
N LEU A 75 -9.71 -1.86 14.18
CA LEU A 75 -9.31 -0.55 13.60
C LEU A 75 -10.45 0.02 12.73
N SER A 76 -11.41 -0.87 12.35
CA SER A 76 -12.57 -0.55 11.47
C SER A 76 -12.11 -0.09 10.08
N LEU A 77 -10.89 -0.51 9.69
CA LEU A 77 -10.22 -0.13 8.42
C LEU A 77 -10.03 1.38 8.31
N VAL A 78 -9.81 2.04 9.46
CA VAL A 78 -9.48 3.48 9.53
C VAL A 78 -7.96 3.64 9.71
N ASP A 79 -7.43 3.13 10.83
CA ASP A 79 -6.00 3.31 11.22
C ASP A 79 -5.05 2.33 10.43
N HIS A 80 -5.60 1.61 9.44
CA HIS A 80 -4.82 0.67 8.61
C HIS A 80 -3.74 1.39 7.76
N PRO A 81 -2.50 0.80 7.58
CA PRO A 81 -1.42 1.39 6.73
C PRO A 81 -1.84 1.49 5.23
N VAL A 82 -2.83 0.65 4.87
CA VAL A 82 -3.37 0.54 3.50
C VAL A 82 -4.20 1.80 3.12
N LEU A 83 -4.47 2.68 4.10
CA LEU A 83 -5.20 3.95 3.87
C LEU A 83 -4.42 4.83 2.89
N ASN A 84 -3.13 5.07 3.23
CA ASN A 84 -2.20 5.90 2.43
C ASN A 84 -2.12 5.37 0.99
N PHE A 85 -1.97 4.03 0.93
CA PHE A 85 -1.85 3.27 -0.31
C PHE A 85 -3.07 3.50 -1.23
N SER A 86 -4.25 3.15 -0.71
CA SER A 86 -5.54 3.26 -1.42
C SER A 86 -5.81 4.69 -1.87
N ALA A 87 -5.58 5.67 -0.97
CA ALA A 87 -5.84 7.10 -1.20
C ALA A 87 -5.14 7.56 -2.48
N ALA A 88 -3.80 7.34 -2.50
CA ALA A 88 -2.95 7.69 -3.64
C ALA A 88 -3.34 6.91 -4.89
N LEU A 89 -3.71 5.64 -4.71
CA LEU A 89 -4.07 4.71 -5.79
C LEU A 89 -5.31 5.19 -6.60
N ASN A 90 -6.43 5.41 -5.89
CA ASN A 90 -7.71 5.73 -6.53
C ASN A 90 -7.67 7.16 -7.12
N ARG A 91 -6.97 8.09 -6.42
CA ARG A 91 -6.83 9.48 -6.90
C ARG A 91 -5.85 9.55 -8.10
N MET A 92 -4.89 8.60 -8.15
CA MET A 92 -3.88 8.49 -9.24
C MET A 92 -4.55 8.11 -10.56
N LEU A 93 -5.42 7.08 -10.50
CA LEU A 93 -6.16 6.61 -11.67
C LEU A 93 -7.26 7.60 -12.07
N ALA A 94 -7.86 8.27 -11.07
CA ALA A 94 -8.83 9.37 -11.28
C ALA A 94 -8.14 10.59 -11.93
N SER A 95 -6.84 10.76 -11.64
CA SER A 95 -6.00 11.83 -12.21
C SER A 95 -5.65 11.50 -13.68
N ARG A 96 -5.36 10.20 -13.94
CA ARG A 96 -5.06 9.69 -15.30
C ARG A 96 -6.28 9.89 -16.22
N GLN A 97 -7.46 9.53 -15.68
CA GLN A 97 -8.74 9.69 -16.39
C GLN A 97 -9.20 11.15 -16.30
N THR A 98 -8.84 11.94 -17.32
CA THR A 98 -9.22 13.35 -17.40
C THR A 98 -10.71 13.47 -17.79
N THR A 99 -11.56 13.43 -16.75
CA THR A 99 -13.02 13.46 -16.88
C THR A 99 -13.64 14.08 -15.61
N THR A 100 -14.86 14.61 -15.76
CA THR A 100 -15.63 15.23 -14.67
C THR A 100 -17.04 14.60 -14.62
N ASN A 101 -17.81 14.95 -13.57
CA ASN A 101 -19.19 14.50 -13.33
C ASN A 101 -19.22 12.99 -12.96
N GLN A 1 17.72 -18.34 24.60
CA GLN A 1 18.02 -16.98 25.11
C GLN A 1 18.23 -16.00 23.95
N GLY A 2 17.60 -14.81 24.04
CA GLY A 2 17.71 -13.78 23.02
C GLY A 2 19.01 -13.00 23.14
N LEU A 3 19.94 -13.22 22.21
CA LEU A 3 21.24 -12.51 22.17
C LEU A 3 21.49 -11.98 20.75
N ASP A 4 20.40 -11.88 19.97
CA ASP A 4 20.43 -11.57 18.52
C ASP A 4 20.51 -10.05 18.28
N LEU A 5 21.28 -9.35 19.13
CA LEU A 5 21.38 -7.88 19.16
C LEU A 5 21.82 -7.32 17.80
N GLU A 6 22.86 -7.94 17.22
CA GLU A 6 23.49 -7.47 15.98
C GLU A 6 22.59 -7.67 14.75
N SER A 7 21.94 -8.83 14.69
CA SER A 7 21.04 -9.17 13.58
C SER A 7 19.74 -8.33 13.64
N ALA A 8 19.27 -8.06 14.87
CA ALA A 8 18.01 -7.34 15.12
C ALA A 8 18.16 -5.82 14.94
N ARG A 9 19.33 -5.27 15.31
CA ARG A 9 19.57 -3.80 15.29
C ARG A 9 19.62 -3.25 13.85
N LEU A 10 20.18 -4.05 12.91
CA LEU A 10 20.32 -3.65 11.49
C LEU A 10 19.00 -3.88 10.72
N ALA A 11 18.28 -4.95 11.09
CA ALA A 11 17.00 -5.33 10.46
C ALA A 11 15.88 -4.35 10.86
N SER A 12 15.89 -3.96 12.15
CA SER A 12 14.97 -2.96 12.71
C SER A 12 15.20 -1.59 12.05
N ALA A 13 16.49 -1.20 11.96
CA ALA A 13 16.91 0.10 11.39
C ALA A 13 16.50 0.22 9.90
N ALA A 14 16.60 -0.90 9.17
CA ALA A 14 16.22 -0.96 7.74
C ALA A 14 14.70 -0.79 7.58
N ARG A 15 13.94 -1.61 8.32
CA ARG A 15 12.47 -1.71 8.22
C ARG A 15 11.74 -0.75 9.18
N HIS A 16 12.49 0.25 9.70
CA HIS A 16 11.95 1.30 10.61
C HIS A 16 11.14 2.35 9.83
N ASN A 17 11.31 2.36 8.48
CA ASN A 17 10.62 3.29 7.58
C ASN A 17 9.16 2.86 7.37
N HIS A 18 8.24 3.85 7.40
CA HIS A 18 6.81 3.66 7.13
C HIS A 18 6.21 5.04 6.76
N SER A 19 6.13 5.32 5.46
CA SER A 19 5.74 6.66 4.93
C SER A 19 4.99 6.53 3.59
N ALA A 20 4.60 7.70 3.04
CA ALA A 20 3.88 7.80 1.75
C ALA A 20 4.78 7.42 0.55
N ASN A 21 6.10 7.37 0.79
CA ASN A 21 7.08 6.85 -0.21
C ASN A 21 6.79 5.37 -0.48
N GLN A 22 6.52 4.61 0.61
CA GLN A 22 6.20 3.17 0.54
C GLN A 22 4.88 2.93 -0.19
N THR A 23 3.98 3.92 -0.10
CA THR A 23 2.68 3.91 -0.79
C THR A 23 2.86 3.99 -2.33
N ASN A 24 3.57 5.03 -2.81
CA ASN A 24 3.77 5.27 -4.26
C ASN A 24 4.69 4.20 -4.88
N GLU A 25 5.71 3.80 -4.10
CA GLU A 25 6.65 2.75 -4.50
C GLU A 25 5.92 1.41 -4.58
N ALA A 26 4.93 1.20 -3.69
CA ALA A 26 4.04 0.03 -3.72
C ALA A 26 3.27 -0.02 -5.05
N LEU A 27 2.62 1.12 -5.42
CA LEU A 27 1.85 1.25 -6.68
C LEU A 27 2.66 0.77 -7.91
N ARG A 28 3.85 1.39 -8.10
CA ARG A 28 4.74 1.07 -9.23
C ARG A 28 5.30 -0.38 -9.13
N ARG A 29 5.61 -0.85 -7.89
CA ARG A 29 6.12 -2.22 -7.65
C ARG A 29 5.08 -3.28 -8.06
N LEU A 30 3.80 -3.03 -7.72
CA LEU A 30 2.69 -3.94 -8.05
C LEU A 30 2.55 -4.04 -9.57
N THR A 31 2.69 -2.88 -10.25
CA THR A 31 2.67 -2.82 -11.74
C THR A 31 3.77 -3.74 -12.33
N GLN A 32 4.96 -3.75 -11.68
CA GLN A 32 6.13 -4.56 -12.12
C GLN A 32 5.99 -6.04 -11.69
N GLU A 33 5.21 -6.26 -10.62
CA GLU A 33 5.01 -7.58 -10.00
C GLU A 33 3.95 -8.39 -10.80
N GLY A 34 3.20 -7.68 -11.68
CA GLY A 34 2.23 -8.31 -12.58
C GLY A 34 0.79 -7.85 -12.31
N VAL A 35 0.62 -7.07 -11.24
CA VAL A 35 -0.69 -6.55 -10.81
C VAL A 35 -1.05 -5.31 -11.64
N ASP A 36 -2.20 -5.37 -12.34
CA ASP A 36 -2.74 -4.24 -13.12
C ASP A 36 -3.26 -3.17 -12.18
N MET A 37 -3.14 -1.89 -12.57
CA MET A 37 -3.52 -0.73 -11.74
C MET A 37 -5.04 -0.72 -11.45
N GLU A 38 -5.83 -1.04 -12.48
CA GLU A 38 -7.31 -1.06 -12.41
C GLU A 38 -7.82 -2.24 -11.55
N ARG A 39 -7.16 -3.39 -11.70
CA ARG A 39 -7.49 -4.64 -10.97
C ARG A 39 -7.18 -4.45 -9.48
N LEU A 40 -6.03 -3.81 -9.24
CA LEU A 40 -5.56 -3.39 -7.92
C LEU A 40 -6.57 -2.42 -7.27
N ARG A 41 -7.02 -1.41 -8.02
CA ARG A 41 -7.92 -0.35 -7.50
C ARG A 41 -9.27 -0.95 -7.06
N THR A 42 -9.83 -1.82 -7.91
CA THR A 42 -11.11 -2.50 -7.64
C THR A 42 -11.01 -3.42 -6.41
N SER A 43 -9.96 -4.28 -6.38
CA SER A 43 -9.72 -5.24 -5.28
C SER A 43 -9.50 -4.53 -3.93
N LEU A 44 -8.79 -3.39 -3.99
CA LEU A 44 -8.46 -2.56 -2.82
C LEU A 44 -9.77 -1.91 -2.28
N GLY A 45 -10.56 -1.38 -3.23
CA GLY A 45 -11.85 -0.76 -2.92
C GLY A 45 -12.91 -1.76 -2.45
N ARG A 46 -12.77 -3.03 -2.89
CA ARG A 46 -13.68 -4.12 -2.46
C ARG A 46 -13.40 -4.52 -1.03
N TYR A 47 -12.11 -4.51 -0.63
CA TYR A 47 -11.71 -4.88 0.74
C TYR A 47 -12.25 -3.84 1.74
N ILE A 48 -12.09 -2.55 1.40
CA ILE A 48 -12.45 -1.45 2.31
C ILE A 48 -13.95 -1.10 2.21
N MET A 49 -14.36 -0.64 1.03
CA MET A 49 -15.68 -0.02 0.80
C MET A 49 -16.80 -1.06 0.68
N SER A 50 -16.59 -2.10 -0.16
CA SER A 50 -17.63 -3.12 -0.41
C SER A 50 -17.78 -4.06 0.81
N LEU A 51 -16.93 -5.12 0.84
CA LEU A 51 -16.89 -6.15 1.90
C LEU A 51 -15.94 -7.28 1.47
N GLU A 52 -15.96 -7.57 0.15
CA GLU A 52 -15.24 -8.71 -0.47
C GLU A 52 -13.72 -8.55 -0.31
N PRO A 53 -13.01 -9.53 0.37
CA PRO A 53 -11.55 -9.45 0.57
C PRO A 53 -10.78 -9.55 -0.76
N LEU A 54 -9.74 -8.71 -0.92
CA LEU A 54 -8.88 -8.70 -2.13
C LEU A 54 -8.14 -10.06 -2.28
N PRO A 55 -7.82 -10.51 -3.55
CA PRO A 55 -7.18 -11.82 -3.82
C PRO A 55 -5.80 -11.94 -3.14
N PRO A 56 -5.30 -13.20 -2.91
CA PRO A 56 -3.95 -13.48 -2.35
C PRO A 56 -2.81 -12.97 -3.27
N ASP A 57 -3.16 -12.58 -4.52
CA ASP A 57 -2.27 -11.86 -5.44
C ASP A 57 -1.92 -10.46 -4.91
N LEU A 58 -2.99 -9.69 -4.62
CA LEU A 58 -2.86 -8.34 -4.02
C LEU A 58 -2.22 -8.42 -2.61
N ARG A 59 -2.48 -9.54 -1.93
CA ARG A 59 -1.95 -9.80 -0.59
C ARG A 59 -0.40 -9.99 -0.64
N ARG A 60 0.06 -10.89 -1.54
CA ARG A 60 1.50 -11.21 -1.67
C ARG A 60 2.30 -9.99 -2.14
N ALA A 61 1.67 -9.20 -3.05
CA ALA A 61 2.27 -8.04 -3.70
C ALA A 61 2.54 -6.91 -2.67
N LEU A 62 1.46 -6.54 -1.97
CA LEU A 62 1.50 -5.47 -0.96
C LEU A 62 2.44 -5.82 0.20
N GLU A 63 2.34 -7.05 0.71
CA GLU A 63 3.20 -7.54 1.81
C GLU A 63 4.69 -7.60 1.40
N SER A 64 4.93 -7.86 0.10
CA SER A 64 6.28 -7.89 -0.48
C SER A 64 6.90 -6.47 -0.45
N VAL A 65 6.06 -5.44 -0.62
CA VAL A 65 6.49 -4.03 -0.44
C VAL A 65 6.63 -3.70 1.07
N GLY A 66 5.70 -4.22 1.89
CA GLY A 66 5.69 -3.97 3.35
C GLY A 66 4.35 -3.48 3.89
N ILE A 67 3.34 -3.35 3.00
CA ILE A 67 1.97 -2.92 3.37
C ILE A 67 1.08 -4.17 3.60
N ASN A 68 0.43 -4.27 4.76
CA ASN A 68 -0.40 -5.45 5.10
C ASN A 68 -1.88 -5.19 4.72
N PRO A 69 -2.41 -5.85 3.65
CA PRO A 69 -3.78 -5.57 3.12
C PRO A 69 -4.92 -6.31 3.85
N PHE A 70 -4.57 -7.22 4.78
CA PHE A 70 -5.56 -7.97 5.59
C PHE A 70 -5.63 -7.37 7.01
N ILE A 71 -6.54 -6.40 7.12
CA ILE A 71 -6.81 -5.63 8.35
C ILE A 71 -7.76 -6.42 9.29
N PRO A 72 -7.38 -6.63 10.59
CA PRO A 72 -8.31 -7.16 11.63
C PRO A 72 -9.34 -6.10 12.08
N GLU A 73 -10.40 -6.58 12.76
CA GLU A 73 -11.61 -5.76 13.06
C GLU A 73 -11.33 -4.61 14.05
N GLU A 74 -10.22 -4.70 14.80
CA GLU A 74 -9.82 -3.67 15.79
C GLU A 74 -9.46 -2.32 15.10
N LEU A 75 -8.79 -2.38 13.92
CA LEU A 75 -8.48 -1.18 13.11
C LEU A 75 -9.78 -0.61 12.50
N SER A 76 -10.72 -1.53 12.16
CA SER A 76 -12.04 -1.21 11.58
C SER A 76 -11.92 -0.50 10.21
N LEU A 77 -10.78 -0.75 9.51
CA LEU A 77 -10.43 -0.14 8.19
C LEU A 77 -10.19 1.38 8.33
N VAL A 78 -9.93 1.84 9.57
CA VAL A 78 -9.66 3.25 9.87
C VAL A 78 -8.15 3.45 10.01
N ASP A 79 -7.56 2.89 11.07
CA ASP A 79 -6.14 3.12 11.40
C ASP A 79 -5.25 2.05 10.73
N HIS A 80 -5.21 2.07 9.38
CA HIS A 80 -4.36 1.15 8.58
C HIS A 80 -3.50 1.92 7.54
N PRO A 81 -2.27 1.42 7.17
CA PRO A 81 -1.42 2.04 6.12
C PRO A 81 -2.08 1.99 4.72
N VAL A 82 -2.99 1.02 4.56
CA VAL A 82 -3.72 0.74 3.30
C VAL A 82 -4.74 1.87 2.99
N LEU A 83 -4.99 2.77 3.96
CA LEU A 83 -5.83 3.98 3.77
C LEU A 83 -5.07 4.93 2.81
N ASN A 84 -3.83 5.27 3.20
CA ASN A 84 -2.94 6.15 2.43
C ASN A 84 -2.60 5.53 1.07
N PHE A 85 -2.53 4.19 1.05
CA PHE A 85 -2.29 3.43 -0.17
C PHE A 85 -3.44 3.61 -1.17
N SER A 86 -4.68 3.38 -0.68
CA SER A 86 -5.92 3.53 -1.47
C SER A 86 -6.07 4.98 -1.96
N ALA A 87 -5.60 5.95 -1.13
CA ALA A 87 -5.66 7.39 -1.42
C ALA A 87 -4.85 7.74 -2.67
N ALA A 88 -3.54 7.40 -2.63
CA ALA A 88 -2.60 7.67 -3.73
C ALA A 88 -3.00 6.90 -5.00
N LEU A 89 -3.54 5.70 -4.79
CA LEU A 89 -4.01 4.81 -5.87
C LEU A 89 -5.16 5.44 -6.67
N ASN A 90 -6.24 5.82 -5.95
CA ASN A 90 -7.47 6.32 -6.58
C ASN A 90 -7.20 7.66 -7.28
N ARG A 91 -6.38 8.54 -6.65
CA ARG A 91 -6.07 9.89 -7.19
C ARG A 91 -5.13 9.81 -8.40
N MET A 92 -4.24 8.79 -8.42
CA MET A 92 -3.32 8.53 -9.56
C MET A 92 -4.12 8.15 -10.80
N LEU A 93 -5.05 7.19 -10.64
CA LEU A 93 -5.90 6.70 -11.73
C LEU A 93 -7.00 7.72 -12.10
N ALA A 94 -7.36 8.58 -11.12
CA ALA A 94 -8.30 9.70 -11.34
C ALA A 94 -7.60 10.85 -12.10
N SER A 95 -6.26 10.93 -11.95
CA SER A 95 -5.42 11.92 -12.67
C SER A 95 -5.21 11.47 -14.13
N ARG A 96 -5.25 10.14 -14.35
CA ARG A 96 -5.13 9.52 -15.69
C ARG A 96 -6.41 9.71 -16.53
N GLN A 97 -7.52 10.11 -15.87
CA GLN A 97 -8.81 10.39 -16.51
C GLN A 97 -9.35 11.76 -16.06
N THR A 98 -10.57 12.11 -16.51
CA THR A 98 -11.31 13.29 -16.04
C THR A 98 -12.80 13.15 -16.43
N THR A 99 -13.69 13.32 -15.44
CA THR A 99 -15.14 13.27 -15.65
C THR A 99 -15.62 14.66 -16.14
N THR A 100 -16.41 14.67 -17.23
CA THR A 100 -16.87 15.90 -17.87
C THR A 100 -17.95 16.63 -17.04
N ASN A 101 -17.83 17.96 -16.98
CA ASN A 101 -18.78 18.85 -16.31
C ASN A 101 -19.95 19.18 -17.29
N GLN A 1 25.65 24.53 9.19
CA GLN A 1 26.20 23.91 7.96
C GLN A 1 25.02 23.54 7.03
N GLY A 2 25.07 24.02 5.78
CA GLY A 2 24.04 23.74 4.79
C GLY A 2 24.51 24.07 3.39
N LEU A 3 25.36 23.20 2.82
CA LEU A 3 25.80 23.29 1.41
C LEU A 3 24.64 22.85 0.49
N ASP A 4 24.12 23.80 -0.32
CA ASP A 4 22.82 23.68 -1.02
C ASP A 4 21.70 23.50 0.01
N LEU A 5 21.08 24.62 0.42
CA LEU A 5 20.11 24.66 1.53
C LEU A 5 18.93 23.70 1.34
N GLU A 6 18.35 23.72 0.14
CA GLU A 6 17.17 22.91 -0.21
C GLU A 6 17.54 21.42 -0.26
N SER A 7 18.74 21.12 -0.79
CA SER A 7 19.28 19.75 -0.88
C SER A 7 19.57 19.18 0.52
N ALA A 8 20.04 20.06 1.43
CA ALA A 8 20.37 19.71 2.82
C ALA A 8 19.11 19.36 3.62
N ARG A 9 18.08 20.23 3.47
CA ARG A 9 16.84 20.13 4.25
C ARG A 9 15.96 18.96 3.76
N LEU A 10 15.96 18.70 2.43
CA LEU A 10 15.17 17.59 1.85
C LEU A 10 15.83 16.26 2.20
N ALA A 11 17.15 16.28 2.44
CA ALA A 11 17.93 15.11 2.87
C ALA A 11 17.56 14.72 4.32
N SER A 12 17.34 15.75 5.16
CA SER A 12 16.86 15.56 6.54
C SER A 12 15.38 15.06 6.54
N ALA A 13 14.62 15.48 5.52
CA ALA A 13 13.25 14.99 5.27
C ALA A 13 13.28 13.57 4.65
N ALA A 14 14.35 13.27 3.91
CA ALA A 14 14.53 11.97 3.20
C ALA A 14 14.99 10.86 4.15
N ARG A 15 15.28 11.23 5.42
CA ARG A 15 15.49 10.25 6.49
C ARG A 15 14.15 9.51 6.74
N HIS A 16 14.25 8.17 6.94
CA HIS A 16 13.07 7.24 7.03
C HIS A 16 12.43 7.02 5.64
N ASN A 17 13.03 7.65 4.59
CA ASN A 17 12.57 7.63 3.19
C ASN A 17 11.15 8.21 3.01
N HIS A 18 10.66 8.98 4.03
CA HIS A 18 9.24 9.46 4.13
C HIS A 18 8.27 8.26 4.39
N SER A 19 6.97 8.56 4.58
CA SER A 19 5.93 7.52 4.83
C SER A 19 5.13 7.25 3.54
N ALA A 20 4.55 8.32 2.96
CA ALA A 20 3.74 8.25 1.74
C ALA A 20 4.58 7.93 0.48
N ASN A 21 5.93 7.97 0.62
CA ASN A 21 6.85 7.49 -0.42
C ASN A 21 6.68 5.98 -0.63
N GLN A 22 6.60 5.24 0.50
CA GLN A 22 6.43 3.77 0.50
C GLN A 22 5.06 3.35 -0.09
N THR A 23 4.13 4.31 -0.09
CA THR A 23 2.80 4.16 -0.67
C THR A 23 2.87 4.18 -2.23
N ASN A 24 3.43 5.28 -2.80
CA ASN A 24 3.62 5.43 -4.27
C ASN A 24 4.60 4.37 -4.79
N GLU A 25 5.53 3.99 -3.90
CA GLU A 25 6.45 2.88 -4.08
C GLU A 25 5.66 1.60 -4.32
N ALA A 26 4.70 1.33 -3.41
CA ALA A 26 3.88 0.11 -3.47
C ALA A 26 3.06 0.04 -4.76
N LEU A 27 2.52 1.21 -5.20
CA LEU A 27 1.78 1.32 -6.46
C LEU A 27 2.63 0.82 -7.66
N ARG A 28 3.82 1.42 -7.81
CA ARG A 28 4.74 1.11 -8.93
C ARG A 28 5.32 -0.31 -8.79
N ARG A 29 5.57 -0.76 -7.53
CA ARG A 29 6.01 -2.15 -7.22
C ARG A 29 5.05 -3.18 -7.81
N LEU A 30 3.73 -2.94 -7.58
CA LEU A 30 2.68 -3.86 -8.05
C LEU A 30 2.65 -3.85 -9.59
N THR A 31 2.87 -2.65 -10.19
CA THR A 31 2.96 -2.50 -11.65
C THR A 31 4.14 -3.34 -12.24
N GLN A 32 5.26 -3.39 -11.48
CA GLN A 32 6.49 -4.07 -11.94
C GLN A 32 6.41 -5.59 -11.69
N GLU A 33 5.62 -6.00 -10.67
CA GLU A 33 5.46 -7.42 -10.32
C GLU A 33 4.49 -8.08 -11.30
N GLY A 34 3.52 -7.29 -11.82
CA GLY A 34 2.59 -7.76 -12.86
C GLY A 34 1.14 -7.36 -12.65
N VAL A 35 0.84 -6.76 -11.48
CA VAL A 35 -0.54 -6.38 -11.08
C VAL A 35 -1.06 -5.19 -11.93
N ASP A 36 -2.22 -5.39 -12.56
CA ASP A 36 -2.94 -4.35 -13.33
C ASP A 36 -3.49 -3.28 -12.38
N MET A 37 -3.33 -2.00 -12.74
CA MET A 37 -3.66 -0.84 -11.88
C MET A 37 -5.15 -0.77 -11.50
N GLU A 38 -6.02 -0.97 -12.50
CA GLU A 38 -7.50 -0.87 -12.32
C GLU A 38 -8.04 -2.08 -11.54
N ARG A 39 -7.48 -3.28 -11.84
CA ARG A 39 -7.85 -4.54 -11.15
C ARG A 39 -7.45 -4.48 -9.68
N LEU A 40 -6.24 -3.93 -9.45
CA LEU A 40 -5.71 -3.60 -8.13
C LEU A 40 -6.67 -2.69 -7.37
N ARG A 41 -7.10 -1.58 -8.01
CA ARG A 41 -7.95 -0.57 -7.38
C ARG A 41 -9.35 -1.13 -7.03
N THR A 42 -9.84 -2.06 -7.87
CA THR A 42 -11.14 -2.70 -7.67
C THR A 42 -11.10 -3.69 -6.48
N SER A 43 -9.97 -4.41 -6.36
CA SER A 43 -9.73 -5.40 -5.29
C SER A 43 -9.43 -4.70 -3.94
N LEU A 44 -8.71 -3.59 -4.04
CA LEU A 44 -8.22 -2.82 -2.88
C LEU A 44 -9.39 -2.02 -2.30
N GLY A 45 -10.10 -1.32 -3.20
CA GLY A 45 -11.29 -0.54 -2.87
C GLY A 45 -12.41 -1.42 -2.36
N ARG A 46 -12.44 -2.69 -2.82
CA ARG A 46 -13.42 -3.70 -2.33
C ARG A 46 -13.21 -4.00 -0.83
N TYR A 47 -11.93 -4.05 -0.40
CA TYR A 47 -11.57 -4.37 1.00
C TYR A 47 -12.09 -3.30 1.98
N ILE A 48 -12.20 -2.06 1.49
CA ILE A 48 -12.56 -0.89 2.32
C ILE A 48 -14.07 -0.55 2.18
N MET A 49 -14.58 -0.58 0.94
CA MET A 49 -15.97 -0.20 0.61
C MET A 49 -16.95 -1.35 0.94
N SER A 50 -16.45 -2.58 0.85
CA SER A 50 -17.20 -3.82 1.18
C SER A 50 -16.46 -4.59 2.30
N LEU A 51 -17.11 -5.62 2.86
CA LEU A 51 -16.52 -6.48 3.92
C LEU A 51 -15.79 -7.67 3.26
N GLU A 52 -15.77 -7.71 1.91
CA GLU A 52 -15.06 -8.72 1.13
C GLU A 52 -13.54 -8.41 1.09
N PRO A 53 -12.65 -9.45 1.20
CA PRO A 53 -11.20 -9.27 1.05
C PRO A 53 -10.77 -9.13 -0.43
N LEU A 54 -9.45 -9.03 -0.65
CA LEU A 54 -8.84 -9.00 -1.99
C LEU A 54 -8.21 -10.40 -2.32
N PRO A 55 -7.97 -10.73 -3.64
CA PRO A 55 -7.37 -12.03 -4.05
C PRO A 55 -5.93 -12.23 -3.51
N PRO A 56 -5.42 -13.52 -3.45
CA PRO A 56 -4.04 -13.84 -3.01
C PRO A 56 -2.95 -13.09 -3.82
N ASP A 57 -3.29 -12.73 -5.07
CA ASP A 57 -2.41 -11.94 -5.98
C ASP A 57 -2.03 -10.59 -5.34
N LEU A 58 -3.07 -9.83 -4.95
CA LEU A 58 -2.91 -8.51 -4.31
C LEU A 58 -2.29 -8.63 -2.92
N ARG A 59 -2.55 -9.77 -2.24
CA ARG A 59 -2.07 -10.00 -0.88
C ARG A 59 -0.53 -10.08 -0.88
N ARG A 60 0.02 -11.07 -1.64
CA ARG A 60 1.48 -11.30 -1.77
C ARG A 60 2.21 -10.05 -2.31
N ALA A 61 1.57 -9.35 -3.27
CA ALA A 61 2.13 -8.13 -3.89
C ALA A 61 2.40 -7.02 -2.83
N LEU A 62 1.33 -6.66 -2.11
CA LEU A 62 1.37 -5.64 -1.05
C LEU A 62 2.39 -5.99 0.05
N GLU A 63 2.28 -7.25 0.54
CA GLU A 63 3.13 -7.77 1.62
C GLU A 63 4.62 -7.76 1.24
N SER A 64 4.89 -7.97 -0.06
CA SER A 64 6.26 -7.98 -0.60
C SER A 64 6.87 -6.56 -0.52
N VAL A 65 6.02 -5.52 -0.73
CA VAL A 65 6.48 -4.11 -0.53
C VAL A 65 6.67 -3.81 0.97
N GLY A 66 5.71 -4.31 1.80
CA GLY A 66 5.72 -4.07 3.26
C GLY A 66 4.39 -3.55 3.79
N ILE A 67 3.34 -3.56 2.94
CA ILE A 67 1.95 -3.23 3.35
C ILE A 67 1.15 -4.53 3.51
N ASN A 68 0.70 -4.85 4.73
CA ASN A 68 -0.20 -6.00 4.93
C ASN A 68 -1.64 -5.51 4.64
N PRO A 69 -2.42 -6.22 3.75
CA PRO A 69 -3.84 -5.86 3.47
C PRO A 69 -4.80 -6.20 4.63
N PHE A 70 -4.60 -7.38 5.26
CA PHE A 70 -5.54 -7.93 6.25
C PHE A 70 -5.34 -7.32 7.64
N ILE A 71 -6.08 -6.22 7.89
CA ILE A 71 -6.15 -5.54 9.20
C ILE A 71 -7.48 -5.93 9.88
N PRO A 72 -7.45 -6.27 11.23
CA PRO A 72 -8.68 -6.65 11.99
C PRO A 72 -9.65 -5.47 12.23
N GLU A 73 -10.86 -5.82 12.70
CA GLU A 73 -12.00 -4.88 12.85
C GLU A 73 -11.84 -3.97 14.10
N GLU A 74 -10.83 -4.26 14.93
CA GLU A 74 -10.50 -3.44 16.12
C GLU A 74 -9.89 -2.07 15.74
N LEU A 75 -9.35 -1.96 14.50
CA LEU A 75 -8.96 -0.66 13.91
C LEU A 75 -10.14 -0.04 13.13
N SER A 76 -11.16 -0.88 12.84
CA SER A 76 -12.34 -0.53 12.01
C SER A 76 -11.93 -0.17 10.56
N LEU A 77 -10.72 -0.64 10.16
CA LEU A 77 -10.06 -0.28 8.89
C LEU A 77 -9.89 1.25 8.76
N VAL A 78 -9.52 1.88 9.89
CA VAL A 78 -9.20 3.32 9.93
C VAL A 78 -7.67 3.49 9.96
N ASP A 79 -7.00 3.00 11.02
CA ASP A 79 -5.53 3.16 11.20
C ASP A 79 -4.75 2.03 10.47
N HIS A 80 -5.20 1.67 9.25
CA HIS A 80 -4.58 0.61 8.44
C HIS A 80 -3.65 1.23 7.37
N PRO A 81 -2.47 0.59 7.03
CA PRO A 81 -1.53 1.12 5.99
C PRO A 81 -2.15 1.15 4.57
N VAL A 82 -3.24 0.36 4.43
CA VAL A 82 -4.02 0.22 3.20
C VAL A 82 -4.82 1.51 2.87
N LEU A 83 -4.96 2.41 3.87
CA LEU A 83 -5.68 3.70 3.72
C LEU A 83 -4.91 4.60 2.72
N ASN A 84 -3.68 4.97 3.11
CA ASN A 84 -2.81 5.87 2.31
C ASN A 84 -2.58 5.29 0.92
N PHE A 85 -2.50 3.95 0.86
CA PHE A 85 -2.32 3.20 -0.38
C PHE A 85 -3.50 3.44 -1.34
N SER A 86 -4.74 3.22 -0.84
CA SER A 86 -5.99 3.45 -1.59
C SER A 86 -6.11 4.92 -2.06
N ALA A 87 -5.62 5.85 -1.20
CA ALA A 87 -5.66 7.30 -1.43
C ALA A 87 -4.83 7.70 -2.66
N ALA A 88 -3.54 7.30 -2.64
CA ALA A 88 -2.59 7.59 -3.72
C ALA A 88 -2.95 6.81 -5.00
N LEU A 89 -3.58 5.63 -4.81
CA LEU A 89 -4.02 4.77 -5.91
C LEU A 89 -5.16 5.43 -6.70
N ASN A 90 -6.20 5.89 -5.98
CA ASN A 90 -7.42 6.43 -6.60
C ASN A 90 -7.12 7.78 -7.27
N ARG A 91 -6.24 8.61 -6.64
CA ARG A 91 -5.84 9.92 -7.21
C ARG A 91 -5.02 9.72 -8.51
N MET A 92 -4.13 8.71 -8.49
CA MET A 92 -3.22 8.41 -9.61
C MET A 92 -4.03 8.02 -10.84
N LEU A 93 -5.00 7.11 -10.64
CA LEU A 93 -5.83 6.58 -11.74
C LEU A 93 -6.93 7.58 -12.15
N ALA A 94 -7.34 8.47 -11.22
CA ALA A 94 -8.31 9.56 -11.54
C ALA A 94 -7.63 10.65 -12.38
N SER A 95 -6.31 10.80 -12.18
CA SER A 95 -5.49 11.73 -12.96
C SER A 95 -5.21 11.16 -14.37
N ARG A 96 -4.84 9.86 -14.42
CA ARG A 96 -4.55 9.15 -15.68
C ARG A 96 -5.82 9.00 -16.52
N GLN A 97 -6.79 8.23 -16.01
CA GLN A 97 -8.12 8.12 -16.62
C GLN A 97 -8.99 9.28 -16.11
N THR A 98 -9.13 10.33 -16.96
CA THR A 98 -9.91 11.53 -16.64
C THR A 98 -11.39 11.15 -16.40
N THR A 99 -11.87 11.35 -15.17
CA THR A 99 -13.20 10.93 -14.74
C THR A 99 -14.22 12.07 -14.89
N THR A 100 -13.92 13.23 -14.28
CA THR A 100 -14.78 14.43 -14.37
C THR A 100 -14.65 15.09 -15.75
N ASN A 101 -15.44 14.55 -16.71
CA ASN A 101 -15.49 15.01 -18.10
C ASN A 101 -16.48 16.20 -18.22
N GLN A 1 35.09 -3.68 23.94
CA GLN A 1 35.23 -2.61 24.94
C GLN A 1 34.57 -1.31 24.45
N GLY A 2 35.11 -0.73 23.35
CA GLY A 2 34.69 0.60 22.87
C GLY A 2 33.74 0.58 21.67
N LEU A 3 33.09 -0.57 21.39
CA LEU A 3 32.19 -0.72 20.21
C LEU A 3 30.80 -1.26 20.63
N ASP A 4 29.76 -0.41 20.47
CA ASP A 4 28.34 -0.77 20.74
C ASP A 4 27.63 -1.12 19.43
N LEU A 5 28.25 -2.04 18.67
CA LEU A 5 27.78 -2.48 17.33
C LEU A 5 26.45 -3.25 17.42
N GLU A 6 26.33 -4.08 18.46
CA GLU A 6 25.14 -4.93 18.68
C GLU A 6 23.93 -4.09 19.12
N SER A 7 24.20 -3.03 19.89
CA SER A 7 23.17 -2.07 20.34
C SER A 7 22.71 -1.20 19.16
N ALA A 8 23.68 -0.85 18.28
CA ALA A 8 23.44 0.00 17.11
C ALA A 8 22.58 -0.72 16.06
N ARG A 9 22.87 -2.02 15.85
CA ARG A 9 22.20 -2.82 14.79
C ARG A 9 20.74 -3.13 15.15
N LEU A 10 20.43 -3.34 16.45
CA LEU A 10 19.06 -3.66 16.90
C LEU A 10 18.20 -2.38 16.91
N ALA A 11 18.85 -1.24 17.23
CA ALA A 11 18.22 0.08 17.23
C ALA A 11 17.91 0.54 15.79
N SER A 12 18.82 0.16 14.87
CA SER A 12 18.66 0.43 13.43
C SER A 12 17.65 -0.57 12.83
N ALA A 13 17.56 -1.78 13.44
CA ALA A 13 16.61 -2.85 13.02
C ALA A 13 15.15 -2.51 13.35
N ALA A 14 14.95 -1.39 14.07
CA ALA A 14 13.62 -0.77 14.24
C ALA A 14 13.15 -0.22 12.87
N ARG A 15 14.09 0.47 12.17
CA ARG A 15 13.91 1.06 10.82
C ARG A 15 12.74 2.07 10.82
N HIS A 16 13.03 3.32 11.21
CA HIS A 16 12.00 4.38 11.31
C HIS A 16 11.67 4.93 9.91
N ASN A 17 10.74 4.24 9.23
CA ASN A 17 10.28 4.60 7.87
C ASN A 17 8.75 4.41 7.78
N HIS A 18 8.02 5.53 7.63
CA HIS A 18 6.57 5.55 7.31
C HIS A 18 6.30 6.70 6.32
N SER A 19 6.99 6.64 5.17
CA SER A 19 6.96 7.71 4.15
C SER A 19 5.86 7.43 3.11
N ALA A 20 5.39 8.53 2.46
CA ALA A 20 4.50 8.47 1.28
C ALA A 20 5.27 7.96 0.04
N ASN A 21 6.61 7.97 0.15
CA ASN A 21 7.51 7.34 -0.83
C ASN A 21 7.20 5.84 -0.93
N GLN A 22 6.94 5.20 0.25
CA GLN A 22 6.64 3.75 0.35
C GLN A 22 5.24 3.42 -0.20
N THR A 23 4.33 4.40 -0.13
CA THR A 23 2.96 4.29 -0.68
C THR A 23 3.00 4.26 -2.23
N ASN A 24 3.69 5.26 -2.81
CA ASN A 24 3.89 5.38 -4.26
C ASN A 24 4.76 4.22 -4.77
N GLU A 25 5.72 3.81 -3.92
CA GLU A 25 6.56 2.62 -4.13
C GLU A 25 5.70 1.37 -4.24
N ALA A 26 4.70 1.25 -3.35
CA ALA A 26 3.78 0.11 -3.34
C ALA A 26 3.03 0.02 -4.66
N LEU A 27 2.43 1.14 -5.09
CA LEU A 27 1.70 1.26 -6.36
C LEU A 27 2.53 0.75 -7.57
N ARG A 28 3.73 1.36 -7.75
CA ARG A 28 4.61 1.08 -8.89
C ARG A 28 5.24 -0.33 -8.81
N ARG A 29 5.51 -0.80 -7.56
CA ARG A 29 6.06 -2.17 -7.34
C ARG A 29 5.05 -3.21 -7.79
N LEU A 30 3.75 -2.98 -7.49
CA LEU A 30 2.67 -3.90 -7.91
C LEU A 30 2.58 -3.92 -9.44
N THR A 31 2.74 -2.72 -10.07
CA THR A 31 2.77 -2.58 -11.54
C THR A 31 3.84 -3.51 -12.17
N GLN A 32 5.07 -3.48 -11.60
CA GLN A 32 6.23 -4.23 -12.14
C GLN A 32 6.20 -5.70 -11.68
N GLU A 33 5.47 -5.99 -10.59
CA GLU A 33 5.34 -7.35 -10.01
C GLU A 33 4.39 -8.18 -10.90
N GLY A 34 3.44 -7.49 -11.58
CA GLY A 34 2.54 -8.12 -12.55
C GLY A 34 1.08 -7.93 -12.21
N VAL A 35 0.75 -6.86 -11.48
CA VAL A 35 -0.62 -6.51 -11.08
C VAL A 35 -1.10 -5.31 -11.91
N ASP A 36 -2.26 -5.46 -12.59
CA ASP A 36 -2.92 -4.35 -13.30
C ASP A 36 -3.52 -3.38 -12.29
N MET A 37 -3.27 -2.10 -12.53
CA MET A 37 -3.56 -1.00 -11.58
C MET A 37 -5.06 -0.76 -11.41
N GLU A 38 -5.80 -0.91 -12.51
CA GLU A 38 -7.27 -0.74 -12.55
C GLU A 38 -7.97 -1.89 -11.79
N ARG A 39 -7.42 -3.11 -11.96
CA ARG A 39 -7.92 -4.34 -11.31
C ARG A 39 -7.62 -4.29 -9.80
N LEU A 40 -6.41 -3.80 -9.51
CA LEU A 40 -5.91 -3.52 -8.16
C LEU A 40 -6.83 -2.49 -7.46
N ARG A 41 -7.14 -1.38 -8.15
CA ARG A 41 -7.95 -0.28 -7.61
C ARG A 41 -9.40 -0.71 -7.35
N THR A 42 -9.91 -1.61 -8.22
CA THR A 42 -11.23 -2.22 -8.05
C THR A 42 -11.25 -3.10 -6.79
N SER A 43 -10.29 -4.04 -6.70
CA SER A 43 -10.24 -5.06 -5.62
C SER A 43 -9.85 -4.43 -4.26
N LEU A 44 -9.16 -3.27 -4.32
CA LEU A 44 -8.77 -2.50 -3.13
C LEU A 44 -9.98 -1.68 -2.67
N GLY A 45 -10.72 -1.11 -3.66
CA GLY A 45 -11.97 -0.39 -3.41
C GLY A 45 -13.06 -1.29 -2.83
N ARG A 46 -13.02 -2.58 -3.21
CA ARG A 46 -13.89 -3.63 -2.65
C ARG A 46 -13.57 -3.84 -1.15
N TYR A 47 -12.27 -3.83 -0.82
CA TYR A 47 -11.78 -3.99 0.57
C TYR A 47 -12.15 -2.76 1.45
N ILE A 48 -12.07 -1.55 0.89
CA ILE A 48 -12.33 -0.30 1.64
C ILE A 48 -13.84 -0.10 1.87
N MET A 49 -14.63 -0.25 0.80
CA MET A 49 -16.08 0.05 0.81
C MET A 49 -16.89 -1.15 1.34
N SER A 50 -16.65 -2.34 0.77
CA SER A 50 -17.49 -3.54 1.01
C SER A 50 -16.77 -4.60 1.91
N LEU A 51 -15.47 -4.35 2.22
CA LEU A 51 -14.61 -5.26 3.00
C LEU A 51 -14.42 -6.64 2.28
N GLU A 52 -14.71 -6.68 0.97
CA GLU A 52 -14.57 -7.90 0.15
C GLU A 52 -13.09 -8.29 -0.01
N PRO A 53 -12.75 -9.62 0.17
CA PRO A 53 -11.36 -10.10 0.10
C PRO A 53 -10.76 -10.02 -1.32
N LEU A 54 -9.45 -9.80 -1.36
CA LEU A 54 -8.65 -9.71 -2.60
C LEU A 54 -7.86 -11.03 -2.80
N PRO A 55 -7.40 -11.36 -4.05
CA PRO A 55 -6.66 -12.62 -4.32
C PRO A 55 -5.27 -12.63 -3.62
N PRO A 56 -4.67 -13.85 -3.35
CA PRO A 56 -3.33 -13.99 -2.72
C PRO A 56 -2.20 -13.33 -3.54
N ASP A 57 -2.47 -13.03 -4.82
CA ASP A 57 -1.57 -12.22 -5.68
C ASP A 57 -1.46 -10.77 -5.15
N LEU A 58 -2.62 -10.15 -4.91
CA LEU A 58 -2.70 -8.79 -4.33
C LEU A 58 -2.09 -8.76 -2.92
N ARG A 59 -2.33 -9.86 -2.16
CA ARG A 59 -1.84 -9.99 -0.78
C ARG A 59 -0.29 -10.03 -0.76
N ARG A 60 0.30 -10.97 -1.53
CA ARG A 60 1.76 -11.19 -1.58
C ARG A 60 2.49 -9.93 -2.08
N ALA A 61 1.87 -9.22 -3.06
CA ALA A 61 2.43 -8.02 -3.69
C ALA A 61 2.56 -6.86 -2.68
N LEU A 62 1.42 -6.58 -2.03
CA LEU A 62 1.35 -5.57 -0.96
C LEU A 62 2.33 -5.87 0.18
N GLU A 63 2.31 -7.13 0.64
CA GLU A 63 3.20 -7.62 1.73
C GLU A 63 4.68 -7.54 1.35
N SER A 64 4.95 -7.73 0.05
CA SER A 64 6.31 -7.67 -0.52
C SER A 64 6.88 -6.26 -0.38
N VAL A 65 6.00 -5.25 -0.51
CA VAL A 65 6.36 -3.85 -0.22
C VAL A 65 6.43 -3.60 1.32
N GLY A 66 5.51 -4.24 2.06
CA GLY A 66 5.45 -4.12 3.53
C GLY A 66 4.05 -3.78 4.04
N ILE A 67 3.11 -3.49 3.13
CA ILE A 67 1.71 -3.19 3.48
C ILE A 67 0.91 -4.49 3.56
N ASN A 68 0.38 -4.85 4.73
CA ASN A 68 -0.51 -6.02 4.84
C ASN A 68 -1.93 -5.57 4.45
N PRO A 69 -2.64 -6.26 3.50
CA PRO A 69 -4.02 -5.92 3.12
C PRO A 69 -5.08 -6.29 4.19
N PHE A 70 -5.05 -7.54 4.67
CA PHE A 70 -6.07 -8.09 5.59
C PHE A 70 -5.90 -7.50 7.01
N ILE A 71 -6.68 -6.44 7.30
CA ILE A 71 -6.69 -5.78 8.62
C ILE A 71 -8.00 -6.15 9.37
N PRO A 72 -7.91 -6.55 10.68
CA PRO A 72 -9.10 -6.81 11.53
C PRO A 72 -9.79 -5.51 11.99
N GLU A 73 -11.02 -5.68 12.51
CA GLU A 73 -11.92 -4.56 12.86
C GLU A 73 -11.50 -3.83 14.16
N GLU A 74 -10.41 -4.31 14.81
CA GLU A 74 -9.80 -3.63 15.98
C GLU A 74 -9.12 -2.29 15.55
N LEU A 75 -8.60 -2.26 14.30
CA LEU A 75 -8.12 -1.02 13.64
C LEU A 75 -9.30 -0.22 13.04
N SER A 76 -10.44 -0.92 12.86
CA SER A 76 -11.72 -0.36 12.37
C SER A 76 -11.62 0.10 10.89
N LEU A 77 -10.56 -0.36 10.19
CA LEU A 77 -10.21 0.07 8.81
C LEU A 77 -9.90 1.58 8.76
N VAL A 78 -9.54 2.15 9.92
CA VAL A 78 -9.17 3.56 10.06
C VAL A 78 -7.64 3.64 10.07
N ASP A 79 -7.01 3.25 11.18
CA ASP A 79 -5.54 3.33 11.33
C ASP A 79 -4.92 2.06 10.74
N HIS A 80 -4.97 1.93 9.40
CA HIS A 80 -4.38 0.79 8.67
C HIS A 80 -3.50 1.31 7.52
N PRO A 81 -2.39 0.60 7.13
CA PRO A 81 -1.44 1.08 6.09
C PRO A 81 -2.05 1.09 4.66
N VAL A 82 -3.18 0.39 4.52
CA VAL A 82 -3.88 0.23 3.25
C VAL A 82 -4.74 1.48 2.92
N LEU A 83 -4.88 2.39 3.92
CA LEU A 83 -5.62 3.66 3.75
C LEU A 83 -4.86 4.54 2.76
N ASN A 84 -3.61 4.89 3.15
CA ASN A 84 -2.74 5.78 2.39
C ASN A 84 -2.50 5.24 0.97
N PHE A 85 -2.36 3.90 0.91
CA PHE A 85 -2.21 3.16 -0.34
C PHE A 85 -3.41 3.40 -1.27
N SER A 86 -4.62 3.11 -0.76
CA SER A 86 -5.90 3.24 -1.50
C SER A 86 -6.10 4.68 -1.99
N ALA A 87 -5.85 5.65 -1.09
CA ALA A 87 -6.03 7.08 -1.33
C ALA A 87 -5.21 7.55 -2.55
N ALA A 88 -3.89 7.24 -2.49
CA ALA A 88 -2.94 7.59 -3.55
C ALA A 88 -3.26 6.84 -4.85
N LEU A 89 -3.75 5.60 -4.71
CA LEU A 89 -4.10 4.70 -5.82
C LEU A 89 -5.25 5.27 -6.69
N ASN A 90 -6.39 5.57 -6.03
CA ASN A 90 -7.61 6.00 -6.75
C ASN A 90 -7.42 7.41 -7.31
N ARG A 91 -6.73 8.30 -6.56
CA ARG A 91 -6.47 9.68 -7.00
C ARG A 91 -5.49 9.68 -8.21
N MET A 92 -4.53 8.71 -8.21
CA MET A 92 -3.51 8.57 -9.26
C MET A 92 -4.17 8.20 -10.60
N LEU A 93 -4.99 7.14 -10.57
CA LEU A 93 -5.64 6.61 -11.77
C LEU A 93 -6.71 7.56 -12.31
N ALA A 94 -7.35 8.32 -11.40
CA ALA A 94 -8.28 9.40 -11.78
C ALA A 94 -7.52 10.52 -12.51
N SER A 95 -6.32 10.84 -11.97
CA SER A 95 -5.44 11.90 -12.50
C SER A 95 -4.80 11.48 -13.86
N ARG A 96 -4.76 10.16 -14.12
CA ARG A 96 -4.27 9.61 -15.40
C ARG A 96 -5.36 9.68 -16.48
N GLN A 97 -6.52 9.03 -16.21
CA GLN A 97 -7.67 9.02 -17.14
C GLN A 97 -8.92 8.40 -16.45
N THR A 98 -8.72 7.18 -15.88
CA THR A 98 -9.81 6.37 -15.31
C THR A 98 -10.43 7.06 -14.08
N THR A 99 -11.41 7.93 -14.35
CA THR A 99 -12.07 8.77 -13.35
C THR A 99 -12.96 7.91 -12.42
N THR A 100 -13.08 8.38 -11.17
CA THR A 100 -13.86 7.70 -10.13
C THR A 100 -14.38 8.76 -9.14
N ASN A 101 -15.38 8.38 -8.35
CA ASN A 101 -15.93 9.24 -7.26
C ASN A 101 -15.25 8.83 -5.93
N GLN A 1 40.09 9.01 18.73
CA GLN A 1 38.64 9.18 18.94
C GLN A 1 38.01 9.78 17.68
N GLY A 2 37.17 8.98 17.00
CA GLY A 2 36.53 9.37 15.75
C GLY A 2 35.98 8.15 15.01
N LEU A 3 34.76 7.71 15.38
CA LEU A 3 34.05 6.59 14.72
C LEU A 3 33.57 7.00 13.30
N ASP A 4 32.94 6.04 12.58
CA ASP A 4 32.38 6.26 11.22
C ASP A 4 31.05 7.04 11.26
N LEU A 5 30.73 7.66 12.42
CA LEU A 5 29.46 8.41 12.66
C LEU A 5 29.16 9.47 11.57
N GLU A 6 30.22 10.12 11.07
CA GLU A 6 30.12 11.16 10.03
C GLU A 6 29.82 10.54 8.64
N SER A 7 30.47 9.41 8.37
CA SER A 7 30.30 8.64 7.12
C SER A 7 28.98 7.84 7.13
N ALA A 8 28.44 7.60 8.34
CA ALA A 8 27.24 6.80 8.57
C ALA A 8 25.98 7.66 8.53
N ARG A 9 26.06 8.86 9.14
CA ARG A 9 24.90 9.77 9.33
C ARG A 9 24.32 10.28 8.00
N LEU A 10 25.17 10.38 6.96
CA LEU A 10 24.73 10.83 5.61
C LEU A 10 23.81 9.77 4.96
N ALA A 11 24.15 8.50 5.18
CA ALA A 11 23.38 7.36 4.65
C ALA A 11 22.19 7.03 5.58
N SER A 12 22.34 7.39 6.85
CA SER A 12 21.28 7.25 7.87
C SER A 12 20.20 8.33 7.66
N ALA A 13 20.62 9.49 7.10
CA ALA A 13 19.72 10.61 6.78
C ALA A 13 18.80 10.27 5.57
N ALA A 14 19.17 9.23 4.81
CA ALA A 14 18.43 8.81 3.61
C ALA A 14 17.08 8.13 3.98
N ARG A 15 17.16 6.87 4.45
CA ARG A 15 15.98 5.99 4.75
C ARG A 15 15.20 5.59 3.46
N HIS A 16 14.43 4.49 3.56
CA HIS A 16 13.69 3.90 2.42
C HIS A 16 12.69 2.85 2.96
N ASN A 17 11.66 2.49 2.13
CA ASN A 17 10.61 1.50 2.45
C ASN A 17 9.71 1.96 3.63
N HIS A 18 9.44 3.28 3.70
CA HIS A 18 8.56 3.86 4.74
C HIS A 18 7.99 5.21 4.23
N SER A 19 6.83 5.62 4.79
CA SER A 19 6.17 6.93 4.47
C SER A 19 5.54 6.93 3.06
N ALA A 20 5.30 8.14 2.49
CA ALA A 20 4.80 8.33 1.10
C ALA A 20 5.70 7.64 0.05
N ASN A 21 6.98 7.44 0.42
CA ASN A 21 7.94 6.63 -0.36
C ASN A 21 7.37 5.24 -0.58
N GLN A 22 7.05 4.54 0.54
CA GLN A 22 6.59 3.13 0.51
C GLN A 22 5.24 2.98 -0.21
N THR A 23 4.44 4.07 -0.18
CA THR A 23 3.13 4.12 -0.83
C THR A 23 3.28 4.15 -2.38
N ASN A 24 4.08 5.09 -2.89
CA ASN A 24 4.38 5.26 -4.33
C ASN A 24 5.21 4.07 -4.84
N GLU A 25 6.09 3.58 -3.94
CA GLU A 25 6.90 2.38 -4.13
C GLU A 25 6.00 1.18 -4.38
N ALA A 26 4.94 1.05 -3.56
CA ALA A 26 3.96 -0.02 -3.67
C ALA A 26 3.23 0.04 -5.01
N LEU A 27 2.69 1.23 -5.36
CA LEU A 27 1.95 1.44 -6.63
C LEU A 27 2.77 0.98 -7.85
N ARG A 28 4.00 1.54 -7.96
CA ARG A 28 4.91 1.25 -9.10
C ARG A 28 5.34 -0.23 -9.10
N ARG A 29 5.68 -0.78 -7.90
CA ARG A 29 6.16 -2.16 -7.74
C ARG A 29 5.13 -3.13 -8.29
N LEU A 30 3.87 -2.98 -7.86
CA LEU A 30 2.77 -3.85 -8.26
C LEU A 30 2.55 -3.77 -9.78
N THR A 31 2.66 -2.54 -10.35
CA THR A 31 2.53 -2.33 -11.80
C THR A 31 3.61 -3.11 -12.59
N GLN A 32 4.84 -3.17 -12.04
CA GLN A 32 5.99 -3.83 -12.72
C GLN A 32 6.04 -5.33 -12.39
N GLU A 33 5.36 -5.70 -11.30
CA GLU A 33 5.31 -7.07 -10.77
C GLU A 33 4.34 -7.91 -11.62
N GLY A 34 3.30 -7.25 -12.16
CA GLY A 34 2.28 -7.91 -13.01
C GLY A 34 0.87 -7.51 -12.63
N VAL A 35 0.71 -6.87 -11.46
CA VAL A 35 -0.59 -6.46 -10.93
C VAL A 35 -1.08 -5.21 -11.66
N ASP A 36 -2.17 -5.38 -12.45
CA ASP A 36 -2.81 -4.29 -13.22
C ASP A 36 -3.34 -3.20 -12.26
N MET A 37 -3.08 -1.93 -12.60
CA MET A 37 -3.51 -0.76 -11.80
C MET A 37 -5.01 -0.78 -11.50
N GLU A 38 -5.80 -1.15 -12.52
CA GLU A 38 -7.27 -1.14 -12.45
C GLU A 38 -7.79 -2.28 -11.55
N ARG A 39 -7.16 -3.47 -11.67
CA ARG A 39 -7.53 -4.68 -10.90
C ARG A 39 -7.17 -4.49 -9.43
N LEU A 40 -5.99 -3.91 -9.23
CA LEU A 40 -5.44 -3.51 -7.93
C LEU A 40 -6.39 -2.54 -7.23
N ARG A 41 -6.83 -1.48 -7.96
CA ARG A 41 -7.70 -0.44 -7.38
C ARG A 41 -9.08 -1.00 -7.04
N THR A 42 -9.58 -1.93 -7.87
CA THR A 42 -10.84 -2.62 -7.62
C THR A 42 -10.74 -3.40 -6.29
N SER A 43 -9.74 -4.31 -6.22
CA SER A 43 -9.52 -5.22 -5.07
C SER A 43 -9.31 -4.44 -3.76
N LEU A 44 -8.59 -3.32 -3.87
CA LEU A 44 -8.22 -2.45 -2.75
C LEU A 44 -9.49 -1.71 -2.23
N GLY A 45 -10.25 -1.16 -3.20
CA GLY A 45 -11.49 -0.43 -2.92
C GLY A 45 -12.58 -1.34 -2.34
N ARG A 46 -12.58 -2.61 -2.77
CA ARG A 46 -13.51 -3.64 -2.26
C ARG A 46 -13.20 -3.93 -0.78
N TYR A 47 -11.89 -4.05 -0.47
CA TYR A 47 -11.43 -4.42 0.87
C TYR A 47 -11.82 -3.35 1.91
N ILE A 48 -11.67 -2.06 1.55
CA ILE A 48 -11.85 -0.95 2.54
C ILE A 48 -13.31 -0.44 2.58
N MET A 49 -13.90 -0.22 1.40
CA MET A 49 -15.26 0.36 1.27
C MET A 49 -16.34 -0.68 1.65
N SER A 50 -16.03 -1.97 1.44
CA SER A 50 -16.91 -3.10 1.81
C SER A 50 -16.12 -4.13 2.66
N LEU A 51 -16.81 -5.20 3.10
CA LEU A 51 -16.19 -6.29 3.89
C LEU A 51 -15.62 -7.41 2.98
N GLU A 52 -15.99 -7.40 1.69
CA GLU A 52 -15.48 -8.36 0.70
C GLU A 52 -13.97 -8.10 0.46
N PRO A 53 -13.09 -9.16 0.58
CA PRO A 53 -11.62 -8.97 0.60
C PRO A 53 -11.01 -8.81 -0.80
N LEU A 54 -9.66 -8.82 -0.84
CA LEU A 54 -8.87 -8.82 -2.09
C LEU A 54 -8.21 -10.21 -2.30
N PRO A 55 -7.95 -10.61 -3.60
CA PRO A 55 -7.31 -11.93 -3.92
C PRO A 55 -5.88 -12.09 -3.32
N PRO A 56 -5.36 -13.36 -3.17
CA PRO A 56 -4.01 -13.65 -2.59
C PRO A 56 -2.85 -13.06 -3.42
N ASP A 57 -3.10 -12.77 -4.71
CA ASP A 57 -2.15 -12.05 -5.59
C ASP A 57 -1.89 -10.64 -5.03
N LEU A 58 -3.00 -9.93 -4.72
CA LEU A 58 -2.94 -8.58 -4.14
C LEU A 58 -2.39 -8.62 -2.71
N ARG A 59 -2.69 -9.72 -1.98
CA ARG A 59 -2.21 -9.91 -0.61
C ARG A 59 -0.67 -9.98 -0.60
N ARG A 60 -0.10 -10.88 -1.43
CA ARG A 60 1.35 -11.13 -1.50
C ARG A 60 2.10 -9.89 -2.01
N ALA A 61 1.47 -9.18 -2.97
CA ALA A 61 2.03 -7.98 -3.62
C ALA A 61 2.28 -6.87 -2.58
N LEU A 62 1.20 -6.54 -1.85
CA LEU A 62 1.23 -5.52 -0.79
C LEU A 62 2.21 -5.91 0.33
N GLU A 63 2.09 -7.16 0.82
CA GLU A 63 2.94 -7.70 1.90
C GLU A 63 4.44 -7.68 1.53
N SER A 64 4.71 -7.89 0.23
CA SER A 64 6.07 -7.88 -0.32
C SER A 64 6.68 -6.47 -0.24
N VAL A 65 5.85 -5.45 -0.52
CA VAL A 65 6.26 -4.03 -0.35
C VAL A 65 6.35 -3.67 1.16
N GLY A 66 5.54 -4.35 1.99
CA GLY A 66 5.55 -4.17 3.46
C GLY A 66 4.23 -3.63 4.01
N ILE A 67 3.23 -3.46 3.12
CA ILE A 67 1.87 -3.03 3.50
C ILE A 67 0.99 -4.26 3.69
N ASN A 68 0.54 -4.54 4.92
CA ASN A 68 -0.31 -5.72 5.18
C ASN A 68 -1.78 -5.35 4.86
N PRO A 69 -2.44 -6.02 3.84
CA PRO A 69 -3.85 -5.73 3.46
C PRO A 69 -4.84 -6.13 4.57
N PHE A 70 -4.75 -7.40 5.02
CA PHE A 70 -5.71 -7.99 5.96
C PHE A 70 -5.51 -7.43 7.37
N ILE A 71 -6.31 -6.40 7.68
CA ILE A 71 -6.27 -5.66 8.95
C ILE A 71 -7.52 -6.01 9.81
N PRO A 72 -7.36 -6.08 11.19
CA PRO A 72 -8.45 -6.48 12.12
C PRO A 72 -9.57 -5.41 12.28
N GLU A 73 -10.64 -5.82 13.00
CA GLU A 73 -11.85 -5.01 13.21
C GLU A 73 -11.58 -3.90 14.25
N GLU A 74 -10.57 -4.10 15.12
CA GLU A 74 -10.15 -3.06 16.10
C GLU A 74 -9.64 -1.78 15.39
N LEU A 75 -9.14 -1.93 14.15
CA LEU A 75 -8.80 -0.79 13.26
C LEU A 75 -10.02 -0.38 12.42
N SER A 76 -10.96 -1.35 12.21
CA SER A 76 -12.23 -1.18 11.46
C SER A 76 -11.99 -0.84 9.97
N LEU A 77 -10.78 -1.22 9.46
CA LEU A 77 -10.32 -0.93 8.08
C LEU A 77 -10.18 0.59 7.86
N VAL A 78 -10.09 1.34 8.97
CA VAL A 78 -9.91 2.79 8.95
C VAL A 78 -8.45 3.11 9.23
N ASP A 79 -8.00 2.85 10.47
CA ASP A 79 -6.66 3.24 10.94
C ASP A 79 -5.59 2.20 10.51
N HIS A 80 -5.50 1.93 9.19
CA HIS A 80 -4.58 0.94 8.61
C HIS A 80 -3.65 1.58 7.55
N PRO A 81 -2.42 0.99 7.27
CA PRO A 81 -1.45 1.57 6.28
C PRO A 81 -1.98 1.51 4.83
N VAL A 82 -2.97 0.64 4.63
CA VAL A 82 -3.62 0.39 3.32
C VAL A 82 -4.47 1.60 2.88
N LEU A 83 -4.79 2.50 3.84
CA LEU A 83 -5.57 3.73 3.59
C LEU A 83 -4.75 4.71 2.72
N ASN A 84 -3.50 4.99 3.15
CA ASN A 84 -2.59 5.93 2.46
C ASN A 84 -2.30 5.44 1.02
N PHE A 85 -2.15 4.10 0.93
CA PHE A 85 -1.97 3.39 -0.33
C PHE A 85 -3.20 3.61 -1.25
N SER A 86 -4.40 3.37 -0.70
CA SER A 86 -5.69 3.52 -1.40
C SER A 86 -5.85 4.95 -1.93
N ALA A 87 -5.48 5.92 -1.08
CA ALA A 87 -5.62 7.36 -1.33
C ALA A 87 -4.84 7.75 -2.60
N ALA A 88 -3.55 7.37 -2.61
CA ALA A 88 -2.65 7.64 -3.75
C ALA A 88 -3.09 6.89 -5.01
N LEU A 89 -3.60 5.67 -4.81
CA LEU A 89 -4.00 4.75 -5.88
C LEU A 89 -5.23 5.29 -6.66
N ASN A 90 -6.30 5.64 -5.92
CA ASN A 90 -7.57 6.07 -6.53
C ASN A 90 -7.41 7.47 -7.15
N ARG A 91 -6.63 8.36 -6.47
CA ARG A 91 -6.38 9.75 -6.98
C ARG A 91 -5.51 9.69 -8.26
N MET A 92 -4.61 8.69 -8.32
CA MET A 92 -3.71 8.48 -9.48
C MET A 92 -4.51 8.09 -10.71
N LEU A 93 -5.40 7.08 -10.57
CA LEU A 93 -6.20 6.58 -11.70
C LEU A 93 -7.31 7.58 -12.09
N ALA A 94 -7.78 8.38 -11.11
CA ALA A 94 -8.72 9.50 -11.35
C ALA A 94 -8.01 10.65 -12.08
N SER A 95 -6.71 10.82 -11.83
CA SER A 95 -5.87 11.80 -12.54
C SER A 95 -5.57 11.31 -13.97
N ARG A 96 -5.53 9.97 -14.16
CA ARG A 96 -5.34 9.33 -15.47
C ARG A 96 -6.66 9.27 -16.28
N GLN A 97 -7.77 9.73 -15.66
CA GLN A 97 -9.08 9.81 -16.32
C GLN A 97 -9.63 11.25 -16.22
N THR A 98 -10.28 11.54 -15.07
CA THR A 98 -10.97 12.81 -14.77
C THR A 98 -11.65 12.69 -13.39
N THR A 99 -12.31 13.78 -12.95
CA THR A 99 -13.12 13.78 -11.72
C THR A 99 -14.42 12.96 -11.94
N THR A 100 -14.71 12.04 -11.01
CA THR A 100 -15.86 11.11 -11.15
C THR A 100 -16.50 10.81 -9.78
N ASN A 101 -17.76 10.34 -9.84
CA ASN A 101 -18.52 9.91 -8.64
C ASN A 101 -18.91 8.42 -8.81
N GLN A 1 12.52 -12.35 29.47
CA GLN A 1 13.99 -12.36 29.43
C GLN A 1 14.46 -12.71 28.02
N GLY A 2 15.56 -12.07 27.58
CA GLY A 2 16.03 -12.15 26.20
C GLY A 2 15.37 -11.07 25.32
N LEU A 3 16.06 -10.67 24.24
CA LEU A 3 15.58 -9.65 23.31
C LEU A 3 14.57 -10.28 22.32
N ASP A 4 13.27 -9.96 22.49
CA ASP A 4 12.22 -10.41 21.57
C ASP A 4 12.37 -9.69 20.22
N LEU A 5 13.12 -10.34 19.31
CA LEU A 5 13.36 -9.82 17.95
C LEU A 5 12.07 -9.86 17.11
N GLU A 6 11.12 -10.73 17.49
CA GLU A 6 9.77 -10.77 16.90
C GLU A 6 8.99 -9.49 17.25
N SER A 7 8.98 -9.15 18.56
CA SER A 7 8.32 -7.91 19.07
C SER A 7 9.01 -6.65 18.51
N ALA A 8 10.32 -6.77 18.23
CA ALA A 8 11.12 -5.69 17.64
C ALA A 8 10.76 -5.49 16.15
N ARG A 9 10.70 -6.60 15.39
CA ARG A 9 10.54 -6.55 13.91
C ARG A 9 9.14 -6.09 13.48
N LEU A 10 8.09 -6.47 14.24
CA LEU A 10 6.69 -6.08 13.91
C LEU A 10 6.49 -4.57 14.12
N ALA A 11 7.21 -4.03 15.12
CA ALA A 11 7.20 -2.60 15.45
C ALA A 11 7.98 -1.79 14.40
N SER A 12 9.13 -2.36 13.99
CA SER A 12 10.06 -1.74 13.04
C SER A 12 9.54 -1.81 11.59
N ALA A 13 8.78 -2.88 11.27
CA ALA A 13 8.21 -3.10 9.92
C ALA A 13 7.06 -2.13 9.66
N ALA A 14 6.18 -1.99 10.67
CA ALA A 14 5.06 -1.03 10.66
C ALA A 14 5.58 0.43 10.65
N ARG A 15 6.73 0.65 11.33
CA ARG A 15 7.37 1.98 11.41
C ARG A 15 8.02 2.36 10.07
N HIS A 16 8.68 1.36 9.42
CA HIS A 16 9.42 1.55 8.15
C HIS A 16 8.45 1.66 6.96
N ASN A 17 7.29 0.99 7.07
CA ASN A 17 6.23 1.03 6.05
C ASN A 17 4.98 1.72 6.63
N HIS A 18 4.86 3.03 6.37
CA HIS A 18 3.79 3.87 6.93
C HIS A 18 3.60 5.14 6.10
N SER A 19 4.74 5.76 5.70
CA SER A 19 4.75 7.05 4.98
C SER A 19 4.22 6.91 3.54
N ALA A 20 3.83 8.06 2.96
CA ALA A 20 3.22 8.14 1.62
C ALA A 20 4.21 7.77 0.50
N ASN A 21 5.52 7.83 0.79
CA ASN A 21 6.58 7.42 -0.15
C ASN A 21 6.54 5.90 -0.37
N GLN A 22 6.28 5.16 0.73
CA GLN A 22 6.16 3.70 0.73
C GLN A 22 4.86 3.27 0.03
N THR A 23 3.87 4.17 0.06
CA THR A 23 2.61 4.03 -0.68
C THR A 23 2.84 4.12 -2.22
N ASN A 24 3.54 5.20 -2.67
CA ASN A 24 3.82 5.41 -4.12
C ASN A 24 4.71 4.30 -4.67
N GLU A 25 5.70 3.88 -3.84
CA GLU A 25 6.61 2.80 -4.19
C GLU A 25 5.81 1.51 -4.35
N ALA A 26 4.82 1.30 -3.44
CA ALA A 26 3.93 0.13 -3.48
C ALA A 26 3.13 0.08 -4.80
N LEU A 27 2.57 1.23 -5.21
CA LEU A 27 1.80 1.35 -6.47
C LEU A 27 2.63 0.89 -7.68
N ARG A 28 3.80 1.52 -7.87
CA ARG A 28 4.69 1.21 -9.00
C ARG A 28 5.25 -0.23 -8.89
N ARG A 29 5.57 -0.68 -7.66
CA ARG A 29 6.10 -2.05 -7.40
C ARG A 29 5.11 -3.12 -7.83
N LEU A 30 3.82 -2.89 -7.55
CA LEU A 30 2.75 -3.82 -7.95
C LEU A 30 2.68 -3.84 -9.48
N THR A 31 2.80 -2.65 -10.09
CA THR A 31 2.77 -2.51 -11.56
C THR A 31 3.99 -3.21 -12.22
N GLN A 32 5.14 -3.22 -11.51
CA GLN A 32 6.40 -3.78 -12.03
C GLN A 32 6.45 -5.29 -11.82
N GLU A 33 5.84 -5.76 -10.71
CA GLU A 33 5.87 -7.18 -10.33
C GLU A 33 4.91 -7.96 -11.24
N GLY A 34 3.84 -7.31 -11.72
CA GLY A 34 2.90 -7.93 -12.65
C GLY A 34 1.45 -7.54 -12.42
N VAL A 35 1.13 -6.99 -11.24
CA VAL A 35 -0.25 -6.58 -10.89
C VAL A 35 -0.66 -5.32 -11.68
N ASP A 36 -1.81 -5.41 -12.37
CA ASP A 36 -2.38 -4.30 -13.14
C ASP A 36 -3.05 -3.29 -12.18
N MET A 37 -2.87 -1.98 -12.47
CA MET A 37 -3.31 -0.86 -11.59
C MET A 37 -4.85 -0.81 -11.40
N GLU A 38 -5.57 -1.03 -12.50
CA GLU A 38 -7.05 -0.98 -12.53
C GLU A 38 -7.64 -2.17 -11.76
N ARG A 39 -7.05 -3.36 -11.97
CA ARG A 39 -7.50 -4.61 -11.31
C ARG A 39 -7.22 -4.52 -9.81
N LEU A 40 -6.07 -3.92 -9.50
CA LEU A 40 -5.61 -3.60 -8.14
C LEU A 40 -6.62 -2.66 -7.45
N ARG A 41 -7.03 -1.58 -8.13
CA ARG A 41 -7.91 -0.54 -7.55
C ARG A 41 -9.32 -1.11 -7.27
N THR A 42 -9.77 -2.00 -8.17
CA THR A 42 -11.04 -2.70 -8.01
C THR A 42 -11.01 -3.55 -6.72
N SER A 43 -9.97 -4.41 -6.62
CA SER A 43 -9.76 -5.33 -5.48
C SER A 43 -9.58 -4.58 -4.15
N LEU A 44 -8.91 -3.43 -4.22
CA LEU A 44 -8.58 -2.61 -3.05
C LEU A 44 -9.88 -1.92 -2.55
N GLY A 45 -10.71 -1.49 -3.53
CA GLY A 45 -12.01 -0.88 -3.27
C GLY A 45 -13.01 -1.87 -2.69
N ARG A 46 -12.85 -3.17 -3.04
CA ARG A 46 -13.68 -4.26 -2.48
C ARG A 46 -13.43 -4.43 -0.98
N TYR A 47 -12.20 -4.12 -0.54
CA TYR A 47 -11.80 -4.29 0.86
C TYR A 47 -12.28 -3.09 1.72
N ILE A 48 -12.12 -1.87 1.18
CA ILE A 48 -12.35 -0.61 1.94
C ILE A 48 -13.75 -0.02 1.65
N MET A 49 -14.05 0.28 0.37
CA MET A 49 -15.35 0.85 -0.05
C MET A 49 -16.49 -0.19 0.10
N SER A 50 -16.11 -1.46 0.26
CA SER A 50 -17.02 -2.58 0.54
C SER A 50 -16.43 -3.43 1.70
N LEU A 51 -16.71 -4.75 1.74
CA LEU A 51 -16.18 -5.66 2.80
C LEU A 51 -15.68 -6.99 2.18
N GLU A 52 -15.63 -7.05 0.84
CA GLU A 52 -15.22 -8.27 0.11
C GLU A 52 -13.68 -8.40 0.09
N PRO A 53 -13.10 -9.56 0.56
CA PRO A 53 -11.64 -9.79 0.57
C PRO A 53 -11.03 -9.77 -0.86
N LEU A 54 -9.93 -9.01 -1.02
CA LEU A 54 -9.15 -8.98 -2.26
C LEU A 54 -8.43 -10.33 -2.50
N PRO A 55 -8.11 -10.71 -3.79
CA PRO A 55 -7.44 -12.01 -4.11
C PRO A 55 -6.02 -12.12 -3.48
N PRO A 56 -5.50 -13.38 -3.25
CA PRO A 56 -4.14 -13.62 -2.70
C PRO A 56 -3.02 -13.05 -3.58
N ASP A 57 -3.36 -12.70 -4.84
CA ASP A 57 -2.48 -11.96 -5.77
C ASP A 57 -2.16 -10.57 -5.20
N LEU A 58 -3.22 -9.82 -4.89
CA LEU A 58 -3.11 -8.47 -4.30
C LEU A 58 -2.52 -8.53 -2.89
N ARG A 59 -2.85 -9.61 -2.17
CA ARG A 59 -2.34 -9.84 -0.82
C ARG A 59 -0.80 -9.97 -0.82
N ARG A 60 -0.30 -10.91 -1.66
CA ARG A 60 1.14 -11.25 -1.71
C ARG A 60 1.97 -10.06 -2.25
N ALA A 61 1.41 -9.31 -3.21
CA ALA A 61 2.05 -8.15 -3.83
C ALA A 61 2.29 -7.04 -2.77
N LEU A 62 1.19 -6.68 -2.09
CA LEU A 62 1.20 -5.68 -1.02
C LEU A 62 2.15 -6.07 0.12
N GLU A 63 2.06 -7.32 0.58
CA GLU A 63 2.91 -7.87 1.66
C GLU A 63 4.40 -7.84 1.27
N SER A 64 4.67 -8.06 -0.03
CA SER A 64 6.04 -8.05 -0.56
C SER A 64 6.65 -6.63 -0.49
N VAL A 65 5.80 -5.60 -0.66
CA VAL A 65 6.22 -4.20 -0.42
C VAL A 65 6.34 -3.91 1.10
N GLY A 66 5.45 -4.52 1.89
CA GLY A 66 5.41 -4.35 3.35
C GLY A 66 4.05 -3.89 3.85
N ILE A 67 3.10 -3.60 2.94
CA ILE A 67 1.74 -3.20 3.30
C ILE A 67 0.88 -4.44 3.45
N ASN A 68 0.50 -4.79 4.68
CA ASN A 68 -0.44 -5.91 4.88
C ASN A 68 -1.87 -5.40 4.54
N PRO A 69 -2.59 -6.05 3.57
CA PRO A 69 -3.97 -5.64 3.20
C PRO A 69 -5.01 -5.97 4.30
N PHE A 70 -4.90 -7.18 4.88
CA PHE A 70 -5.90 -7.73 5.80
C PHE A 70 -5.66 -7.25 7.24
N ILE A 71 -6.27 -6.11 7.57
CA ILE A 71 -6.28 -5.52 8.90
C ILE A 71 -7.62 -5.86 9.61
N PRO A 72 -7.58 -6.34 10.89
CA PRO A 72 -8.80 -6.67 11.65
C PRO A 72 -9.64 -5.44 12.06
N GLU A 73 -10.87 -5.72 12.51
CA GLU A 73 -11.90 -4.71 12.85
C GLU A 73 -11.56 -3.92 14.14
N GLU A 74 -10.53 -4.38 14.88
CA GLU A 74 -10.04 -3.72 16.10
C GLU A 74 -9.26 -2.42 15.78
N LEU A 75 -8.80 -2.28 14.52
CA LEU A 75 -8.30 -0.97 14.00
C LEU A 75 -9.47 -0.15 13.41
N SER A 76 -10.62 -0.83 13.18
CA SER A 76 -11.83 -0.29 12.52
C SER A 76 -11.56 0.09 11.05
N LEU A 77 -10.48 -0.50 10.49
CA LEU A 77 -9.93 -0.16 9.14
C LEU A 77 -9.52 1.32 9.07
N VAL A 78 -9.09 1.89 10.22
CA VAL A 78 -8.62 3.28 10.32
C VAL A 78 -7.09 3.34 10.30
N ASP A 79 -6.46 2.64 11.26
CA ASP A 79 -4.99 2.73 11.49
C ASP A 79 -4.20 1.83 10.49
N HIS A 80 -4.85 1.38 9.40
CA HIS A 80 -4.23 0.47 8.42
C HIS A 80 -3.32 1.25 7.42
N PRO A 81 -2.15 0.67 6.98
CA PRO A 81 -1.27 1.30 5.95
C PRO A 81 -1.95 1.34 4.55
N VAL A 82 -3.06 0.60 4.44
CA VAL A 82 -3.88 0.48 3.23
C VAL A 82 -4.71 1.76 2.96
N LEU A 83 -4.79 2.66 3.98
CA LEU A 83 -5.56 3.93 3.90
C LEU A 83 -4.91 4.86 2.86
N ASN A 84 -3.63 5.23 3.13
CA ASN A 84 -2.82 6.09 2.26
C ASN A 84 -2.66 5.47 0.87
N PHE A 85 -2.59 4.11 0.86
CA PHE A 85 -2.43 3.33 -0.36
C PHE A 85 -3.63 3.53 -1.29
N SER A 86 -4.84 3.29 -0.78
CA SER A 86 -6.11 3.44 -1.51
C SER A 86 -6.27 4.86 -2.06
N ALA A 87 -5.94 5.85 -1.21
CA ALA A 87 -6.05 7.29 -1.52
C ALA A 87 -5.22 7.66 -2.77
N ALA A 88 -3.90 7.37 -2.68
CA ALA A 88 -2.93 7.67 -3.75
C ALA A 88 -3.25 6.88 -5.03
N LEU A 89 -3.76 5.66 -4.85
CA LEU A 89 -4.12 4.75 -5.95
C LEU A 89 -5.26 5.31 -6.81
N ASN A 90 -6.40 5.63 -6.15
CA ASN A 90 -7.62 6.07 -6.87
C ASN A 90 -7.40 7.46 -7.50
N ARG A 91 -6.66 8.34 -6.80
CA ARG A 91 -6.38 9.72 -7.28
C ARG A 91 -5.43 9.70 -8.50
N MET A 92 -4.49 8.71 -8.50
CA MET A 92 -3.51 8.53 -9.58
C MET A 92 -4.20 8.04 -10.87
N LEU A 93 -5.11 7.06 -10.71
CA LEU A 93 -5.86 6.50 -11.84
C LEU A 93 -6.89 7.52 -12.39
N ALA A 94 -7.40 8.38 -11.49
CA ALA A 94 -8.27 9.52 -11.85
C ALA A 94 -7.46 10.58 -12.61
N SER A 95 -6.18 10.75 -12.22
CA SER A 95 -5.23 11.67 -12.89
C SER A 95 -4.87 11.17 -14.31
N ARG A 96 -4.89 9.84 -14.49
CA ARG A 96 -4.65 9.17 -15.80
C ARG A 96 -5.89 9.29 -16.70
N GLN A 97 -7.08 9.15 -16.09
CA GLN A 97 -8.37 9.29 -16.79
C GLN A 97 -8.68 10.79 -17.01
N THR A 98 -8.31 11.28 -18.22
CA THR A 98 -8.46 12.68 -18.61
C THR A 98 -9.91 12.97 -19.12
N THR A 99 -10.87 12.98 -18.18
CA THR A 99 -12.27 13.30 -18.47
C THR A 99 -12.47 14.83 -18.55
N THR A 100 -13.46 15.24 -19.36
CA THR A 100 -13.71 16.65 -19.71
C THR A 100 -12.49 17.27 -20.44
N ASN A 101 -12.48 17.15 -21.77
CA ASN A 101 -11.45 17.76 -22.63
C ASN A 101 -12.03 19.04 -23.30
N GLN A 1 22.83 -8.62 32.20
CA GLN A 1 23.07 -7.18 32.43
C GLN A 1 23.28 -6.46 31.09
N GLY A 2 22.59 -5.31 30.92
CA GLY A 2 22.61 -4.55 29.68
C GLY A 2 21.94 -5.31 28.53
N LEU A 3 22.75 -5.72 27.52
CA LEU A 3 22.30 -6.46 26.31
C LEU A 3 21.13 -5.72 25.61
N ASP A 4 21.47 -4.56 25.02
CA ASP A 4 20.51 -3.65 24.38
C ASP A 4 19.87 -4.23 23.11
N LEU A 5 20.48 -5.33 22.58
CA LEU A 5 20.13 -5.96 21.28
C LEU A 5 18.60 -6.11 21.12
N GLU A 6 17.97 -6.72 22.13
CA GLU A 6 16.53 -7.11 22.10
C GLU A 6 15.61 -5.90 21.82
N SER A 7 15.90 -4.79 22.50
CA SER A 7 15.13 -3.54 22.37
C SER A 7 15.59 -2.71 21.14
N ALA A 8 16.89 -2.77 20.83
CA ALA A 8 17.52 -1.92 19.80
C ALA A 8 17.26 -2.44 18.37
N ARG A 9 17.07 -3.76 18.25
CA ARG A 9 16.90 -4.46 16.96
C ARG A 9 15.58 -4.02 16.27
N LEU A 10 14.50 -3.91 17.06
CA LEU A 10 13.16 -3.56 16.57
C LEU A 10 13.08 -2.07 16.19
N ALA A 11 13.82 -1.25 16.94
CA ALA A 11 13.89 0.20 16.73
C ALA A 11 14.67 0.51 15.44
N SER A 12 15.81 -0.18 15.26
CA SER A 12 16.72 0.01 14.14
C SER A 12 16.09 -0.51 12.82
N ALA A 13 15.32 -1.63 12.92
CA ALA A 13 14.66 -2.27 11.75
C ALA A 13 13.56 -1.40 11.14
N ALA A 14 12.98 -0.50 11.97
CA ALA A 14 11.95 0.46 11.51
C ALA A 14 12.59 1.61 10.70
N ARG A 15 13.81 2.01 11.15
CA ARG A 15 14.54 3.19 10.63
C ARG A 15 13.70 4.48 10.79
N HIS A 16 12.87 4.79 9.77
CA HIS A 16 12.03 6.00 9.70
C HIS A 16 11.40 6.11 8.29
N ASN A 17 12.00 5.39 7.31
CA ASN A 17 11.62 5.45 5.86
C ASN A 17 10.17 4.97 5.60
N HIS A 18 9.58 4.23 6.58
CA HIS A 18 8.17 3.77 6.51
C HIS A 18 7.20 4.98 6.54
N SER A 19 6.71 5.38 5.35
CA SER A 19 5.81 6.53 5.16
C SER A 19 5.16 6.46 3.76
N ALA A 20 4.62 7.60 3.26
CA ALA A 20 3.99 7.70 1.92
C ALA A 20 4.97 7.42 0.76
N ASN A 21 6.29 7.40 1.06
CA ASN A 21 7.33 6.90 0.14
C ASN A 21 7.03 5.45 -0.26
N GLN A 22 6.78 4.61 0.77
CA GLN A 22 6.50 3.18 0.61
C GLN A 22 5.13 2.95 -0.08
N THR A 23 4.22 3.94 0.04
CA THR A 23 2.91 3.94 -0.62
C THR A 23 3.05 4.02 -2.16
N ASN A 24 3.78 5.05 -2.64
CA ASN A 24 4.02 5.29 -4.09
C ASN A 24 4.93 4.19 -4.66
N GLU A 25 5.91 3.78 -3.83
CA GLU A 25 6.77 2.62 -4.08
C GLU A 25 5.90 1.36 -4.31
N ALA A 26 4.87 1.18 -3.48
CA ALA A 26 3.95 0.04 -3.58
C ALA A 26 3.21 0.06 -4.91
N LEU A 27 2.61 1.22 -5.26
CA LEU A 27 1.84 1.40 -6.51
C LEU A 27 2.63 0.93 -7.74
N ARG A 28 3.85 1.49 -7.92
CA ARG A 28 4.73 1.16 -9.06
C ARG A 28 5.19 -0.32 -9.00
N ARG A 29 5.56 -0.84 -7.80
CA ARG A 29 6.06 -2.23 -7.62
C ARG A 29 5.01 -3.26 -8.00
N LEU A 30 3.74 -2.95 -7.68
CA LEU A 30 2.61 -3.81 -8.02
C LEU A 30 2.44 -3.83 -9.54
N THR A 31 2.57 -2.64 -10.16
CA THR A 31 2.46 -2.50 -11.62
C THR A 31 3.53 -3.35 -12.35
N GLN A 32 4.77 -3.32 -11.82
CA GLN A 32 5.93 -3.98 -12.44
C GLN A 32 5.94 -5.50 -12.16
N GLU A 33 5.38 -5.91 -10.99
CA GLU A 33 5.40 -7.33 -10.57
C GLU A 33 4.43 -8.16 -11.44
N GLY A 34 3.33 -7.52 -11.91
CA GLY A 34 2.33 -8.21 -12.75
C GLY A 34 0.90 -8.02 -12.26
N VAL A 35 0.66 -6.92 -11.54
CA VAL A 35 -0.68 -6.51 -11.09
C VAL A 35 -1.13 -5.30 -11.91
N ASP A 36 -2.33 -5.37 -12.53
CA ASP A 36 -2.94 -4.24 -13.25
C ASP A 36 -3.44 -3.20 -12.25
N MET A 37 -3.28 -1.92 -12.60
CA MET A 37 -3.62 -0.78 -11.74
C MET A 37 -5.13 -0.74 -11.41
N GLU A 38 -5.96 -1.00 -12.44
CA GLU A 38 -7.44 -0.98 -12.33
C GLU A 38 -7.96 -2.15 -11.49
N ARG A 39 -7.36 -3.35 -11.71
CA ARG A 39 -7.74 -4.59 -11.00
C ARG A 39 -7.35 -4.48 -9.52
N LEU A 40 -6.17 -3.87 -9.31
CA LEU A 40 -5.64 -3.52 -7.99
C LEU A 40 -6.63 -2.58 -7.27
N ARG A 41 -7.06 -1.49 -7.95
CA ARG A 41 -7.92 -0.46 -7.33
C ARG A 41 -9.28 -1.04 -6.91
N THR A 42 -9.83 -1.92 -7.76
CA THR A 42 -11.10 -2.60 -7.51
C THR A 42 -10.98 -3.50 -6.25
N SER A 43 -10.01 -4.42 -6.30
CA SER A 43 -9.74 -5.42 -5.23
C SER A 43 -9.44 -4.73 -3.87
N LEU A 44 -8.68 -3.63 -3.95
CA LEU A 44 -8.24 -2.85 -2.79
C LEU A 44 -9.47 -2.20 -2.14
N GLY A 45 -10.34 -1.62 -3.00
CA GLY A 45 -11.58 -0.99 -2.58
C GLY A 45 -12.60 -1.98 -2.05
N ARG A 46 -12.52 -3.26 -2.50
CA ARG A 46 -13.42 -4.35 -2.03
C ARG A 46 -13.17 -4.66 -0.55
N TYR A 47 -11.91 -4.63 -0.14
CA TYR A 47 -11.53 -4.92 1.26
C TYR A 47 -12.06 -3.83 2.21
N ILE A 48 -12.23 -2.61 1.68
CA ILE A 48 -12.62 -1.42 2.48
C ILE A 48 -14.17 -1.23 2.49
N MET A 49 -14.78 -1.48 1.32
CA MET A 49 -16.21 -1.17 1.05
C MET A 49 -17.10 -2.41 1.28
N SER A 50 -16.57 -3.59 0.94
CA SER A 50 -17.29 -4.88 1.07
C SER A 50 -16.71 -5.72 2.21
N LEU A 51 -17.42 -6.82 2.55
CA LEU A 51 -16.91 -7.87 3.43
C LEU A 51 -15.96 -8.79 2.64
N GLU A 52 -16.21 -8.85 1.31
CA GLU A 52 -15.43 -9.65 0.37
C GLU A 52 -14.02 -9.02 0.22
N PRO A 53 -12.94 -9.74 0.67
CA PRO A 53 -11.56 -9.20 0.66
C PRO A 53 -10.96 -9.05 -0.76
N LEU A 54 -9.64 -8.83 -0.79
CA LEU A 54 -8.85 -8.73 -2.01
C LEU A 54 -8.14 -10.08 -2.28
N PRO A 55 -7.99 -10.50 -3.59
CA PRO A 55 -7.32 -11.78 -3.97
C PRO A 55 -5.88 -11.92 -3.41
N PRO A 56 -5.36 -13.18 -3.27
CA PRO A 56 -3.98 -13.46 -2.79
C PRO A 56 -2.90 -12.80 -3.66
N ASP A 57 -3.24 -12.47 -4.93
CA ASP A 57 -2.36 -11.72 -5.86
C ASP A 57 -1.97 -10.36 -5.24
N LEU A 58 -3.00 -9.64 -4.79
CA LEU A 58 -2.84 -8.32 -4.17
C LEU A 58 -2.25 -8.42 -2.76
N ARG A 59 -2.49 -9.57 -2.10
CA ARG A 59 -1.96 -9.83 -0.76
C ARG A 59 -0.41 -9.95 -0.80
N ARG A 60 0.10 -10.89 -1.63
CA ARG A 60 1.56 -11.11 -1.81
C ARG A 60 2.25 -9.86 -2.34
N ALA A 61 1.57 -9.13 -3.26
CA ALA A 61 2.10 -7.90 -3.89
C ALA A 61 2.39 -6.81 -2.82
N LEU A 62 1.35 -6.48 -2.04
CA LEU A 62 1.44 -5.48 -0.95
C LEU A 62 2.48 -5.88 0.10
N GLU A 63 2.42 -7.15 0.54
CA GLU A 63 3.33 -7.70 1.57
C GLU A 63 4.79 -7.80 1.09
N SER A 64 4.96 -7.88 -0.24
CA SER A 64 6.28 -7.89 -0.89
C SER A 64 6.94 -6.51 -0.77
N VAL A 65 6.09 -5.46 -0.87
CA VAL A 65 6.52 -4.08 -0.58
C VAL A 65 6.70 -3.86 0.94
N GLY A 66 5.81 -4.50 1.73
CA GLY A 66 5.82 -4.41 3.20
C GLY A 66 4.46 -4.04 3.79
N ILE A 67 3.53 -3.59 2.94
CA ILE A 67 2.17 -3.21 3.38
C ILE A 67 1.34 -4.48 3.65
N ASN A 68 0.83 -4.64 4.87
CA ASN A 68 -0.09 -5.75 5.17
C ASN A 68 -1.50 -5.34 4.72
N PRO A 69 -2.19 -6.15 3.84
CA PRO A 69 -3.57 -5.87 3.38
C PRO A 69 -4.64 -6.15 4.47
N PHE A 70 -4.50 -7.30 5.14
CA PHE A 70 -5.52 -7.86 6.05
C PHE A 70 -5.35 -7.30 7.47
N ILE A 71 -6.05 -6.18 7.74
CA ILE A 71 -6.08 -5.53 9.06
C ILE A 71 -7.34 -5.99 9.83
N PRO A 72 -7.20 -6.41 11.13
CA PRO A 72 -8.36 -6.76 12.01
C PRO A 72 -9.33 -5.56 12.29
N GLU A 73 -10.47 -5.90 12.91
CA GLU A 73 -11.58 -4.95 13.19
C GLU A 73 -11.26 -3.98 14.36
N GLU A 74 -10.09 -4.15 15.00
CA GLU A 74 -9.61 -3.25 16.07
C GLU A 74 -9.20 -1.87 15.53
N LEU A 75 -8.78 -1.81 14.24
CA LEU A 75 -8.57 -0.53 13.50
C LEU A 75 -9.84 -0.13 12.73
N SER A 76 -10.82 -1.07 12.66
CA SER A 76 -12.15 -0.88 12.02
C SER A 76 -12.04 -0.60 10.51
N LEU A 77 -10.88 -0.97 9.91
CA LEU A 77 -10.53 -0.69 8.51
C LEU A 77 -10.53 0.82 8.20
N VAL A 78 -10.38 1.63 9.27
CA VAL A 78 -10.23 3.08 9.19
C VAL A 78 -8.73 3.41 9.30
N ASP A 79 -8.13 3.08 10.46
CA ASP A 79 -6.74 3.48 10.79
C ASP A 79 -5.68 2.57 10.08
N HIS A 80 -6.12 1.76 9.11
CA HIS A 80 -5.24 0.80 8.40
C HIS A 80 -4.23 1.52 7.46
N PRO A 81 -2.97 0.98 7.29
CA PRO A 81 -1.94 1.58 6.37
C PRO A 81 -2.39 1.56 4.89
N VAL A 82 -3.34 0.66 4.62
CA VAL A 82 -3.94 0.44 3.29
C VAL A 82 -4.86 1.64 2.87
N LEU A 83 -5.14 2.56 3.83
CA LEU A 83 -5.95 3.79 3.55
C LEU A 83 -5.11 4.73 2.68
N ASN A 84 -3.89 5.05 3.15
CA ASN A 84 -2.94 5.95 2.45
C ASN A 84 -2.61 5.40 1.05
N PHE A 85 -2.50 4.06 0.98
CA PHE A 85 -2.28 3.33 -0.26
C PHE A 85 -3.45 3.54 -1.25
N SER A 86 -4.69 3.26 -0.77
CA SER A 86 -5.94 3.44 -1.54
C SER A 86 -6.09 4.89 -2.05
N ALA A 87 -5.71 5.85 -1.18
CA ALA A 87 -5.84 7.31 -1.44
C ALA A 87 -4.98 7.72 -2.65
N ALA A 88 -3.69 7.36 -2.56
CA ALA A 88 -2.70 7.64 -3.62
C ALA A 88 -3.03 6.89 -4.91
N LEU A 89 -3.59 5.70 -4.75
CA LEU A 89 -4.00 4.82 -5.85
C LEU A 89 -5.14 5.44 -6.68
N ASN A 90 -6.23 5.84 -6.00
CA ASN A 90 -7.44 6.33 -6.67
C ASN A 90 -7.17 7.69 -7.35
N ARG A 91 -6.38 8.56 -6.68
CA ARG A 91 -6.05 9.90 -7.21
C ARG A 91 -5.11 9.78 -8.43
N MET A 92 -4.18 8.79 -8.39
CA MET A 92 -3.20 8.55 -9.46
C MET A 92 -3.91 8.11 -10.75
N LEU A 93 -4.84 7.15 -10.61
CA LEU A 93 -5.60 6.58 -11.74
C LEU A 93 -6.67 7.57 -12.26
N ALA A 94 -7.16 8.44 -11.36
CA ALA A 94 -8.10 9.53 -11.72
C ALA A 94 -7.33 10.70 -12.39
N SER A 95 -6.02 10.79 -12.13
CA SER A 95 -5.12 11.77 -12.77
C SER A 95 -4.74 11.32 -14.18
N ARG A 96 -4.57 9.98 -14.35
CA ARG A 96 -4.25 9.35 -15.66
C ARG A 96 -5.49 9.35 -16.57
N GLN A 97 -6.65 8.97 -15.98
CA GLN A 97 -7.93 8.87 -16.67
C GLN A 97 -8.96 9.79 -16.01
N THR A 98 -9.46 10.77 -16.78
CA THR A 98 -10.60 11.60 -16.37
C THR A 98 -11.86 10.71 -16.37
N THR A 99 -12.27 10.26 -15.17
CA THR A 99 -13.21 9.14 -14.96
C THR A 99 -14.66 9.44 -15.44
N THR A 100 -14.85 9.32 -16.78
CA THR A 100 -16.16 9.42 -17.48
C THR A 100 -16.80 10.84 -17.38
N ASN A 101 -17.42 11.27 -18.49
CA ASN A 101 -18.13 12.56 -18.59
C ASN A 101 -19.29 12.41 -19.60
N GLN A 1 22.66 5.87 25.23
CA GLN A 1 22.34 7.27 25.60
C GLN A 1 23.11 8.23 24.69
N GLY A 2 24.42 7.99 24.56
CA GLY A 2 25.30 8.76 23.69
C GLY A 2 26.35 7.87 23.05
N LEU A 3 26.86 8.27 21.85
CA LEU A 3 27.94 7.58 21.11
C LEU A 3 27.52 6.16 20.62
N ASP A 4 26.19 5.90 20.58
CA ASP A 4 25.65 4.55 20.25
C ASP A 4 25.71 4.32 18.73
N LEU A 5 26.89 3.88 18.26
CA LEU A 5 27.17 3.69 16.83
C LEU A 5 26.40 2.47 16.29
N GLU A 6 26.78 1.27 16.77
CA GLU A 6 26.29 -0.03 16.25
C GLU A 6 24.75 -0.14 16.36
N SER A 7 24.24 0.13 17.57
CA SER A 7 22.80 0.00 17.91
C SER A 7 21.90 0.85 16.98
N ALA A 8 22.33 2.08 16.73
CA ALA A 8 21.59 3.05 15.91
C ALA A 8 21.66 2.71 14.41
N ARG A 9 22.86 2.32 13.95
CA ARG A 9 23.15 2.16 12.50
C ARG A 9 22.61 0.84 11.93
N LEU A 10 22.46 -0.20 12.78
CA LEU A 10 21.83 -1.47 12.37
C LEU A 10 20.30 -1.25 12.18
N ALA A 11 19.74 -0.39 13.05
CA ALA A 11 18.32 0.01 12.99
C ALA A 11 18.07 0.96 11.81
N SER A 12 19.09 1.78 11.49
CA SER A 12 19.07 2.73 10.38
C SER A 12 19.22 2.00 9.02
N ALA A 13 19.81 0.79 9.06
CA ALA A 13 19.94 -0.08 7.88
C ALA A 13 18.65 -0.89 7.63
N ALA A 14 17.72 -0.87 8.60
CA ALA A 14 16.43 -1.58 8.53
C ALA A 14 15.31 -0.66 7.98
N ARG A 15 15.62 0.08 6.91
CA ARG A 15 14.68 1.02 6.26
C ARG A 15 13.49 0.25 5.61
N HIS A 16 12.29 0.33 6.23
CA HIS A 16 11.06 -0.29 5.70
C HIS A 16 9.79 0.40 6.25
N ASN A 17 8.76 0.48 5.41
CA ASN A 17 7.39 0.92 5.76
C ASN A 17 7.36 2.30 6.49
N HIS A 18 7.58 3.37 5.72
CA HIS A 18 7.53 4.79 6.18
C HIS A 18 7.67 5.75 4.99
N SER A 19 7.15 6.99 5.16
CA SER A 19 7.21 8.08 4.15
C SER A 19 6.26 7.80 2.95
N ALA A 20 5.91 8.88 2.22
CA ALA A 20 5.07 8.80 1.01
C ALA A 20 5.81 8.04 -0.11
N ASN A 21 7.16 8.03 -0.04
CA ASN A 21 8.03 7.27 -0.96
C ASN A 21 7.65 5.77 -0.98
N GLN A 22 7.26 5.23 0.19
CA GLN A 22 6.91 3.81 0.36
C GLN A 22 5.55 3.50 -0.31
N THR A 23 4.61 4.45 -0.19
CA THR A 23 3.26 4.34 -0.79
C THR A 23 3.34 4.31 -2.34
N ASN A 24 4.09 5.27 -2.91
CA ASN A 24 4.33 5.36 -4.37
C ASN A 24 5.20 4.18 -4.84
N GLU A 25 6.10 3.73 -3.96
CA GLU A 25 6.89 2.49 -4.17
C GLU A 25 5.95 1.30 -4.34
N ALA A 26 4.93 1.22 -3.49
CA ALA A 26 3.96 0.12 -3.52
C ALA A 26 3.20 0.10 -4.85
N LEU A 27 2.68 1.27 -5.26
CA LEU A 27 1.95 1.43 -6.54
C LEU A 27 2.79 0.93 -7.75
N ARG A 28 4.03 1.45 -7.88
CA ARG A 28 4.93 1.12 -9.01
C ARG A 28 5.34 -0.37 -8.99
N ARG A 29 5.72 -0.88 -7.79
CA ARG A 29 6.17 -2.28 -7.61
C ARG A 29 5.10 -3.25 -8.11
N LEU A 30 3.84 -2.98 -7.70
CA LEU A 30 2.70 -3.84 -8.07
C LEU A 30 2.50 -3.82 -9.59
N THR A 31 2.56 -2.62 -10.18
CA THR A 31 2.36 -2.46 -11.63
C THR A 31 3.38 -3.29 -12.44
N GLN A 32 4.65 -3.29 -11.99
CA GLN A 32 5.76 -3.93 -12.71
C GLN A 32 5.77 -5.45 -12.50
N GLU A 33 5.36 -5.90 -11.29
CA GLU A 33 5.41 -7.33 -10.91
C GLU A 33 4.24 -8.12 -11.55
N GLY A 34 3.29 -7.41 -12.17
CA GLY A 34 2.21 -8.03 -12.93
C GLY A 34 0.84 -7.54 -12.52
N VAL A 35 0.76 -6.96 -11.32
CA VAL A 35 -0.52 -6.50 -10.74
C VAL A 35 -0.95 -5.19 -11.42
N ASP A 36 -1.90 -5.31 -12.35
CA ASP A 36 -2.43 -4.18 -13.14
C ASP A 36 -3.10 -3.13 -12.23
N MET A 37 -2.79 -1.85 -12.47
CA MET A 37 -3.25 -0.69 -11.67
C MET A 37 -4.78 -0.70 -11.42
N GLU A 38 -5.55 -0.98 -12.48
CA GLU A 38 -7.03 -0.95 -12.44
C GLU A 38 -7.60 -2.10 -11.59
N ARG A 39 -7.04 -3.31 -11.78
CA ARG A 39 -7.46 -4.55 -11.07
C ARG A 39 -7.16 -4.41 -9.57
N LEU A 40 -5.94 -3.90 -9.32
CA LEU A 40 -5.43 -3.53 -8.01
C LEU A 40 -6.38 -2.54 -7.32
N ARG A 41 -6.76 -1.46 -8.02
CA ARG A 41 -7.59 -0.36 -7.48
C ARG A 41 -8.97 -0.87 -7.06
N THR A 42 -9.56 -1.70 -7.93
CA THR A 42 -10.87 -2.32 -7.70
C THR A 42 -10.84 -3.18 -6.42
N SER A 43 -9.96 -4.20 -6.40
CA SER A 43 -9.84 -5.18 -5.29
C SER A 43 -9.48 -4.51 -3.95
N LEU A 44 -8.69 -3.44 -4.03
CA LEU A 44 -8.24 -2.66 -2.87
C LEU A 44 -9.45 -1.91 -2.27
N GLY A 45 -10.20 -1.24 -3.18
CA GLY A 45 -11.39 -0.46 -2.80
C GLY A 45 -12.54 -1.34 -2.32
N ARG A 46 -12.57 -2.61 -2.78
CA ARG A 46 -13.62 -3.58 -2.38
C ARG A 46 -13.35 -4.14 -0.97
N TYR A 47 -12.13 -3.94 -0.46
CA TYR A 47 -11.79 -4.31 0.93
C TYR A 47 -12.25 -3.20 1.91
N ILE A 48 -12.24 -1.95 1.42
CA ILE A 48 -12.49 -0.74 2.26
C ILE A 48 -13.94 -0.25 2.08
N MET A 49 -14.25 0.23 0.86
CA MET A 49 -15.57 0.79 0.50
C MET A 49 -16.65 -0.30 0.46
N SER A 50 -16.23 -1.55 0.24
CA SER A 50 -17.11 -2.74 0.23
C SER A 50 -16.61 -3.77 1.25
N LEU A 51 -17.15 -5.01 1.20
CA LEU A 51 -16.86 -6.06 2.20
C LEU A 51 -16.16 -7.29 1.58
N GLU A 52 -15.83 -7.22 0.27
CA GLU A 52 -15.20 -8.34 -0.46
C GLU A 52 -13.67 -8.26 -0.33
N PRO A 53 -13.01 -9.25 0.38
CA PRO A 53 -11.53 -9.28 0.50
C PRO A 53 -10.84 -9.42 -0.87
N LEU A 54 -9.65 -8.81 -0.99
CA LEU A 54 -8.84 -8.90 -2.22
C LEU A 54 -8.17 -10.31 -2.33
N PRO A 55 -7.82 -10.77 -3.58
CA PRO A 55 -7.18 -12.10 -3.80
C PRO A 55 -5.77 -12.20 -3.14
N PRO A 56 -5.25 -13.47 -2.90
CA PRO A 56 -3.89 -13.70 -2.35
C PRO A 56 -2.77 -13.19 -3.29
N ASP A 57 -3.16 -12.87 -4.54
CA ASP A 57 -2.31 -12.16 -5.52
C ASP A 57 -1.99 -10.75 -5.00
N LEU A 58 -3.05 -9.97 -4.75
CA LEU A 58 -2.97 -8.61 -4.22
C LEU A 58 -2.35 -8.58 -2.81
N ARG A 59 -2.61 -9.67 -2.04
CA ARG A 59 -2.07 -9.83 -0.70
C ARG A 59 -0.54 -9.92 -0.76
N ARG A 60 -0.02 -10.90 -1.55
CA ARG A 60 1.43 -11.17 -1.64
C ARG A 60 2.18 -9.93 -2.21
N ALA A 61 1.49 -9.21 -3.10
CA ALA A 61 2.01 -7.99 -3.75
C ALA A 61 2.34 -6.92 -2.71
N LEU A 62 1.31 -6.56 -1.91
CA LEU A 62 1.46 -5.60 -0.81
C LEU A 62 2.50 -6.07 0.22
N GLU A 63 2.43 -7.36 0.58
CA GLU A 63 3.34 -8.00 1.56
C GLU A 63 4.80 -7.91 1.10
N SER A 64 5.01 -7.99 -0.22
CA SER A 64 6.33 -7.91 -0.84
C SER A 64 6.90 -6.50 -0.73
N VAL A 65 6.01 -5.48 -0.80
CA VAL A 65 6.41 -4.08 -0.55
C VAL A 65 6.70 -3.83 0.96
N GLY A 66 5.86 -4.39 1.83
CA GLY A 66 5.95 -4.18 3.29
C GLY A 66 4.65 -3.63 3.89
N ILE A 67 3.55 -3.69 3.11
CA ILE A 67 2.19 -3.35 3.57
C ILE A 67 1.43 -4.67 3.78
N ASN A 68 0.55 -4.74 4.79
CA ASN A 68 -0.35 -5.91 4.93
C ASN A 68 -1.80 -5.44 4.68
N PRO A 69 -2.56 -6.08 3.73
CA PRO A 69 -3.95 -5.68 3.41
C PRO A 69 -4.99 -6.05 4.51
N PHE A 70 -4.87 -7.26 5.07
CA PHE A 70 -5.88 -7.85 5.98
C PHE A 70 -5.71 -7.34 7.42
N ILE A 71 -6.46 -6.28 7.75
CA ILE A 71 -6.53 -5.69 9.11
C ILE A 71 -7.88 -6.09 9.75
N PRO A 72 -7.90 -6.50 11.06
CA PRO A 72 -9.15 -6.77 11.83
C PRO A 72 -10.00 -5.49 12.10
N GLU A 73 -11.23 -5.72 12.56
CA GLU A 73 -12.26 -4.66 12.77
C GLU A 73 -11.99 -3.81 14.04
N GLU A 74 -10.92 -4.15 14.79
CA GLU A 74 -10.50 -3.38 15.98
C GLU A 74 -9.87 -2.01 15.57
N LEU A 75 -9.23 -1.96 14.38
CA LEU A 75 -8.81 -0.68 13.74
C LEU A 75 -9.98 -0.06 12.94
N SER A 76 -11.05 -0.86 12.76
CA SER A 76 -12.30 -0.48 12.05
C SER A 76 -12.05 -0.21 10.55
N LEU A 77 -10.92 -0.76 10.03
CA LEU A 77 -10.41 -0.52 8.65
C LEU A 77 -10.17 0.97 8.39
N VAL A 78 -9.93 1.72 9.48
CA VAL A 78 -9.61 3.14 9.45
C VAL A 78 -8.10 3.32 9.62
N ASP A 79 -7.56 2.90 10.77
CA ASP A 79 -6.14 3.13 11.13
C ASP A 79 -5.16 2.21 10.32
N HIS A 80 -5.68 1.40 9.38
CA HIS A 80 -4.87 0.45 8.59
C HIS A 80 -3.84 1.16 7.67
N PRO A 81 -2.63 0.55 7.43
CA PRO A 81 -1.57 1.14 6.54
C PRO A 81 -1.97 1.17 5.05
N VAL A 82 -3.10 0.50 4.76
CA VAL A 82 -3.64 0.33 3.40
C VAL A 82 -4.47 1.57 2.97
N LEU A 83 -4.72 2.50 3.93
CA LEU A 83 -5.56 3.70 3.72
C LEU A 83 -4.87 4.65 2.74
N ASN A 84 -3.64 5.09 3.11
CA ASN A 84 -2.84 6.06 2.34
C ASN A 84 -2.49 5.49 0.95
N PHE A 85 -2.29 4.16 0.93
CA PHE A 85 -2.06 3.40 -0.31
C PHE A 85 -3.25 3.55 -1.27
N SER A 86 -4.46 3.23 -0.75
CA SER A 86 -5.71 3.27 -1.51
C SER A 86 -6.00 4.70 -2.01
N ALA A 87 -5.79 5.68 -1.13
CA ALA A 87 -6.02 7.11 -1.40
C ALA A 87 -5.20 7.57 -2.60
N ALA A 88 -3.88 7.26 -2.53
CA ALA A 88 -2.90 7.60 -3.58
C ALA A 88 -3.23 6.87 -4.90
N LEU A 89 -3.71 5.63 -4.76
CA LEU A 89 -4.05 4.74 -5.87
C LEU A 89 -5.24 5.26 -6.69
N ASN A 90 -6.39 5.49 -6.01
CA ASN A 90 -7.64 5.88 -6.68
C ASN A 90 -7.54 7.31 -7.25
N ARG A 91 -6.85 8.21 -6.49
CA ARG A 91 -6.67 9.62 -6.92
C ARG A 91 -5.78 9.68 -8.17
N MET A 92 -4.74 8.80 -8.22
CA MET A 92 -3.76 8.73 -9.31
C MET A 92 -4.44 8.31 -10.62
N LEU A 93 -5.15 7.17 -10.56
CA LEU A 93 -5.79 6.57 -11.75
C LEU A 93 -6.91 7.48 -12.29
N ALA A 94 -7.69 8.09 -11.38
CA ALA A 94 -8.71 9.09 -11.74
C ALA A 94 -8.04 10.29 -12.46
N SER A 95 -6.93 10.75 -11.87
CA SER A 95 -6.16 11.92 -12.36
C SER A 95 -5.37 11.60 -13.65
N ARG A 96 -5.20 10.29 -13.96
CA ARG A 96 -4.60 9.84 -15.22
C ARG A 96 -5.55 10.13 -16.39
N GLN A 97 -6.84 9.74 -16.23
CA GLN A 97 -7.88 10.02 -17.23
C GLN A 97 -8.17 11.53 -17.27
N THR A 98 -8.77 12.05 -16.17
CA THR A 98 -9.13 13.47 -16.02
C THR A 98 -8.83 13.93 -14.57
N THR A 99 -8.08 15.03 -14.41
CA THR A 99 -7.78 15.62 -13.09
C THR A 99 -9.07 16.17 -12.41
N THR A 100 -9.10 16.15 -11.06
CA THR A 100 -10.28 16.51 -10.26
C THR A 100 -10.61 18.03 -10.37
N ASN A 101 -11.27 18.40 -11.48
CA ASN A 101 -11.61 19.80 -11.82
C ASN A 101 -13.09 19.88 -12.24
N GLN A 1 42.32 4.74 5.52
CA GLN A 1 43.41 5.69 5.23
C GLN A 1 42.81 6.97 4.61
N GLY A 2 42.18 6.80 3.43
CA GLY A 2 41.38 7.85 2.80
C GLY A 2 39.98 7.92 3.41
N LEU A 3 39.40 9.13 3.43
CA LEU A 3 38.07 9.37 4.02
C LEU A 3 36.94 8.90 3.08
N ASP A 4 35.83 8.45 3.68
CA ASP A 4 34.70 7.83 2.97
C ASP A 4 33.50 8.78 2.93
N LEU A 5 33.78 10.09 2.82
CA LEU A 5 32.75 11.14 2.87
C LEU A 5 31.84 11.15 1.63
N GLU A 6 32.33 10.59 0.50
CA GLU A 6 31.52 10.41 -0.72
C GLU A 6 30.51 9.26 -0.55
N SER A 7 30.93 8.21 0.17
CA SER A 7 30.05 7.10 0.55
C SER A 7 29.04 7.57 1.62
N ALA A 8 29.49 8.52 2.48
CA ALA A 8 28.72 9.05 3.62
C ALA A 8 27.66 10.07 3.18
N ARG A 9 27.95 10.87 2.13
CA ARG A 9 27.02 11.94 1.65
C ARG A 9 25.77 11.33 0.99
N LEU A 10 25.98 10.28 0.15
CA LEU A 10 24.89 9.60 -0.57
C LEU A 10 24.04 8.78 0.42
N ALA A 11 24.72 8.25 1.46
CA ALA A 11 24.09 7.47 2.53
C ALA A 11 23.15 8.35 3.38
N SER A 12 23.73 9.43 3.94
CA SER A 12 23.04 10.34 4.89
C SER A 12 21.86 11.06 4.23
N ALA A 13 22.03 11.45 2.94
CA ALA A 13 20.99 12.14 2.16
C ALA A 13 19.78 11.22 1.92
N ALA A 14 20.05 9.96 1.51
CA ALA A 14 19.00 8.96 1.18
C ALA A 14 18.60 8.11 2.41
N ARG A 15 19.13 8.46 3.60
CA ARG A 15 18.90 7.71 4.85
C ARG A 15 17.49 8.00 5.43
N HIS A 16 16.96 9.18 5.08
CA HIS A 16 15.67 9.68 5.61
C HIS A 16 14.50 8.85 5.06
N ASN A 17 14.26 9.00 3.72
CA ASN A 17 13.20 8.32 2.95
C ASN A 17 11.78 8.75 3.40
N HIS A 18 10.86 8.92 2.43
CA HIS A 18 9.48 9.37 2.68
C HIS A 18 8.56 8.14 2.83
N SER A 19 7.62 8.20 3.80
CA SER A 19 6.61 7.13 4.03
C SER A 19 5.56 7.12 2.90
N ALA A 20 5.22 8.32 2.41
CA ALA A 20 4.30 8.52 1.27
C ALA A 20 4.94 8.01 -0.03
N ASN A 21 6.30 8.02 -0.08
CA ASN A 21 7.06 7.48 -1.22
C ASN A 21 6.97 5.95 -1.26
N GLN A 22 6.82 5.32 -0.06
CA GLN A 22 6.66 3.83 0.06
C GLN A 22 5.28 3.36 -0.45
N THR A 23 4.34 4.30 -0.48
CA THR A 23 3.02 4.11 -1.06
C THR A 23 3.12 4.10 -2.60
N ASN A 24 3.77 5.14 -3.17
CA ASN A 24 4.03 5.21 -4.63
C ASN A 24 4.97 4.08 -5.08
N GLU A 25 5.83 3.66 -4.15
CA GLU A 25 6.74 2.51 -4.30
C GLU A 25 5.90 1.24 -4.49
N ALA A 26 4.90 1.05 -3.62
CA ALA A 26 3.98 -0.09 -3.69
C ALA A 26 3.24 -0.10 -5.02
N LEU A 27 2.64 1.04 -5.39
CA LEU A 27 1.86 1.20 -6.66
C LEU A 27 2.69 0.74 -7.89
N ARG A 28 3.92 1.30 -8.01
CA ARG A 28 4.82 1.01 -9.15
C ARG A 28 5.31 -0.45 -9.10
N ARG A 29 5.71 -0.96 -7.89
CA ARG A 29 6.21 -2.34 -7.72
C ARG A 29 5.17 -3.37 -8.12
N LEU A 30 3.90 -3.12 -7.74
CA LEU A 30 2.78 -4.02 -8.07
C LEU A 30 2.59 -4.02 -9.60
N THR A 31 2.68 -2.83 -10.22
CA THR A 31 2.59 -2.68 -11.69
C THR A 31 3.71 -3.48 -12.41
N GLN A 32 4.92 -3.48 -11.80
CA GLN A 32 6.11 -4.12 -12.40
C GLN A 32 6.03 -5.64 -12.26
N GLU A 33 5.55 -6.10 -11.09
CA GLU A 33 5.55 -7.52 -10.71
C GLU A 33 4.47 -8.30 -11.49
N GLY A 34 3.36 -7.61 -11.87
CA GLY A 34 2.29 -8.25 -12.64
C GLY A 34 0.90 -7.72 -12.32
N VAL A 35 0.74 -7.08 -11.15
CA VAL A 35 -0.56 -6.56 -10.67
C VAL A 35 -0.95 -5.31 -11.50
N ASP A 36 -2.07 -5.40 -12.25
CA ASP A 36 -2.62 -4.30 -13.06
C ASP A 36 -3.21 -3.22 -12.15
N MET A 37 -3.02 -1.95 -12.52
CA MET A 37 -3.42 -0.78 -11.69
C MET A 37 -4.93 -0.71 -11.46
N GLU A 38 -5.71 -0.97 -12.52
CA GLU A 38 -7.18 -0.87 -12.49
C GLU A 38 -7.79 -2.05 -11.70
N ARG A 39 -7.17 -3.23 -11.82
CA ARG A 39 -7.63 -4.46 -11.13
C ARG A 39 -7.34 -4.34 -9.63
N LEU A 40 -6.14 -3.81 -9.34
CA LEU A 40 -5.65 -3.47 -8.00
C LEU A 40 -6.59 -2.45 -7.33
N ARG A 41 -6.88 -1.36 -8.04
CA ARG A 41 -7.70 -0.24 -7.53
C ARG A 41 -9.13 -0.68 -7.21
N THR A 42 -9.71 -1.48 -8.10
CA THR A 42 -11.07 -2.01 -7.93
C THR A 42 -11.12 -2.98 -6.73
N SER A 43 -10.14 -3.90 -6.65
CA SER A 43 -10.07 -4.94 -5.59
C SER A 43 -9.73 -4.32 -4.21
N LEU A 44 -9.00 -3.19 -4.22
CA LEU A 44 -8.59 -2.47 -3.00
C LEU A 44 -9.80 -1.65 -2.48
N GLY A 45 -10.57 -1.09 -3.43
CA GLY A 45 -11.84 -0.42 -3.12
C GLY A 45 -12.87 -1.39 -2.57
N ARG A 46 -12.83 -2.65 -3.06
CA ARG A 46 -13.67 -3.76 -2.58
C ARG A 46 -13.22 -4.21 -1.17
N TYR A 47 -11.91 -4.09 -0.88
CA TYR A 47 -11.35 -4.39 0.46
C TYR A 47 -11.93 -3.43 1.54
N ILE A 48 -12.04 -2.13 1.21
CA ILE A 48 -12.52 -1.11 2.17
C ILE A 48 -14.06 -1.04 2.17
N MET A 49 -14.63 -0.60 1.03
CA MET A 49 -16.08 -0.34 0.91
C MET A 49 -16.89 -1.63 1.01
N SER A 50 -16.60 -2.60 0.12
CA SER A 50 -17.35 -3.86 0.04
C SER A 50 -16.94 -4.85 1.16
N LEU A 51 -15.75 -4.61 1.77
CA LEU A 51 -15.16 -5.45 2.87
C LEU A 51 -14.82 -6.90 2.36
N GLU A 52 -14.71 -7.05 1.04
CA GLU A 52 -14.39 -8.32 0.38
C GLU A 52 -12.88 -8.63 0.49
N PRO A 53 -12.50 -9.91 0.83
CA PRO A 53 -11.09 -10.35 0.82
C PRO A 53 -10.47 -10.27 -0.60
N LEU A 54 -9.49 -9.38 -0.77
CA LEU A 54 -8.73 -9.25 -2.04
C LEU A 54 -7.93 -10.55 -2.33
N PRO A 55 -7.69 -10.91 -3.65
CA PRO A 55 -6.99 -12.17 -4.05
C PRO A 55 -5.60 -12.33 -3.39
N PRO A 56 -5.06 -13.60 -3.29
CA PRO A 56 -3.75 -13.87 -2.64
C PRO A 56 -2.58 -13.21 -3.42
N ASP A 57 -2.84 -12.88 -4.70
CA ASP A 57 -1.94 -12.11 -5.57
C ASP A 57 -1.70 -10.71 -4.96
N LEU A 58 -2.81 -10.01 -4.67
CA LEU A 58 -2.79 -8.67 -4.05
C LEU A 58 -2.18 -8.71 -2.64
N ARG A 59 -2.47 -9.80 -1.91
CA ARG A 59 -1.97 -10.03 -0.54
C ARG A 59 -0.41 -10.05 -0.53
N ARG A 60 0.17 -10.99 -1.28
CA ARG A 60 1.63 -11.23 -1.31
C ARG A 60 2.38 -10.05 -1.95
N ALA A 61 1.74 -9.39 -2.93
CA ALA A 61 2.30 -8.20 -3.61
C ALA A 61 2.55 -7.06 -2.61
N LEU A 62 1.47 -6.70 -1.90
CA LEU A 62 1.49 -5.66 -0.87
C LEU A 62 2.49 -5.98 0.25
N GLU A 63 2.41 -7.22 0.77
CA GLU A 63 3.27 -7.71 1.87
C GLU A 63 4.76 -7.73 1.47
N SER A 64 5.01 -7.97 0.17
CA SER A 64 6.37 -8.00 -0.38
C SER A 64 6.98 -6.60 -0.42
N VAL A 65 6.12 -5.57 -0.64
CA VAL A 65 6.55 -4.16 -0.51
C VAL A 65 6.71 -3.77 0.97
N GLY A 66 5.81 -4.27 1.84
CA GLY A 66 5.84 -3.98 3.29
C GLY A 66 4.51 -3.50 3.85
N ILE A 67 3.47 -3.40 3.00
CA ILE A 67 2.11 -3.02 3.42
C ILE A 67 1.26 -4.28 3.63
N ASN A 68 0.73 -4.52 4.85
CA ASN A 68 -0.17 -5.67 5.07
C ASN A 68 -1.59 -5.26 4.66
N PRO A 69 -2.24 -6.00 3.70
CA PRO A 69 -3.63 -5.71 3.27
C PRO A 69 -4.66 -5.97 4.39
N PHE A 70 -4.67 -7.21 4.93
CA PHE A 70 -5.74 -7.69 5.82
C PHE A 70 -5.54 -7.15 7.26
N ILE A 71 -6.27 -6.07 7.55
CA ILE A 71 -6.34 -5.48 8.90
C ILE A 71 -7.69 -5.88 9.55
N PRO A 72 -7.69 -6.31 10.86
CA PRO A 72 -8.93 -6.71 11.56
C PRO A 72 -9.90 -5.54 11.84
N GLU A 73 -11.16 -5.91 12.17
CA GLU A 73 -12.29 -4.95 12.30
C GLU A 73 -12.20 -4.12 13.60
N GLU A 74 -11.30 -4.50 14.51
CA GLU A 74 -11.03 -3.75 15.75
C GLU A 74 -10.40 -2.35 15.46
N LEU A 75 -9.71 -2.23 14.30
CA LEU A 75 -9.24 -0.90 13.80
C LEU A 75 -10.37 -0.21 13.00
N SER A 76 -11.37 -1.01 12.56
CA SER A 76 -12.50 -0.59 11.71
C SER A 76 -12.01 -0.10 10.33
N LEU A 77 -10.82 -0.60 9.91
CA LEU A 77 -10.11 -0.16 8.69
C LEU A 77 -9.85 1.35 8.70
N VAL A 78 -9.60 1.91 9.90
CA VAL A 78 -9.23 3.33 10.07
C VAL A 78 -7.71 3.45 10.16
N ASP A 79 -7.10 2.86 11.20
CA ASP A 79 -5.65 2.97 11.46
C ASP A 79 -4.84 1.88 10.72
N HIS A 80 -5.23 1.59 9.47
CA HIS A 80 -4.57 0.58 8.62
C HIS A 80 -3.54 1.26 7.68
N PRO A 81 -2.37 0.61 7.37
CA PRO A 81 -1.34 1.19 6.43
C PRO A 81 -1.85 1.31 4.98
N VAL A 82 -2.95 0.57 4.71
CA VAL A 82 -3.59 0.49 3.39
C VAL A 82 -4.42 1.78 3.10
N LEU A 83 -4.56 2.67 4.11
CA LEU A 83 -5.29 3.96 4.00
C LEU A 83 -4.62 4.84 2.93
N ASN A 84 -3.34 5.20 3.18
CA ASN A 84 -2.55 6.10 2.32
C ASN A 84 -2.35 5.45 0.93
N PHE A 85 -2.29 4.10 0.93
CA PHE A 85 -2.16 3.30 -0.28
C PHE A 85 -3.38 3.48 -1.21
N SER A 86 -4.58 3.19 -0.66
CA SER A 86 -5.87 3.30 -1.37
C SER A 86 -6.10 4.74 -1.86
N ALA A 87 -5.77 5.71 -0.98
CA ALA A 87 -5.92 7.16 -1.25
C ALA A 87 -5.15 7.55 -2.52
N ALA A 88 -3.84 7.26 -2.51
CA ALA A 88 -2.91 7.56 -3.60
C ALA A 88 -3.29 6.81 -4.88
N LEU A 89 -3.77 5.58 -4.71
CA LEU A 89 -4.14 4.67 -5.81
C LEU A 89 -5.35 5.20 -6.60
N ASN A 90 -6.45 5.49 -5.88
CA ASN A 90 -7.73 5.91 -6.50
C ASN A 90 -7.54 7.29 -7.16
N ARG A 91 -6.84 8.20 -6.45
CA ARG A 91 -6.62 9.58 -6.94
C ARG A 91 -5.63 9.59 -8.10
N MET A 92 -4.70 8.61 -8.13
CA MET A 92 -3.71 8.45 -9.22
C MET A 92 -4.43 8.15 -10.54
N LEU A 93 -5.27 7.11 -10.55
CA LEU A 93 -5.99 6.70 -11.78
C LEU A 93 -7.05 7.74 -12.19
N ALA A 94 -7.64 8.42 -11.18
CA ALA A 94 -8.61 9.51 -11.40
C ALA A 94 -7.92 10.84 -11.76
N SER A 95 -6.58 10.91 -11.57
CA SER A 95 -5.76 12.05 -12.04
C SER A 95 -5.27 11.79 -13.48
N ARG A 96 -5.02 10.49 -13.79
CA ARG A 96 -4.59 10.06 -15.14
C ARG A 96 -5.74 10.30 -16.15
N GLN A 97 -6.91 9.77 -15.81
CA GLN A 97 -8.13 9.87 -16.62
C GLN A 97 -9.09 10.88 -16.00
N THR A 98 -9.81 11.63 -16.86
CA THR A 98 -10.84 12.60 -16.43
C THR A 98 -12.19 11.86 -16.21
N THR A 99 -12.19 10.94 -15.23
CA THR A 99 -13.36 10.11 -14.86
C THR A 99 -14.38 10.91 -14.02
N THR A 100 -13.99 12.17 -13.66
CA THR A 100 -14.78 13.08 -12.80
C THR A 100 -14.85 12.55 -11.34
N ASN A 101 -15.14 13.44 -10.37
CA ASN A 101 -15.34 13.06 -8.97
C ASN A 101 -16.70 12.32 -8.82
N GLN A 1 14.19 5.06 34.08
CA GLN A 1 14.72 5.99 35.11
C GLN A 1 16.15 6.41 34.72
N GLY A 2 17.07 5.42 34.66
CA GLY A 2 18.44 5.64 34.17
C GLY A 2 18.50 5.93 32.68
N LEU A 3 19.72 6.17 32.14
CA LEU A 3 19.91 6.52 30.73
C LEU A 3 19.40 5.40 29.80
N ASP A 4 18.72 5.79 28.72
CA ASP A 4 18.14 4.84 27.75
C ASP A 4 19.08 4.67 26.55
N LEU A 5 20.28 5.29 26.65
CA LEU A 5 21.22 5.47 25.53
C LEU A 5 21.53 4.17 24.76
N GLU A 6 21.84 3.10 25.50
CA GLU A 6 22.26 1.78 24.94
C GLU A 6 21.13 1.16 24.08
N SER A 7 19.89 1.24 24.61
CA SER A 7 18.70 0.65 23.98
C SER A 7 18.12 1.57 22.88
N ALA A 8 18.23 2.89 23.10
CA ALA A 8 17.61 3.91 22.25
C ALA A 8 18.44 4.18 20.99
N ARG A 9 19.76 3.98 21.09
CA ARG A 9 20.68 4.18 19.96
C ARG A 9 20.42 3.12 18.86
N LEU A 10 20.23 1.85 19.27
CA LEU A 10 20.05 0.72 18.33
C LEU A 10 18.65 0.75 17.70
N ALA A 11 17.66 1.19 18.52
CA ALA A 11 16.25 1.27 18.11
C ALA A 11 16.04 2.42 17.10
N SER A 12 16.66 3.57 17.39
CA SER A 12 16.60 4.76 16.52
C SER A 12 17.38 4.52 15.21
N ALA A 13 18.56 3.88 15.32
CA ALA A 13 19.45 3.59 14.17
C ALA A 13 18.96 2.37 13.36
N ALA A 14 17.95 1.64 13.88
CA ALA A 14 17.26 0.57 13.12
C ALA A 14 16.49 1.17 11.93
N ARG A 15 15.96 2.41 12.16
CA ARG A 15 15.26 3.24 11.16
C ARG A 15 13.93 2.60 10.69
N HIS A 16 12.80 3.23 11.07
CA HIS A 16 11.45 2.81 10.61
C HIS A 16 10.90 3.85 9.60
N ASN A 17 11.81 4.71 9.08
CA ASN A 17 11.45 5.87 8.25
C ASN A 17 11.11 5.46 6.81
N HIS A 18 9.81 5.48 6.48
CA HIS A 18 9.31 5.07 5.15
C HIS A 18 8.39 6.15 4.54
N SER A 19 7.53 6.75 5.37
CA SER A 19 6.59 7.83 4.98
C SER A 19 5.58 7.33 3.90
N ALA A 20 4.93 8.28 3.18
CA ALA A 20 4.06 7.99 2.03
C ALA A 20 4.87 7.54 0.79
N ASN A 21 6.23 7.54 0.91
CA ASN A 21 7.14 7.03 -0.13
C ASN A 21 6.87 5.56 -0.41
N GLN A 22 6.70 4.77 0.69
CA GLN A 22 6.49 3.31 0.61
C GLN A 22 5.14 2.95 -0.08
N THR A 23 4.22 3.92 -0.08
CA THR A 23 2.91 3.82 -0.72
C THR A 23 3.02 3.94 -2.26
N ASN A 24 3.73 4.97 -2.73
CA ASN A 24 3.96 5.19 -4.19
C ASN A 24 4.87 4.08 -4.73
N GLU A 25 5.83 3.69 -3.87
CA GLU A 25 6.70 2.52 -4.05
C GLU A 25 5.86 1.28 -4.30
N ALA A 26 4.81 1.09 -3.48
CA ALA A 26 3.89 -0.06 -3.59
C ALA A 26 3.23 -0.07 -4.96
N LEU A 27 2.63 1.07 -5.35
CA LEU A 27 1.91 1.22 -6.64
C LEU A 27 2.77 0.76 -7.84
N ARG A 28 4.00 1.32 -7.94
CA ARG A 28 4.93 0.99 -9.04
C ARG A 28 5.40 -0.48 -8.98
N ARG A 29 5.75 -1.00 -7.76
CA ARG A 29 6.19 -2.41 -7.58
C ARG A 29 5.12 -3.40 -8.09
N LEU A 30 3.86 -3.13 -7.77
CA LEU A 30 2.73 -3.99 -8.16
C LEU A 30 2.56 -3.97 -9.67
N THR A 31 2.73 -2.78 -10.28
CA THR A 31 2.68 -2.64 -11.74
C THR A 31 3.81 -3.47 -12.42
N GLN A 32 4.98 -3.56 -11.75
CA GLN A 32 6.16 -4.27 -12.31
C GLN A 32 6.04 -5.80 -12.14
N GLU A 33 5.40 -6.27 -11.05
CA GLU A 33 5.30 -7.71 -10.76
C GLU A 33 4.29 -8.41 -11.69
N GLY A 34 3.26 -7.67 -12.15
CA GLY A 34 2.22 -8.22 -13.03
C GLY A 34 0.81 -7.84 -12.62
N VAL A 35 0.67 -7.00 -11.57
CA VAL A 35 -0.65 -6.47 -11.15
C VAL A 35 -0.96 -5.19 -11.95
N ASP A 36 -2.11 -5.17 -12.64
CA ASP A 36 -2.58 -3.98 -13.37
C ASP A 36 -3.21 -2.98 -12.40
N MET A 37 -3.08 -1.69 -12.70
CA MET A 37 -3.51 -0.59 -11.85
C MET A 37 -5.03 -0.62 -11.57
N GLU A 38 -5.81 -0.88 -12.64
CA GLU A 38 -7.29 -0.91 -12.59
C GLU A 38 -7.78 -2.15 -11.82
N ARG A 39 -7.08 -3.30 -12.00
CA ARG A 39 -7.42 -4.58 -11.32
C ARG A 39 -7.18 -4.43 -9.81
N LEU A 40 -6.02 -3.84 -9.51
CA LEU A 40 -5.56 -3.49 -8.17
C LEU A 40 -6.57 -2.56 -7.48
N ARG A 41 -7.00 -1.49 -8.17
CA ARG A 41 -7.86 -0.44 -7.58
C ARG A 41 -9.27 -1.00 -7.27
N THR A 42 -9.80 -1.84 -8.18
CA THR A 42 -11.09 -2.51 -8.00
C THR A 42 -11.03 -3.45 -6.77
N SER A 43 -9.97 -4.27 -6.71
CA SER A 43 -9.74 -5.28 -5.66
C SER A 43 -9.50 -4.62 -4.28
N LEU A 44 -8.79 -3.49 -4.29
CA LEU A 44 -8.38 -2.75 -3.08
C LEU A 44 -9.62 -2.06 -2.49
N GLY A 45 -10.41 -1.46 -3.41
CA GLY A 45 -11.66 -0.77 -3.06
C GLY A 45 -12.71 -1.73 -2.50
N ARG A 46 -12.69 -2.99 -2.98
CA ARG A 46 -13.59 -4.06 -2.48
C ARG A 46 -13.32 -4.36 -1.00
N TYR A 47 -12.03 -4.54 -0.64
CA TYR A 47 -11.60 -4.86 0.73
C TYR A 47 -12.12 -3.81 1.75
N ILE A 48 -12.20 -2.55 1.29
CA ILE A 48 -12.51 -1.39 2.15
C ILE A 48 -14.03 -1.06 2.17
N MET A 49 -14.68 -1.18 1.00
CA MET A 49 -16.10 -0.77 0.81
C MET A 49 -17.09 -1.94 1.00
N SER A 50 -16.57 -3.17 1.10
CA SER A 50 -17.38 -4.37 1.35
C SER A 50 -16.64 -5.33 2.30
N LEU A 51 -17.37 -6.34 2.79
CA LEU A 51 -16.83 -7.37 3.69
C LEU A 51 -15.95 -8.38 2.91
N GLU A 52 -16.12 -8.40 1.57
CA GLU A 52 -15.34 -9.28 0.68
C GLU A 52 -13.88 -8.78 0.62
N PRO A 53 -12.88 -9.65 1.00
CA PRO A 53 -11.45 -9.29 0.98
C PRO A 53 -10.85 -9.25 -0.45
N LEU A 54 -9.55 -8.93 -0.52
CA LEU A 54 -8.78 -8.96 -1.78
C LEU A 54 -8.10 -10.35 -1.94
N PRO A 55 -7.85 -10.82 -3.22
CA PRO A 55 -7.20 -12.14 -3.49
C PRO A 55 -5.74 -12.24 -2.93
N PRO A 56 -5.19 -13.49 -2.74
CA PRO A 56 -3.80 -13.72 -2.29
C PRO A 56 -2.72 -13.15 -3.25
N ASP A 57 -3.14 -12.79 -4.49
CA ASP A 57 -2.27 -12.09 -5.45
C ASP A 57 -1.97 -10.66 -4.97
N LEU A 58 -3.04 -9.93 -4.61
CA LEU A 58 -2.92 -8.56 -4.07
C LEU A 58 -2.36 -8.56 -2.64
N ARG A 59 -2.53 -9.70 -1.94
CA ARG A 59 -1.96 -9.92 -0.59
C ARG A 59 -0.43 -10.01 -0.68
N ARG A 60 0.07 -10.94 -1.53
CA ARG A 60 1.52 -11.17 -1.72
C ARG A 60 2.19 -9.87 -2.21
N ALA A 61 1.43 -9.13 -3.05
CA ALA A 61 1.84 -7.88 -3.65
C ALA A 61 2.21 -6.82 -2.59
N LEU A 62 1.18 -6.45 -1.81
CA LEU A 62 1.31 -5.44 -0.77
C LEU A 62 2.37 -5.82 0.27
N GLU A 63 2.33 -7.08 0.74
CA GLU A 63 3.25 -7.61 1.76
C GLU A 63 4.71 -7.68 1.25
N SER A 64 4.88 -7.89 -0.05
CA SER A 64 6.20 -7.89 -0.69
C SER A 64 6.81 -6.48 -0.67
N VAL A 65 5.94 -5.44 -0.73
CA VAL A 65 6.36 -4.04 -0.51
C VAL A 65 6.65 -3.78 0.99
N GLY A 66 5.79 -4.36 1.86
CA GLY A 66 5.86 -4.15 3.31
C GLY A 66 4.52 -3.72 3.90
N ILE A 67 3.55 -3.40 3.03
CA ILE A 67 2.19 -3.01 3.45
C ILE A 67 1.38 -4.28 3.71
N ASN A 68 0.88 -4.47 4.94
CA ASN A 68 -0.03 -5.60 5.21
C ASN A 68 -1.45 -5.20 4.71
N PRO A 69 -2.12 -6.04 3.86
CA PRO A 69 -3.51 -5.78 3.40
C PRO A 69 -4.57 -6.05 4.49
N PHE A 70 -4.45 -7.22 5.15
CA PHE A 70 -5.46 -7.75 6.06
C PHE A 70 -5.29 -7.17 7.48
N ILE A 71 -5.96 -6.04 7.70
CA ILE A 71 -6.05 -5.37 9.00
C ILE A 71 -7.35 -5.81 9.71
N PRO A 72 -7.28 -6.26 11.01
CA PRO A 72 -8.47 -6.63 11.81
C PRO A 72 -9.43 -5.45 12.06
N GLU A 73 -10.65 -5.83 12.47
CA GLU A 73 -11.79 -4.90 12.71
C GLU A 73 -11.61 -4.05 13.98
N GLU A 74 -10.57 -4.37 14.78
CA GLU A 74 -10.19 -3.56 15.96
C GLU A 74 -9.66 -2.15 15.54
N LEU A 75 -9.02 -2.07 14.35
CA LEU A 75 -8.65 -0.76 13.71
C LEU A 75 -9.87 -0.20 12.93
N SER A 76 -10.87 -1.06 12.69
CA SER A 76 -12.15 -0.73 12.01
C SER A 76 -11.95 -0.34 10.52
N LEU A 77 -10.77 -0.72 9.97
CA LEU A 77 -10.31 -0.32 8.62
C LEU A 77 -10.22 1.22 8.50
N VAL A 78 -9.95 1.88 9.65
CA VAL A 78 -9.70 3.32 9.72
C VAL A 78 -8.18 3.55 9.85
N ASP A 79 -7.58 2.93 10.88
CA ASP A 79 -6.17 3.13 11.24
C ASP A 79 -5.22 2.21 10.42
N HIS A 80 -5.72 1.67 9.30
CA HIS A 80 -4.94 0.74 8.42
C HIS A 80 -3.95 1.52 7.50
N PRO A 81 -2.72 0.96 7.20
CA PRO A 81 -1.74 1.59 6.26
C PRO A 81 -2.26 1.57 4.80
N VAL A 82 -3.22 0.66 4.56
CA VAL A 82 -3.92 0.48 3.27
C VAL A 82 -4.81 1.71 2.93
N LEU A 83 -5.02 2.62 3.92
CA LEU A 83 -5.76 3.88 3.72
C LEU A 83 -5.00 4.77 2.73
N ASN A 84 -3.74 5.11 3.08
CA ASN A 84 -2.88 6.01 2.30
C ASN A 84 -2.54 5.38 0.94
N PHE A 85 -2.48 4.04 0.92
CA PHE A 85 -2.27 3.27 -0.30
C PHE A 85 -3.45 3.48 -1.27
N SER A 86 -4.66 3.18 -0.78
CA SER A 86 -5.92 3.36 -1.52
C SER A 86 -6.11 4.82 -1.97
N ALA A 87 -5.66 5.75 -1.10
CA ALA A 87 -5.76 7.20 -1.31
C ALA A 87 -4.95 7.63 -2.54
N ALA A 88 -3.65 7.27 -2.53
CA ALA A 88 -2.71 7.58 -3.62
C ALA A 88 -3.11 6.88 -4.92
N LEU A 89 -3.60 5.64 -4.77
CA LEU A 89 -4.02 4.78 -5.88
C LEU A 89 -5.22 5.38 -6.65
N ASN A 90 -6.28 5.71 -5.92
CA ASN A 90 -7.56 6.16 -6.53
C ASN A 90 -7.39 7.58 -7.11
N ARG A 91 -6.60 8.43 -6.41
CA ARG A 91 -6.34 9.82 -6.86
C ARG A 91 -5.42 9.83 -8.09
N MET A 92 -4.53 8.80 -8.18
CA MET A 92 -3.61 8.64 -9.33
C MET A 92 -4.38 8.29 -10.61
N LEU A 93 -5.22 7.23 -10.54
CA LEU A 93 -5.95 6.73 -11.71
C LEU A 93 -7.07 7.71 -12.14
N ALA A 94 -7.57 8.50 -11.17
CA ALA A 94 -8.49 9.62 -11.46
C ALA A 94 -7.74 10.74 -12.21
N SER A 95 -6.52 11.06 -11.73
CA SER A 95 -5.66 12.10 -12.34
C SER A 95 -5.24 11.73 -13.79
N ARG A 96 -5.25 10.42 -14.10
CA ARG A 96 -4.91 9.89 -15.43
C ARG A 96 -6.02 10.14 -16.49
N GLN A 97 -7.25 10.50 -16.04
CA GLN A 97 -8.39 10.69 -16.96
C GLN A 97 -9.54 11.50 -16.30
N THR A 98 -10.12 10.93 -15.23
CA THR A 98 -11.38 11.42 -14.61
C THR A 98 -11.12 12.46 -13.48
N THR A 99 -10.09 13.31 -13.69
CA THR A 99 -9.62 14.31 -12.71
C THR A 99 -10.67 15.44 -12.53
N THR A 100 -11.54 15.28 -11.51
CA THR A 100 -12.65 16.20 -11.23
C THR A 100 -12.16 17.45 -10.46
N ASN A 101 -11.75 18.48 -11.22
CA ASN A 101 -11.27 19.77 -10.66
C ASN A 101 -12.29 20.87 -11.02
N GLN A 1 38.20 5.28 15.82
CA GLN A 1 37.16 6.30 16.14
C GLN A 1 36.30 6.59 14.90
N GLY A 2 35.03 6.98 15.13
CA GLY A 2 34.11 7.32 14.05
C GLY A 2 33.38 6.10 13.49
N LEU A 3 32.83 5.27 14.39
CA LEU A 3 32.05 4.06 14.05
C LEU A 3 30.55 4.41 13.97
N ASP A 4 30.22 5.41 13.12
CA ASP A 4 28.83 5.93 12.97
C ASP A 4 27.90 4.92 12.27
N LEU A 5 28.49 3.79 11.79
CA LEU A 5 27.76 2.66 11.17
C LEU A 5 26.53 2.25 12.01
N GLU A 6 26.70 2.24 13.35
CA GLU A 6 25.67 1.83 14.33
C GLU A 6 24.40 2.70 14.19
N SER A 7 24.62 4.03 14.17
CA SER A 7 23.54 5.03 14.05
C SER A 7 22.93 5.00 12.64
N ALA A 8 23.79 4.75 11.63
CA ALA A 8 23.42 4.75 10.22
C ALA A 8 22.43 3.61 9.89
N ARG A 9 22.72 2.41 10.41
CA ARG A 9 21.94 1.19 10.13
C ARG A 9 20.60 1.17 10.89
N LEU A 10 20.57 1.73 12.13
CA LEU A 10 19.33 1.75 12.95
C LEU A 10 18.36 2.78 12.37
N ALA A 11 18.91 3.93 11.92
CA ALA A 11 18.13 5.02 11.30
C ALA A 11 17.59 4.60 9.92
N SER A 12 18.27 3.63 9.28
CA SER A 12 17.87 3.09 7.98
C SER A 12 16.66 2.15 8.13
N ALA A 13 16.84 1.08 8.93
CA ALA A 13 15.88 -0.03 9.06
C ALA A 13 14.59 0.40 9.80
N ALA A 14 14.77 1.08 10.95
CA ALA A 14 13.64 1.46 11.84
C ALA A 14 12.71 2.50 11.19
N ARG A 15 13.26 3.28 10.24
CA ARG A 15 12.50 4.31 9.49
C ARG A 15 11.84 3.70 8.22
N HIS A 16 12.41 2.59 7.73
CA HIS A 16 11.97 1.95 6.46
C HIS A 16 10.73 1.04 6.67
N ASN A 17 9.54 1.70 6.75
CA ASN A 17 8.19 1.10 6.58
C ASN A 17 7.13 2.11 7.09
N HIS A 18 7.01 3.24 6.35
CA HIS A 18 5.96 4.28 6.57
C HIS A 18 6.12 5.44 5.57
N SER A 19 5.21 6.43 5.70
CA SER A 19 5.16 7.66 4.87
C SER A 19 4.57 7.37 3.46
N ALA A 20 4.17 8.45 2.76
CA ALA A 20 3.59 8.36 1.40
C ALA A 20 4.60 7.83 0.37
N ASN A 21 5.91 7.88 0.73
CA ASN A 21 7.00 7.32 -0.09
C ASN A 21 6.83 5.79 -0.24
N GLN A 22 6.50 5.12 0.87
CA GLN A 22 6.29 3.65 0.93
C GLN A 22 4.99 3.26 0.16
N THR A 23 4.04 4.21 0.12
CA THR A 23 2.79 4.08 -0.64
C THR A 23 3.05 4.11 -2.17
N ASN A 24 3.76 5.16 -2.65
CA ASN A 24 4.10 5.32 -4.09
C ASN A 24 5.03 4.18 -4.53
N GLU A 25 5.89 3.75 -3.58
CA GLU A 25 6.70 2.55 -3.72
C GLU A 25 5.80 1.34 -4.02
N ALA A 26 4.78 1.12 -3.17
CA ALA A 26 3.88 -0.04 -3.29
C ALA A 26 3.11 -0.05 -4.61
N LEU A 27 2.68 1.13 -5.07
CA LEU A 27 1.97 1.29 -6.37
C LEU A 27 2.85 0.80 -7.53
N ARG A 28 4.05 1.42 -7.66
CA ARG A 28 5.01 1.12 -8.74
C ARG A 28 5.53 -0.34 -8.62
N ARG A 29 5.64 -0.84 -7.36
CA ARG A 29 6.04 -2.22 -7.04
C ARG A 29 5.12 -3.22 -7.74
N LEU A 30 3.80 -3.11 -7.43
CA LEU A 30 2.78 -3.99 -7.97
C LEU A 30 2.73 -3.90 -9.50
N THR A 31 2.98 -2.68 -10.04
CA THR A 31 3.02 -2.45 -11.49
C THR A 31 4.18 -3.25 -12.16
N GLN A 32 5.35 -3.32 -11.46
CA GLN A 32 6.55 -4.05 -11.97
C GLN A 32 6.43 -5.55 -11.63
N GLU A 33 5.59 -5.87 -10.64
CA GLU A 33 5.31 -7.22 -10.16
C GLU A 33 4.35 -7.91 -11.17
N GLY A 34 3.59 -7.08 -11.92
CA GLY A 34 2.74 -7.56 -13.02
C GLY A 34 1.27 -7.31 -12.77
N VAL A 35 0.96 -6.72 -11.61
CA VAL A 35 -0.42 -6.36 -11.23
C VAL A 35 -0.81 -5.05 -11.94
N ASP A 36 -1.88 -5.11 -12.76
CA ASP A 36 -2.43 -3.93 -13.46
C ASP A 36 -2.96 -2.93 -12.43
N MET A 37 -2.67 -1.63 -12.65
CA MET A 37 -3.08 -0.53 -11.73
C MET A 37 -4.61 -0.52 -11.50
N GLU A 38 -5.36 -0.80 -12.58
CA GLU A 38 -6.83 -0.80 -12.57
C GLU A 38 -7.40 -2.02 -11.82
N ARG A 39 -6.83 -3.20 -12.09
CA ARG A 39 -7.26 -4.49 -11.47
C ARG A 39 -6.97 -4.45 -9.97
N LEU A 40 -5.81 -3.87 -9.65
CA LEU A 40 -5.38 -3.53 -8.31
C LEU A 40 -6.41 -2.61 -7.63
N ARG A 41 -6.76 -1.47 -8.28
CA ARG A 41 -7.63 -0.43 -7.66
C ARG A 41 -9.06 -0.95 -7.41
N THR A 42 -9.56 -1.77 -8.33
CA THR A 42 -10.90 -2.35 -8.24
C THR A 42 -10.96 -3.38 -7.09
N SER A 43 -9.97 -4.28 -7.03
CA SER A 43 -9.87 -5.32 -5.98
C SER A 43 -9.61 -4.69 -4.58
N LEU A 44 -8.85 -3.59 -4.57
CA LEU A 44 -8.43 -2.89 -3.35
C LEU A 44 -9.66 -2.16 -2.75
N GLY A 45 -10.35 -1.40 -3.62
CA GLY A 45 -11.54 -0.63 -3.24
C GLY A 45 -12.72 -1.54 -2.90
N ARG A 46 -12.75 -2.75 -3.50
CA ARG A 46 -13.75 -3.78 -3.21
C ARG A 46 -13.67 -4.22 -1.74
N TYR A 47 -12.43 -4.40 -1.27
CA TYR A 47 -12.14 -4.87 0.09
C TYR A 47 -12.53 -3.82 1.14
N ILE A 48 -12.48 -2.53 0.77
CA ILE A 48 -12.76 -1.41 1.69
C ILE A 48 -14.26 -1.06 1.71
N MET A 49 -14.84 -0.87 0.51
CA MET A 49 -16.25 -0.42 0.35
C MET A 49 -17.25 -1.56 0.59
N SER A 50 -16.76 -2.81 0.58
CA SER A 50 -17.58 -4.01 0.82
C SER A 50 -16.85 -4.98 1.77
N LEU A 51 -17.58 -6.03 2.21
CA LEU A 51 -17.03 -7.08 3.10
C LEU A 51 -16.30 -8.18 2.28
N GLU A 52 -16.24 -7.99 0.96
CA GLU A 52 -15.66 -8.95 0.01
C GLU A 52 -14.12 -8.89 0.02
N PRO A 53 -13.40 -10.06 -0.03
CA PRO A 53 -11.93 -10.07 -0.02
C PRO A 53 -11.31 -9.79 -1.41
N LEU A 54 -10.12 -9.16 -1.39
CA LEU A 54 -9.25 -9.02 -2.57
C LEU A 54 -8.56 -10.39 -2.87
N PRO A 55 -8.14 -10.70 -4.14
CA PRO A 55 -7.49 -11.98 -4.48
C PRO A 55 -6.09 -12.13 -3.82
N PRO A 56 -5.62 -13.41 -3.57
CA PRO A 56 -4.31 -13.72 -2.95
C PRO A 56 -3.11 -13.15 -3.74
N ASP A 57 -3.31 -12.86 -5.05
CA ASP A 57 -2.33 -12.17 -5.91
C ASP A 57 -2.04 -10.76 -5.36
N LEU A 58 -3.14 -10.00 -5.19
CA LEU A 58 -3.08 -8.63 -4.65
C LEU A 58 -2.55 -8.62 -3.21
N ARG A 59 -2.94 -9.65 -2.43
CA ARG A 59 -2.51 -9.79 -1.03
C ARG A 59 -0.99 -9.95 -0.93
N ARG A 60 -0.45 -11.00 -1.61
CA ARG A 60 0.99 -11.35 -1.56
C ARG A 60 1.86 -10.19 -2.06
N ALA A 61 1.34 -9.47 -3.07
CA ALA A 61 2.01 -8.31 -3.68
C ALA A 61 2.20 -7.19 -2.63
N LEU A 62 1.08 -6.82 -1.98
CA LEU A 62 1.06 -5.78 -0.93
C LEU A 62 1.98 -6.14 0.25
N GLU A 63 1.82 -7.36 0.77
CA GLU A 63 2.59 -7.90 1.91
C GLU A 63 4.10 -7.93 1.60
N SER A 64 4.42 -8.20 0.32
CA SER A 64 5.80 -8.25 -0.18
C SER A 64 6.46 -6.86 -0.12
N VAL A 65 5.66 -5.79 -0.37
CA VAL A 65 6.14 -4.40 -0.21
C VAL A 65 6.28 -4.02 1.29
N GLY A 66 5.30 -4.44 2.11
CA GLY A 66 5.28 -4.08 3.55
C GLY A 66 3.93 -3.50 3.99
N ILE A 67 2.90 -3.59 3.12
CA ILE A 67 1.51 -3.21 3.44
C ILE A 67 0.64 -4.47 3.56
N ASN A 68 0.16 -4.80 4.75
CA ASN A 68 -0.72 -5.97 4.93
C ASN A 68 -2.17 -5.52 4.61
N PRO A 69 -2.88 -6.20 3.65
CA PRO A 69 -4.29 -5.86 3.31
C PRO A 69 -5.31 -6.26 4.40
N PHE A 70 -5.04 -7.36 5.12
CA PHE A 70 -5.98 -7.92 6.12
C PHE A 70 -5.67 -7.38 7.52
N ILE A 71 -6.33 -6.28 7.87
CA ILE A 71 -6.18 -5.63 9.19
C ILE A 71 -7.32 -6.08 10.14
N PRO A 72 -7.00 -6.46 11.42
CA PRO A 72 -8.02 -6.79 12.44
C PRO A 72 -8.90 -5.57 12.85
N GLU A 73 -9.98 -5.90 13.56
CA GLU A 73 -11.05 -4.95 13.95
C GLU A 73 -10.62 -3.98 15.07
N GLU A 74 -9.43 -4.20 15.64
CA GLU A 74 -8.83 -3.31 16.66
C GLU A 74 -8.47 -1.93 16.05
N LEU A 75 -8.07 -1.91 14.76
CA LEU A 75 -7.90 -0.65 14.00
C LEU A 75 -9.25 -0.21 13.41
N SER A 76 -10.18 -1.18 13.26
CA SER A 76 -11.53 -0.99 12.65
C SER A 76 -11.41 -0.57 11.17
N LEU A 77 -10.26 -0.93 10.54
CA LEU A 77 -9.91 -0.55 9.15
C LEU A 77 -9.81 0.99 8.99
N VAL A 78 -9.51 1.71 10.10
CA VAL A 78 -9.40 3.17 10.08
C VAL A 78 -7.94 3.54 9.79
N ASP A 79 -7.05 3.42 10.79
CA ASP A 79 -5.63 3.82 10.65
C ASP A 79 -4.80 2.62 10.12
N HIS A 80 -5.22 2.11 8.95
CA HIS A 80 -4.58 0.94 8.30
C HIS A 80 -3.74 1.43 7.11
N PRO A 81 -2.60 0.74 6.74
CA PRO A 81 -1.68 1.23 5.66
C PRO A 81 -2.30 1.16 4.25
N VAL A 82 -3.45 0.49 4.16
CA VAL A 82 -4.23 0.32 2.94
C VAL A 82 -5.07 1.58 2.64
N LEU A 83 -5.17 2.51 3.63
CA LEU A 83 -5.93 3.77 3.49
C LEU A 83 -5.25 4.68 2.46
N ASN A 84 -4.05 5.16 2.84
CA ASN A 84 -3.26 6.13 2.05
C ASN A 84 -2.79 5.48 0.73
N PHE A 85 -2.66 4.14 0.76
CA PHE A 85 -2.39 3.34 -0.44
C PHE A 85 -3.54 3.51 -1.46
N SER A 86 -4.76 3.16 -1.02
CA SER A 86 -5.98 3.30 -1.84
C SER A 86 -6.20 4.75 -2.30
N ALA A 87 -5.87 5.72 -1.42
CA ALA A 87 -6.05 7.16 -1.65
C ALA A 87 -5.21 7.62 -2.85
N ALA A 88 -3.89 7.36 -2.77
CA ALA A 88 -2.92 7.70 -3.83
C ALA A 88 -3.23 6.95 -5.13
N LEU A 89 -3.70 5.71 -4.98
CA LEU A 89 -4.04 4.80 -6.08
C LEU A 89 -5.22 5.33 -6.93
N ASN A 90 -6.35 5.64 -6.25
CA ASN A 90 -7.59 6.03 -6.94
C ASN A 90 -7.43 7.44 -7.55
N ARG A 91 -6.74 8.35 -6.83
CA ARG A 91 -6.53 9.73 -7.29
C ARG A 91 -5.55 9.76 -8.49
N MET A 92 -4.59 8.81 -8.50
CA MET A 92 -3.62 8.63 -9.60
C MET A 92 -4.34 8.26 -10.90
N LEU A 93 -5.18 7.22 -10.82
CA LEU A 93 -5.92 6.71 -11.99
C LEU A 93 -7.01 7.71 -12.44
N ALA A 94 -7.60 8.43 -11.47
CA ALA A 94 -8.59 9.49 -11.73
C ALA A 94 -7.93 10.69 -12.43
N SER A 95 -6.66 10.93 -12.08
CA SER A 95 -5.84 11.98 -12.70
C SER A 95 -5.50 11.59 -14.16
N ARG A 96 -5.26 10.29 -14.38
CA ARG A 96 -4.94 9.72 -15.72
C ARG A 96 -6.18 9.74 -16.65
N GLN A 97 -7.36 9.47 -16.06
CA GLN A 97 -8.63 9.34 -16.81
C GLN A 97 -9.59 10.48 -16.44
N THR A 98 -9.48 11.59 -17.22
CA THR A 98 -10.26 12.83 -17.04
C THR A 98 -10.23 13.35 -15.58
N THR A 99 -9.12 14.02 -15.23
CA THR A 99 -8.92 14.61 -13.89
C THR A 99 -9.95 15.74 -13.63
N THR A 100 -10.84 15.50 -12.66
CA THR A 100 -11.91 16.45 -12.26
C THR A 100 -11.82 16.74 -10.75
N ASN A 101 -12.31 17.91 -10.35
CA ASN A 101 -12.37 18.34 -8.94
C ASN A 101 -13.71 17.86 -8.33
N GLN A 1 36.81 19.86 -0.36
CA GLN A 1 37.00 18.98 -1.55
C GLN A 1 36.42 17.60 -1.24
N GLY A 2 35.67 17.02 -2.20
CA GLY A 2 35.03 15.71 -2.02
C GLY A 2 33.91 15.74 -1.00
N LEU A 3 33.06 16.79 -1.08
CA LEU A 3 31.94 16.99 -0.17
C LEU A 3 30.74 16.12 -0.62
N ASP A 4 30.43 15.07 0.16
CA ASP A 4 29.45 14.02 -0.21
C ASP A 4 28.09 14.22 0.47
N LEU A 5 27.71 15.47 0.82
CA LEU A 5 26.38 15.76 1.45
C LEU A 5 25.22 15.41 0.47
N GLU A 6 25.45 15.70 -0.82
CA GLU A 6 24.50 15.36 -1.90
C GLU A 6 24.30 13.83 -1.99
N SER A 7 25.44 13.12 -1.94
CA SER A 7 25.51 11.66 -2.09
C SER A 7 24.92 10.94 -0.84
N ALA A 8 25.12 11.56 0.34
CA ALA A 8 24.78 10.97 1.64
C ALA A 8 23.27 11.02 1.90
N ARG A 9 22.62 12.10 1.45
CA ARG A 9 21.17 12.33 1.70
C ARG A 9 20.29 11.36 0.87
N LEU A 10 20.70 11.09 -0.39
CA LEU A 10 19.97 10.14 -1.27
C LEU A 10 20.25 8.69 -0.84
N ALA A 11 21.45 8.48 -0.26
CA ALA A 11 21.85 7.19 0.32
C ALA A 11 21.04 6.89 1.62
N SER A 12 20.75 7.96 2.38
CA SER A 12 19.91 7.89 3.59
C SER A 12 18.43 7.73 3.21
N ALA A 13 18.04 8.32 2.05
CA ALA A 13 16.69 8.19 1.47
C ALA A 13 16.46 6.77 0.93
N ALA A 14 17.57 6.08 0.58
CA ALA A 14 17.54 4.67 0.12
C ALA A 14 17.12 3.72 1.25
N ARG A 15 17.16 4.21 2.51
CA ARG A 15 16.60 3.49 3.67
C ARG A 15 15.14 3.95 3.87
N HIS A 16 14.21 3.28 3.16
CA HIS A 16 12.77 3.62 3.14
C HIS A 16 11.94 2.37 3.52
N ASN A 17 11.02 2.54 4.49
CA ASN A 17 10.13 1.45 4.97
C ASN A 17 8.77 2.01 5.41
N HIS A 18 8.79 3.14 6.15
CA HIS A 18 7.57 3.84 6.62
C HIS A 18 7.59 5.27 6.06
N SER A 19 6.60 5.58 5.18
CA SER A 19 6.47 6.88 4.50
C SER A 19 5.25 6.89 3.55
N ALA A 20 4.85 8.10 3.10
CA ALA A 20 3.91 8.26 1.96
C ALA A 20 4.63 7.94 0.64
N ASN A 21 5.98 7.90 0.70
CA ASN A 21 6.84 7.35 -0.37
C ASN A 21 6.55 5.85 -0.55
N GLN A 22 6.41 5.13 0.60
CA GLN A 22 6.14 3.68 0.60
C GLN A 22 4.83 3.36 -0.12
N THR A 23 3.87 4.29 -0.03
CA THR A 23 2.58 4.21 -0.72
C THR A 23 2.75 4.18 -2.26
N ASN A 24 3.48 5.18 -2.80
CA ASN A 24 3.66 5.37 -4.26
C ASN A 24 4.61 4.30 -4.84
N GLU A 25 5.64 3.95 -4.03
CA GLU A 25 6.59 2.90 -4.35
C GLU A 25 5.85 1.57 -4.40
N ALA A 26 4.84 1.39 -3.53
CA ALA A 26 3.97 0.20 -3.51
C ALA A 26 3.16 0.09 -4.80
N LEU A 27 2.60 1.23 -5.24
CA LEU A 27 1.84 1.31 -6.52
C LEU A 27 2.68 0.78 -7.70
N ARG A 28 3.88 1.38 -7.88
CA ARG A 28 4.81 0.97 -8.97
C ARG A 28 5.37 -0.46 -8.74
N ARG A 29 5.60 -0.86 -7.46
CA ARG A 29 6.04 -2.23 -7.08
C ARG A 29 5.09 -3.27 -7.67
N LEU A 30 3.77 -3.05 -7.47
CA LEU A 30 2.73 -3.96 -7.92
C LEU A 30 2.68 -3.99 -9.45
N THR A 31 2.84 -2.80 -10.07
CA THR A 31 2.84 -2.65 -11.53
C THR A 31 3.99 -3.47 -12.18
N GLN A 32 5.17 -3.50 -11.51
CA GLN A 32 6.38 -4.15 -12.06
C GLN A 32 6.43 -5.64 -11.71
N GLU A 33 5.74 -6.05 -10.61
CA GLU A 33 5.72 -7.46 -10.18
C GLU A 33 4.77 -8.27 -11.10
N GLY A 34 3.73 -7.61 -11.64
CA GLY A 34 2.79 -8.27 -12.56
C GLY A 34 1.32 -7.91 -12.33
N VAL A 35 1.04 -7.09 -11.31
CA VAL A 35 -0.34 -6.58 -11.06
C VAL A 35 -0.59 -5.33 -11.91
N ASP A 36 -1.79 -5.24 -12.52
CA ASP A 36 -2.18 -4.07 -13.35
C ASP A 36 -2.85 -3.01 -12.48
N MET A 37 -2.54 -1.73 -12.74
CA MET A 37 -2.99 -0.58 -11.91
C MET A 37 -4.52 -0.53 -11.74
N GLU A 38 -5.25 -0.74 -12.85
CA GLU A 38 -6.72 -0.66 -12.90
C GLU A 38 -7.38 -1.82 -12.15
N ARG A 39 -6.83 -3.04 -12.33
CA ARG A 39 -7.36 -4.28 -11.71
C ARG A 39 -7.06 -4.30 -10.21
N LEU A 40 -5.93 -3.70 -9.87
CA LEU A 40 -5.51 -3.42 -8.50
C LEU A 40 -6.50 -2.46 -7.83
N ARG A 41 -6.85 -1.37 -8.53
CA ARG A 41 -7.78 -0.33 -8.01
C ARG A 41 -9.22 -0.89 -7.88
N THR A 42 -9.56 -1.87 -8.74
CA THR A 42 -10.84 -2.60 -8.67
C THR A 42 -10.89 -3.43 -7.36
N SER A 43 -9.91 -4.33 -7.20
CA SER A 43 -9.84 -5.30 -6.06
C SER A 43 -9.66 -4.58 -4.71
N LEU A 44 -8.92 -3.46 -4.74
CA LEU A 44 -8.61 -2.64 -3.55
C LEU A 44 -9.86 -1.82 -3.16
N GLY A 45 -10.57 -1.33 -4.20
CA GLY A 45 -11.86 -0.66 -4.04
C GLY A 45 -12.90 -1.58 -3.40
N ARG A 46 -12.87 -2.86 -3.80
CA ARG A 46 -13.79 -3.90 -3.28
C ARG A 46 -13.52 -4.26 -1.80
N TYR A 47 -12.29 -3.95 -1.34
CA TYR A 47 -11.87 -4.15 0.06
C TYR A 47 -12.43 -3.06 1.00
N ILE A 48 -12.63 -1.82 0.47
CA ILE A 48 -13.09 -0.65 1.28
C ILE A 48 -14.60 -0.38 1.07
N MET A 49 -15.02 -0.29 -0.21
CA MET A 49 -16.44 -0.04 -0.61
C MET A 49 -17.36 -1.16 -0.11
N SER A 50 -16.83 -2.39 -0.13
CA SER A 50 -17.51 -3.60 0.38
C SER A 50 -16.54 -4.40 1.26
N LEU A 51 -17.03 -5.48 1.89
CA LEU A 51 -16.16 -6.41 2.64
C LEU A 51 -15.93 -7.64 1.75
N GLU A 52 -15.13 -7.47 0.69
CA GLU A 52 -14.75 -8.55 -0.24
C GLU A 52 -13.27 -8.92 -0.02
N PRO A 53 -12.94 -10.25 0.15
CA PRO A 53 -11.55 -10.70 0.32
C PRO A 53 -10.78 -10.62 -1.02
N LEU A 54 -9.91 -9.60 -1.15
CA LEU A 54 -9.06 -9.40 -2.34
C LEU A 54 -8.19 -10.66 -2.62
N PRO A 55 -7.87 -10.96 -3.93
CA PRO A 55 -7.20 -12.23 -4.31
C PRO A 55 -5.78 -12.36 -3.70
N PRO A 56 -5.24 -13.63 -3.57
CA PRO A 56 -3.85 -13.86 -3.09
C PRO A 56 -2.80 -13.13 -3.95
N ASP A 57 -3.18 -12.77 -5.18
CA ASP A 57 -2.39 -11.90 -6.09
C ASP A 57 -2.10 -10.54 -5.41
N LEU A 58 -3.21 -9.82 -5.09
CA LEU A 58 -3.14 -8.51 -4.42
C LEU A 58 -2.58 -8.64 -3.00
N ARG A 59 -2.88 -9.78 -2.34
CA ARG A 59 -2.49 -10.03 -0.95
C ARG A 59 -0.96 -10.09 -0.84
N ARG A 60 -0.35 -11.02 -1.63
CA ARG A 60 1.12 -11.23 -1.66
C ARG A 60 1.85 -9.94 -2.07
N ALA A 61 1.26 -9.21 -3.05
CA ALA A 61 1.87 -8.01 -3.66
C ALA A 61 2.06 -6.91 -2.60
N LEU A 62 0.95 -6.62 -1.89
CA LEU A 62 0.93 -5.64 -0.79
C LEU A 62 1.95 -6.02 0.30
N GLU A 63 1.84 -7.27 0.79
CA GLU A 63 2.71 -7.83 1.85
C GLU A 63 4.20 -7.75 1.46
N SER A 64 4.47 -7.94 0.16
CA SER A 64 5.83 -7.97 -0.41
C SER A 64 6.47 -6.57 -0.37
N VAL A 65 5.64 -5.50 -0.51
CA VAL A 65 6.13 -4.11 -0.31
C VAL A 65 6.34 -3.82 1.21
N GLY A 66 5.38 -4.26 2.03
CA GLY A 66 5.38 -3.99 3.48
C GLY A 66 4.05 -3.43 3.98
N ILE A 67 2.99 -3.58 3.17
CA ILE A 67 1.61 -3.20 3.55
C ILE A 67 0.78 -4.48 3.70
N ASN A 68 0.30 -4.79 4.90
CA ASN A 68 -0.60 -5.95 5.08
C ASN A 68 -2.04 -5.53 4.71
N PRO A 69 -2.79 -6.31 3.86
CA PRO A 69 -4.22 -6.03 3.54
C PRO A 69 -5.18 -6.28 4.74
N PHE A 70 -5.11 -7.49 5.33
CA PHE A 70 -6.10 -7.95 6.34
C PHE A 70 -5.74 -7.42 7.75
N ILE A 71 -6.33 -6.27 8.09
CA ILE A 71 -6.16 -5.62 9.42
C ILE A 71 -7.29 -6.07 10.37
N PRO A 72 -6.99 -6.31 11.69
CA PRO A 72 -8.03 -6.64 12.71
C PRO A 72 -8.88 -5.40 13.10
N GLU A 73 -10.04 -5.67 13.69
CA GLU A 73 -11.06 -4.64 13.97
C GLU A 73 -10.75 -3.82 15.24
N GLU A 74 -9.58 -4.05 15.84
CA GLU A 74 -9.06 -3.20 16.93
C GLU A 74 -8.61 -1.83 16.36
N LEU A 75 -8.11 -1.81 15.10
CA LEU A 75 -7.86 -0.55 14.33
C LEU A 75 -9.18 0.00 13.76
N SER A 76 -10.23 -0.86 13.76
CA SER A 76 -11.57 -0.59 13.21
C SER A 76 -11.52 -0.34 11.69
N LEU A 77 -10.45 -0.87 11.03
CA LEU A 77 -10.18 -0.68 9.58
C LEU A 77 -10.00 0.81 9.22
N VAL A 78 -9.61 1.62 10.22
CA VAL A 78 -9.34 3.06 10.06
C VAL A 78 -7.83 3.30 9.90
N ASP A 79 -7.03 2.82 10.87
CA ASP A 79 -5.57 3.07 10.90
C ASP A 79 -4.79 2.03 10.04
N HIS A 80 -5.48 1.41 9.05
CA HIS A 80 -4.87 0.39 8.18
C HIS A 80 -3.95 1.08 7.14
N PRO A 81 -2.72 0.53 6.85
CA PRO A 81 -1.77 1.13 5.85
C PRO A 81 -2.33 1.10 4.40
N VAL A 82 -3.39 0.30 4.23
CA VAL A 82 -4.11 0.12 2.97
C VAL A 82 -4.95 1.39 2.62
N LEU A 83 -5.15 2.28 3.63
CA LEU A 83 -5.93 3.53 3.46
C LEU A 83 -5.14 4.49 2.55
N ASN A 84 -3.89 4.84 2.99
CA ASN A 84 -2.99 5.75 2.25
C ASN A 84 -2.73 5.21 0.83
N PHE A 85 -2.58 3.87 0.77
CA PHE A 85 -2.35 3.14 -0.47
C PHE A 85 -3.50 3.38 -1.46
N SER A 86 -4.74 3.09 -1.02
CA SER A 86 -5.96 3.22 -1.83
C SER A 86 -6.20 4.68 -2.24
N ALA A 87 -5.89 5.63 -1.32
CA ALA A 87 -6.11 7.07 -1.51
C ALA A 87 -5.28 7.58 -2.69
N ALA A 88 -3.96 7.31 -2.63
CA ALA A 88 -3.00 7.68 -3.67
C ALA A 88 -3.30 6.96 -4.99
N LEU A 89 -3.73 5.70 -4.88
CA LEU A 89 -4.06 4.83 -6.02
C LEU A 89 -5.21 5.40 -6.87
N ASN A 90 -6.35 5.70 -6.20
CA ASN A 90 -7.59 6.10 -6.89
C ASN A 90 -7.44 7.53 -7.46
N ARG A 91 -6.76 8.43 -6.70
CA ARG A 91 -6.52 9.83 -7.16
C ARG A 91 -5.50 9.86 -8.31
N MET A 92 -4.55 8.90 -8.30
CA MET A 92 -3.51 8.76 -9.33
C MET A 92 -4.15 8.42 -10.66
N LEU A 93 -4.99 7.37 -10.67
CA LEU A 93 -5.66 6.89 -11.90
C LEU A 93 -6.74 7.88 -12.38
N ALA A 94 -7.33 8.64 -11.43
CA ALA A 94 -8.27 9.74 -11.74
C ALA A 94 -7.54 10.90 -12.44
N SER A 95 -6.27 11.11 -12.06
CA SER A 95 -5.39 12.12 -12.68
C SER A 95 -4.92 11.64 -14.07
N ARG A 96 -4.61 10.32 -14.18
CA ARG A 96 -4.08 9.68 -15.41
C ARG A 96 -5.20 9.39 -16.44
N GLN A 97 -6.45 9.76 -16.08
CA GLN A 97 -7.64 9.60 -16.93
C GLN A 97 -8.38 10.94 -17.01
N THR A 98 -8.87 11.27 -18.22
CA THR A 98 -9.71 12.45 -18.43
C THR A 98 -11.11 12.20 -17.84
N THR A 99 -11.29 12.62 -16.58
CA THR A 99 -12.57 12.50 -15.87
C THR A 99 -13.49 13.70 -16.20
N THR A 100 -12.93 14.93 -16.11
CA THR A 100 -13.63 16.21 -16.38
C THR A 100 -14.78 16.50 -15.37
N ASN A 101 -14.91 17.79 -14.99
CA ASN A 101 -15.96 18.27 -14.06
C ASN A 101 -16.62 19.55 -14.62
N GLN A 1 31.83 -13.50 10.72
CA GLN A 1 32.24 -12.52 11.74
C GLN A 1 32.23 -11.09 11.14
N GLY A 2 31.64 -10.12 11.87
CA GLY A 2 31.62 -8.71 11.46
C GLY A 2 30.41 -8.33 10.60
N LEU A 3 29.79 -9.33 9.95
CA LEU A 3 28.57 -9.12 9.14
C LEU A 3 27.35 -8.97 10.07
N ASP A 4 26.97 -7.71 10.34
CA ASP A 4 25.87 -7.38 11.26
C ASP A 4 24.49 -7.62 10.61
N LEU A 5 23.98 -8.85 10.76
CA LEU A 5 22.61 -9.22 10.38
C LEU A 5 21.62 -8.66 11.42
N GLU A 6 21.98 -8.85 12.71
CA GLU A 6 21.12 -8.52 13.84
C GLU A 6 20.87 -7.01 13.94
N SER A 7 21.96 -6.22 13.85
CA SER A 7 21.90 -4.74 13.91
C SER A 7 20.96 -4.14 12.82
N ALA A 8 20.89 -4.82 11.66
CA ALA A 8 20.04 -4.40 10.54
C ALA A 8 18.55 -4.72 10.80
N ARG A 9 18.27 -5.99 11.15
CA ARG A 9 16.89 -6.51 11.29
C ARG A 9 16.15 -5.89 12.50
N LEU A 10 16.87 -5.63 13.62
CA LEU A 10 16.27 -5.03 14.83
C LEU A 10 15.91 -3.56 14.58
N ALA A 11 16.67 -2.90 13.69
CA ALA A 11 16.45 -1.49 13.30
C ALA A 11 15.17 -1.34 12.47
N SER A 12 14.83 -2.40 11.73
CA SER A 12 13.56 -2.49 10.98
C SER A 12 12.39 -2.72 11.97
N ALA A 13 12.63 -3.62 12.94
CA ALA A 13 11.65 -3.98 13.99
C ALA A 13 11.50 -2.87 15.05
N ALA A 14 12.43 -1.90 15.04
CA ALA A 14 12.44 -0.78 15.99
C ALA A 14 11.21 0.12 15.81
N ARG A 15 10.78 0.28 14.54
CA ARG A 15 9.61 1.11 14.12
C ARG A 15 9.88 2.62 14.37
N HIS A 16 9.13 3.48 13.65
CA HIS A 16 9.24 4.95 13.81
C HIS A 16 8.01 5.62 13.19
N ASN A 17 7.89 5.54 11.86
CA ASN A 17 6.76 6.09 11.10
C ASN A 17 6.76 5.52 9.67
N HIS A 18 5.57 5.29 9.11
CA HIS A 18 5.42 4.89 7.70
C HIS A 18 5.51 6.14 6.81
N SER A 19 6.30 6.06 5.74
CA SER A 19 6.50 7.17 4.79
C SER A 19 5.47 7.10 3.65
N ALA A 20 5.23 8.26 3.00
CA ALA A 20 4.39 8.36 1.79
C ALA A 20 5.11 7.76 0.57
N ASN A 21 6.44 7.56 0.72
CA ASN A 21 7.27 6.87 -0.29
C ASN A 21 6.87 5.40 -0.42
N GLN A 22 6.45 4.77 0.72
CA GLN A 22 5.97 3.35 0.73
C GLN A 22 4.72 3.18 -0.15
N THR A 23 3.93 4.25 -0.25
CA THR A 23 2.68 4.28 -1.01
C THR A 23 2.95 4.27 -2.52
N ASN A 24 3.73 5.28 -2.99
CA ASN A 24 4.07 5.43 -4.43
C ASN A 24 4.94 4.25 -4.91
N GLU A 25 5.84 3.78 -4.01
CA GLU A 25 6.53 2.49 -4.15
C GLU A 25 5.50 1.41 -4.47
N ALA A 26 4.62 1.09 -3.50
CA ALA A 26 3.61 0.04 -3.60
C ALA A 26 2.81 0.08 -4.92
N LEU A 27 2.41 1.27 -5.37
CA LEU A 27 1.65 1.46 -6.63
C LEU A 27 2.46 0.93 -7.84
N ARG A 28 3.64 1.57 -8.08
CA ARG A 28 4.51 1.22 -9.22
C ARG A 28 5.07 -0.21 -9.06
N ARG A 29 5.24 -0.62 -7.79
CA ARG A 29 5.86 -1.89 -7.38
C ARG A 29 4.95 -3.04 -7.78
N LEU A 30 3.63 -2.89 -7.52
CA LEU A 30 2.63 -3.90 -7.90
C LEU A 30 2.58 -4.00 -9.43
N THR A 31 2.67 -2.84 -10.10
CA THR A 31 2.75 -2.79 -11.58
C THR A 31 3.98 -3.56 -12.12
N GLN A 32 5.12 -3.52 -11.36
CA GLN A 32 6.38 -4.21 -11.73
C GLN A 32 6.29 -5.71 -11.34
N GLU A 33 5.50 -5.99 -10.31
CA GLU A 33 5.32 -7.33 -9.71
C GLU A 33 4.33 -8.15 -10.58
N GLY A 34 3.54 -7.45 -11.41
CA GLY A 34 2.68 -8.10 -12.41
C GLY A 34 1.21 -7.74 -12.26
N VAL A 35 0.87 -7.03 -11.18
CA VAL A 35 -0.51 -6.62 -10.88
C VAL A 35 -0.88 -5.36 -11.69
N ASP A 36 -2.06 -5.41 -12.35
CA ASP A 36 -2.58 -4.27 -13.14
C ASP A 36 -3.14 -3.19 -12.22
N MET A 37 -2.93 -1.90 -12.58
CA MET A 37 -3.24 -0.74 -11.71
C MET A 37 -4.73 -0.65 -11.33
N GLU A 38 -5.61 -0.69 -12.34
CA GLU A 38 -7.06 -0.50 -12.15
C GLU A 38 -7.74 -1.76 -11.60
N ARG A 39 -7.15 -2.93 -11.90
CA ARG A 39 -7.59 -4.23 -11.32
C ARG A 39 -7.27 -4.27 -9.81
N LEU A 40 -6.07 -3.74 -9.49
CA LEU A 40 -5.61 -3.52 -8.10
C LEU A 40 -6.57 -2.55 -7.39
N ARG A 41 -6.94 -1.47 -8.09
CA ARG A 41 -7.81 -0.40 -7.55
C ARG A 41 -9.20 -0.94 -7.18
N THR A 42 -9.73 -1.81 -8.05
CA THR A 42 -11.04 -2.46 -7.84
C THR A 42 -10.99 -3.40 -6.63
N SER A 43 -9.98 -4.30 -6.60
CA SER A 43 -9.78 -5.29 -5.51
C SER A 43 -9.60 -4.59 -4.14
N LEU A 44 -8.87 -3.47 -4.17
CA LEU A 44 -8.51 -2.67 -2.99
C LEU A 44 -9.77 -1.95 -2.45
N GLY A 45 -10.52 -1.36 -3.39
CA GLY A 45 -11.75 -0.64 -3.08
C GLY A 45 -12.87 -1.55 -2.59
N ARG A 46 -12.87 -2.81 -3.06
CA ARG A 46 -13.84 -3.82 -2.60
C ARG A 46 -13.47 -4.36 -1.22
N TYR A 47 -12.17 -4.39 -0.89
CA TYR A 47 -11.70 -4.83 0.44
C TYR A 47 -12.23 -3.88 1.54
N ILE A 48 -12.21 -2.57 1.24
CA ILE A 48 -12.59 -1.53 2.20
C ILE A 48 -14.11 -1.24 2.13
N MET A 49 -14.55 -0.76 0.96
CA MET A 49 -15.89 -0.16 0.77
C MET A 49 -16.95 -1.19 0.36
N SER A 50 -16.59 -2.49 0.26
CA SER A 50 -17.52 -3.57 -0.10
C SER A 50 -17.23 -4.82 0.76
N LEU A 51 -17.92 -5.94 0.42
CA LEU A 51 -17.82 -7.21 1.19
C LEU A 51 -16.78 -8.17 0.59
N GLU A 52 -16.27 -7.84 -0.62
CA GLU A 52 -15.37 -8.71 -1.39
C GLU A 52 -13.90 -8.45 -0.99
N PRO A 53 -13.21 -9.38 -0.26
CA PRO A 53 -11.78 -9.22 0.08
C PRO A 53 -10.90 -9.31 -1.19
N LEU A 54 -9.78 -8.56 -1.18
CA LEU A 54 -8.80 -8.60 -2.29
C LEU A 54 -8.20 -10.03 -2.45
N PRO A 55 -7.93 -10.50 -3.71
CA PRO A 55 -7.39 -11.86 -3.96
C PRO A 55 -5.98 -12.05 -3.34
N PRO A 56 -5.52 -13.34 -3.12
CA PRO A 56 -4.18 -13.63 -2.58
C PRO A 56 -3.03 -13.07 -3.46
N ASP A 57 -3.36 -12.71 -4.72
CA ASP A 57 -2.46 -11.97 -5.64
C ASP A 57 -2.08 -10.60 -5.05
N LEU A 58 -3.12 -9.82 -4.68
CA LEU A 58 -2.96 -8.50 -4.06
C LEU A 58 -2.35 -8.62 -2.66
N ARG A 59 -2.59 -9.77 -2.01
CA ARG A 59 -2.06 -10.07 -0.67
C ARG A 59 -0.52 -10.18 -0.71
N ARG A 60 0.00 -11.11 -1.55
CA ARG A 60 1.47 -11.34 -1.69
C ARG A 60 2.17 -10.08 -2.20
N ALA A 61 1.50 -9.35 -3.11
CA ALA A 61 2.02 -8.13 -3.76
C ALA A 61 2.31 -7.03 -2.71
N LEU A 62 1.26 -6.69 -1.95
CA LEU A 62 1.31 -5.64 -0.93
C LEU A 62 2.28 -6.00 0.21
N GLU A 63 2.22 -7.27 0.68
CA GLU A 63 3.12 -7.77 1.75
C GLU A 63 4.59 -7.75 1.31
N SER A 64 4.81 -7.99 0.00
CA SER A 64 6.15 -7.97 -0.60
C SER A 64 6.71 -6.53 -0.64
N VAL A 65 5.79 -5.53 -0.71
CA VAL A 65 6.16 -4.11 -0.51
C VAL A 65 6.51 -3.86 0.96
N GLY A 66 5.66 -4.38 1.87
CA GLY A 66 5.74 -4.11 3.30
C GLY A 66 4.40 -3.65 3.89
N ILE A 67 3.42 -3.42 3.00
CA ILE A 67 2.06 -3.00 3.40
C ILE A 67 1.20 -4.26 3.55
N ASN A 68 0.88 -4.65 4.79
CA ASN A 68 -0.01 -5.80 5.01
C ASN A 68 -1.45 -5.38 4.61
N PRO A 69 -2.13 -6.12 3.67
CA PRO A 69 -3.51 -5.81 3.23
C PRO A 69 -4.60 -6.19 4.28
N PHE A 70 -4.46 -7.39 4.89
CA PHE A 70 -5.48 -7.98 5.78
C PHE A 70 -5.35 -7.45 7.22
N ILE A 71 -6.08 -6.36 7.48
CA ILE A 71 -6.17 -5.72 8.82
C ILE A 71 -7.46 -6.18 9.53
N PRO A 72 -7.40 -6.52 10.86
CA PRO A 72 -8.59 -6.92 11.65
C PRO A 72 -9.53 -5.72 11.95
N GLU A 73 -10.75 -6.04 12.40
CA GLU A 73 -11.83 -5.05 12.61
C GLU A 73 -11.61 -4.16 13.86
N GLU A 74 -10.60 -4.49 14.69
CA GLU A 74 -10.27 -3.71 15.89
C GLU A 74 -9.67 -2.32 15.53
N LEU A 75 -9.03 -2.22 14.34
CA LEU A 75 -8.60 -0.91 13.77
C LEU A 75 -9.80 -0.20 13.09
N SER A 76 -10.85 -1.00 12.77
CA SER A 76 -12.05 -0.57 12.03
C SER A 76 -11.70 -0.08 10.61
N LEU A 77 -10.57 -0.60 10.08
CA LEU A 77 -9.98 -0.20 8.79
C LEU A 77 -9.70 1.32 8.76
N VAL A 78 -9.34 1.88 9.93
CA VAL A 78 -8.96 3.30 10.07
C VAL A 78 -7.43 3.42 10.13
N ASP A 79 -6.82 2.78 11.16
CA ASP A 79 -5.37 2.91 11.43
C ASP A 79 -4.52 1.95 10.54
N HIS A 80 -5.08 1.52 9.39
CA HIS A 80 -4.41 0.57 8.48
C HIS A 80 -3.48 1.32 7.49
N PRO A 81 -2.28 0.74 7.12
CA PRO A 81 -1.34 1.37 6.14
C PRO A 81 -1.93 1.41 4.70
N VAL A 82 -2.99 0.62 4.50
CA VAL A 82 -3.70 0.47 3.22
C VAL A 82 -4.61 1.72 2.93
N LEU A 83 -4.76 2.62 3.94
CA LEU A 83 -5.60 3.84 3.82
C LEU A 83 -4.99 4.78 2.75
N ASN A 84 -3.77 5.25 3.04
CA ASN A 84 -3.02 6.19 2.17
C ASN A 84 -2.73 5.55 0.81
N PHE A 85 -2.61 4.21 0.81
CA PHE A 85 -2.42 3.43 -0.40
C PHE A 85 -3.63 3.56 -1.34
N SER A 86 -4.83 3.26 -0.82
CA SER A 86 -6.12 3.35 -1.56
C SER A 86 -6.35 4.78 -2.09
N ALA A 87 -6.11 5.77 -1.22
CA ALA A 87 -6.34 7.20 -1.49
C ALA A 87 -5.48 7.67 -2.68
N ALA A 88 -4.16 7.42 -2.56
CA ALA A 88 -3.18 7.81 -3.57
C ALA A 88 -3.40 7.03 -4.89
N LEU A 89 -3.87 5.79 -4.76
CA LEU A 89 -4.16 4.90 -5.89
C LEU A 89 -5.29 5.45 -6.77
N ASN A 90 -6.44 5.74 -6.14
CA ASN A 90 -7.65 6.16 -6.88
C ASN A 90 -7.46 7.56 -7.49
N ARG A 91 -6.75 8.46 -6.75
CA ARG A 91 -6.47 9.83 -7.26
C ARG A 91 -5.45 9.80 -8.41
N MET A 92 -4.47 8.87 -8.33
CA MET A 92 -3.40 8.72 -9.34
C MET A 92 -4.02 8.31 -10.67
N LEU A 93 -4.84 7.24 -10.61
CA LEU A 93 -5.48 6.67 -11.79
C LEU A 93 -6.53 7.63 -12.37
N ALA A 94 -7.24 8.36 -11.49
CA ALA A 94 -8.24 9.38 -11.89
C ALA A 94 -7.58 10.50 -12.73
N SER A 95 -6.35 10.87 -12.32
CA SER A 95 -5.52 11.87 -13.02
C SER A 95 -5.01 11.33 -14.36
N ARG A 96 -4.71 10.01 -14.40
CA ARG A 96 -4.18 9.33 -15.60
C ARG A 96 -5.28 9.05 -16.64
N GLN A 97 -6.54 8.93 -16.17
CA GLN A 97 -7.72 8.75 -17.02
C GLN A 97 -8.02 10.07 -17.75
N THR A 98 -8.28 11.13 -16.95
CA THR A 98 -8.43 12.52 -17.43
C THR A 98 -8.14 13.48 -16.24
N THR A 99 -9.19 13.79 -15.45
CA THR A 99 -9.20 14.67 -14.27
C THR A 99 -10.66 14.87 -13.85
N THR A 100 -10.91 15.00 -12.55
CA THR A 100 -12.26 15.22 -11.99
C THR A 100 -12.18 16.22 -10.84
N ASN A 101 -12.72 17.43 -11.06
CA ASN A 101 -12.74 18.51 -10.08
C ASN A 101 -14.21 18.86 -9.77
N GLN A 1 29.43 13.06 23.16
CA GLN A 1 29.49 12.57 21.76
C GLN A 1 30.54 11.44 21.63
N GLY A 2 30.67 10.88 20.43
CA GLY A 2 31.61 9.80 20.14
C GLY A 2 31.98 9.73 18.66
N LEU A 3 32.49 8.57 18.23
CA LEU A 3 32.83 8.30 16.81
C LEU A 3 31.67 7.54 16.12
N ASP A 4 30.62 8.29 15.79
CA ASP A 4 29.43 7.79 15.05
C ASP A 4 29.44 8.33 13.61
N LEU A 5 30.57 8.97 13.23
CA LEU A 5 30.70 9.74 11.96
C LEU A 5 30.27 8.95 10.72
N GLU A 6 30.63 7.66 10.68
CA GLU A 6 30.30 6.74 9.57
C GLU A 6 28.78 6.52 9.50
N SER A 7 28.18 6.16 10.64
CA SER A 7 26.73 5.86 10.76
C SER A 7 25.88 7.10 10.44
N ALA A 8 26.40 8.28 10.82
CA ALA A 8 25.75 9.57 10.63
C ALA A 8 25.71 9.98 9.15
N ARG A 9 26.88 9.90 8.49
CA ARG A 9 27.06 10.37 7.10
C ARG A 9 26.32 9.46 6.10
N LEU A 10 26.29 8.12 6.37
CA LEU A 10 25.63 7.15 5.46
C LEU A 10 24.10 7.27 5.55
N ALA A 11 23.60 7.54 6.77
CA ALA A 11 22.15 7.65 7.04
C ALA A 11 21.59 8.96 6.45
N SER A 12 22.41 10.02 6.50
CA SER A 12 22.06 11.33 5.91
C SER A 12 22.13 11.27 4.38
N ALA A 13 23.15 10.54 3.85
CA ALA A 13 23.36 10.33 2.40
C ALA A 13 22.34 9.34 1.80
N ALA A 14 21.64 8.59 2.68
CA ALA A 14 20.58 7.65 2.29
C ALA A 14 19.18 8.30 2.37
N ARG A 15 19.12 9.64 2.21
CA ARG A 15 17.87 10.41 2.25
C ARG A 15 16.96 10.06 1.05
N HIS A 16 16.18 8.98 1.22
CA HIS A 16 15.18 8.50 0.24
C HIS A 16 13.95 8.01 1.02
N ASN A 17 12.76 8.15 0.40
CA ASN A 17 11.46 7.78 1.01
C ASN A 17 11.16 8.62 2.28
N HIS A 18 10.05 8.27 2.96
CA HIS A 18 9.69 8.79 4.29
C HIS A 18 8.52 7.96 4.83
N SER A 19 7.31 8.21 4.28
CA SER A 19 6.08 7.53 4.73
C SER A 19 5.11 7.34 3.55
N ALA A 20 4.62 8.47 2.99
CA ALA A 20 3.68 8.47 1.83
C ALA A 20 4.37 8.01 0.53
N ASN A 21 5.72 8.11 0.52
CA ASN A 21 6.55 7.63 -0.61
C ASN A 21 6.51 6.10 -0.71
N GLN A 22 6.33 5.41 0.45
CA GLN A 22 6.24 3.93 0.51
C GLN A 22 4.95 3.42 -0.18
N THR A 23 3.93 4.29 -0.23
CA THR A 23 2.70 4.05 -0.99
C THR A 23 2.99 4.10 -2.50
N ASN A 24 3.64 5.19 -2.98
CA ASN A 24 4.03 5.34 -4.41
C ASN A 24 4.91 4.17 -4.85
N GLU A 25 5.83 3.80 -3.93
CA GLU A 25 6.70 2.62 -4.05
C GLU A 25 5.86 1.37 -4.27
N ALA A 26 4.83 1.15 -3.42
CA ALA A 26 3.97 -0.04 -3.49
C ALA A 26 3.14 -0.08 -4.79
N LEU A 27 2.67 1.09 -5.26
CA LEU A 27 1.88 1.22 -6.50
C LEU A 27 2.68 0.68 -7.71
N ARG A 28 3.87 1.30 -7.92
CA ARG A 28 4.76 0.93 -9.04
C ARG A 28 5.34 -0.49 -8.86
N ARG A 29 5.55 -0.91 -7.58
CA ARG A 29 6.00 -2.29 -7.23
C ARG A 29 5.05 -3.32 -7.83
N LEU A 30 3.74 -3.15 -7.53
CA LEU A 30 2.71 -4.09 -7.98
C LEU A 30 2.61 -4.07 -9.51
N THR A 31 2.73 -2.86 -10.10
CA THR A 31 2.65 -2.69 -11.57
C THR A 31 3.76 -3.49 -12.31
N GLN A 32 4.97 -3.49 -11.74
CA GLN A 32 6.15 -4.12 -12.37
C GLN A 32 6.22 -5.63 -12.07
N GLU A 33 5.66 -6.04 -10.91
CA GLU A 33 5.68 -7.45 -10.49
C GLU A 33 4.64 -8.27 -11.29
N GLY A 34 3.58 -7.59 -11.81
CA GLY A 34 2.59 -8.24 -12.69
C GLY A 34 1.17 -7.73 -12.49
N VAL A 35 0.92 -7.07 -11.36
CA VAL A 35 -0.43 -6.58 -11.01
C VAL A 35 -0.79 -5.30 -11.81
N ASP A 36 -1.95 -5.31 -12.48
CA ASP A 36 -2.48 -4.17 -13.25
C ASP A 36 -3.02 -3.10 -12.29
N MET A 37 -2.80 -1.81 -12.64
CA MET A 37 -3.15 -0.66 -11.78
C MET A 37 -4.67 -0.56 -11.49
N GLU A 38 -5.49 -0.77 -12.53
CA GLU A 38 -6.96 -0.64 -12.43
C GLU A 38 -7.59 -1.85 -11.75
N ARG A 39 -7.01 -3.07 -11.98
CA ARG A 39 -7.47 -4.33 -11.34
C ARG A 39 -7.19 -4.27 -9.82
N LEU A 40 -5.97 -3.76 -9.53
CA LEU A 40 -5.49 -3.44 -8.19
C LEU A 40 -6.48 -2.49 -7.49
N ARG A 41 -6.83 -1.37 -8.17
CA ARG A 41 -7.68 -0.32 -7.60
C ARG A 41 -9.12 -0.82 -7.36
N THR A 42 -9.61 -1.70 -8.25
CA THR A 42 -10.95 -2.30 -8.14
C THR A 42 -11.05 -3.18 -6.88
N SER A 43 -10.06 -4.07 -6.71
CA SER A 43 -10.04 -5.07 -5.61
C SER A 43 -9.67 -4.42 -4.26
N LEU A 44 -8.81 -3.40 -4.31
CA LEU A 44 -8.34 -2.67 -3.12
C LEU A 44 -9.47 -1.78 -2.60
N GLY A 45 -10.11 -1.08 -3.56
CA GLY A 45 -11.28 -0.24 -3.28
C GLY A 45 -12.46 -1.06 -2.78
N ARG A 46 -12.59 -2.31 -3.27
CA ARG A 46 -13.67 -3.23 -2.85
C ARG A 46 -13.37 -3.86 -1.49
N TYR A 47 -12.07 -4.02 -1.15
CA TYR A 47 -11.61 -4.50 0.17
C TYR A 47 -12.10 -3.55 1.30
N ILE A 48 -12.17 -2.24 0.99
CA ILE A 48 -12.57 -1.21 1.97
C ILE A 48 -14.08 -0.91 1.88
N MET A 49 -14.53 -0.56 0.66
CA MET A 49 -15.91 -0.09 0.38
C MET A 49 -16.94 -1.24 0.53
N SER A 50 -16.51 -2.48 0.27
CA SER A 50 -17.36 -3.68 0.39
C SER A 50 -16.79 -4.63 1.45
N LEU A 51 -17.56 -5.69 1.77
CA LEU A 51 -17.19 -6.70 2.78
C LEU A 51 -16.43 -7.87 2.11
N GLU A 52 -16.21 -7.77 0.78
CA GLU A 52 -15.37 -8.72 0.02
C GLU A 52 -13.90 -8.22 0.03
N PRO A 53 -12.96 -8.97 0.68
CA PRO A 53 -11.52 -8.56 0.74
C PRO A 53 -10.82 -8.73 -0.63
N LEU A 54 -9.66 -8.08 -0.75
CA LEU A 54 -8.77 -8.21 -1.92
C LEU A 54 -8.26 -9.67 -2.07
N PRO A 55 -7.98 -10.16 -3.34
CA PRO A 55 -7.55 -11.56 -3.58
C PRO A 55 -6.14 -11.86 -3.01
N PRO A 56 -5.78 -13.18 -2.77
CA PRO A 56 -4.47 -13.59 -2.22
C PRO A 56 -3.25 -13.16 -3.09
N ASP A 57 -3.51 -12.90 -4.39
CA ASP A 57 -2.50 -12.37 -5.33
C ASP A 57 -2.14 -10.91 -4.96
N LEU A 58 -3.18 -10.12 -4.67
CA LEU A 58 -3.06 -8.71 -4.27
C LEU A 58 -2.41 -8.63 -2.86
N ARG A 59 -2.79 -9.62 -2.01
CA ARG A 59 -2.30 -9.73 -0.63
C ARG A 59 -0.77 -9.93 -0.59
N ARG A 60 -0.32 -11.00 -1.26
CA ARG A 60 1.11 -11.39 -1.32
C ARG A 60 1.96 -10.27 -1.94
N ALA A 61 1.39 -9.56 -2.94
CA ALA A 61 2.06 -8.45 -3.65
C ALA A 61 2.38 -7.30 -2.67
N LEU A 62 1.33 -6.85 -1.95
CA LEU A 62 1.43 -5.77 -0.95
C LEU A 62 2.42 -6.14 0.17
N GLU A 63 2.30 -7.37 0.69
CA GLU A 63 3.16 -7.88 1.78
C GLU A 63 4.63 -7.94 1.35
N SER A 64 4.85 -8.26 0.07
CA SER A 64 6.19 -8.34 -0.51
C SER A 64 6.84 -6.94 -0.57
N VAL A 65 6.01 -5.89 -0.76
CA VAL A 65 6.47 -4.49 -0.63
C VAL A 65 6.74 -4.14 0.85
N GLY A 66 5.83 -4.60 1.74
CA GLY A 66 5.91 -4.32 3.17
C GLY A 66 4.60 -3.77 3.75
N ILE A 67 3.58 -3.56 2.90
CA ILE A 67 2.24 -3.13 3.34
C ILE A 67 1.37 -4.37 3.57
N ASN A 68 0.99 -4.63 4.83
CA ASN A 68 0.08 -5.74 5.14
C ASN A 68 -1.37 -5.27 4.86
N PRO A 69 -2.15 -6.01 3.99
CA PRO A 69 -3.56 -5.66 3.69
C PRO A 69 -4.59 -6.17 4.72
N PHE A 70 -4.40 -7.38 5.27
CA PHE A 70 -5.38 -8.00 6.19
C PHE A 70 -5.24 -7.43 7.61
N ILE A 71 -6.09 -6.44 7.91
CA ILE A 71 -6.12 -5.74 9.20
C ILE A 71 -7.39 -6.15 9.98
N PRO A 72 -7.29 -6.41 11.34
CA PRO A 72 -8.47 -6.71 12.21
C PRO A 72 -9.40 -5.50 12.44
N GLU A 73 -10.55 -5.77 13.09
CA GLU A 73 -11.64 -4.79 13.27
C GLU A 73 -11.33 -3.78 14.39
N GLU A 74 -10.20 -4.00 15.11
CA GLU A 74 -9.71 -3.07 16.15
C GLU A 74 -9.16 -1.77 15.53
N LEU A 75 -8.73 -1.83 14.26
CA LEU A 75 -8.41 -0.64 13.43
C LEU A 75 -9.65 -0.20 12.61
N SER A 76 -10.63 -1.13 12.49
CA SER A 76 -11.94 -0.91 11.81
C SER A 76 -11.79 -0.70 10.28
N LEU A 77 -10.60 -1.08 9.73
CA LEU A 77 -10.19 -0.77 8.34
C LEU A 77 -10.12 0.75 8.09
N VAL A 78 -10.02 1.52 9.18
CA VAL A 78 -9.78 2.96 9.13
C VAL A 78 -8.28 3.20 9.30
N ASP A 79 -7.75 2.82 10.48
CA ASP A 79 -6.35 3.09 10.88
C ASP A 79 -5.32 2.23 10.07
N HIS A 80 -5.80 1.36 9.16
CA HIS A 80 -4.94 0.46 8.37
C HIS A 80 -3.89 1.24 7.51
N PRO A 81 -2.65 0.69 7.27
CA PRO A 81 -1.61 1.33 6.39
C PRO A 81 -2.06 1.42 4.93
N VAL A 82 -3.07 0.59 4.61
CA VAL A 82 -3.65 0.46 3.27
C VAL A 82 -4.55 1.68 2.91
N LEU A 83 -4.80 2.57 3.91
CA LEU A 83 -5.61 3.80 3.73
C LEU A 83 -4.91 4.74 2.75
N ASN A 84 -3.67 5.15 3.12
CA ASN A 84 -2.84 6.07 2.31
C ASN A 84 -2.56 5.46 0.92
N PHE A 85 -2.44 4.11 0.91
CA PHE A 85 -2.23 3.33 -0.32
C PHE A 85 -3.41 3.51 -1.30
N SER A 86 -4.63 3.21 -0.81
CA SER A 86 -5.87 3.31 -1.60
C SER A 86 -6.14 4.75 -2.06
N ALA A 87 -5.88 5.71 -1.15
CA ALA A 87 -6.11 7.15 -1.37
C ALA A 87 -5.32 7.64 -2.59
N ALA A 88 -4.00 7.37 -2.56
CA ALA A 88 -3.06 7.75 -3.63
C ALA A 88 -3.36 7.01 -4.93
N LEU A 89 -3.78 5.74 -4.80
CA LEU A 89 -4.10 4.85 -5.92
C LEU A 89 -5.29 5.37 -6.76
N ASN A 90 -6.43 5.63 -6.07
CA ASN A 90 -7.68 6.04 -6.74
C ASN A 90 -7.53 7.45 -7.33
N ARG A 91 -6.85 8.36 -6.60
CA ARG A 91 -6.65 9.76 -7.04
C ARG A 91 -5.64 9.83 -8.20
N MET A 92 -4.70 8.85 -8.25
CA MET A 92 -3.69 8.75 -9.32
C MET A 92 -4.37 8.42 -10.64
N LEU A 93 -5.21 7.37 -10.63
CA LEU A 93 -5.95 6.95 -11.83
C LEU A 93 -7.03 7.99 -12.23
N ALA A 94 -7.56 8.71 -11.22
CA ALA A 94 -8.52 9.81 -11.43
C ALA A 94 -7.83 11.09 -11.96
N SER A 95 -6.52 11.21 -11.70
CA SER A 95 -5.69 12.31 -12.22
C SER A 95 -5.32 12.04 -13.70
N ARG A 96 -5.09 10.75 -14.01
CA ARG A 96 -4.72 10.28 -15.37
C ARG A 96 -5.90 10.39 -16.35
N GLN A 97 -7.13 10.26 -15.81
CA GLN A 97 -8.37 10.23 -16.62
C GLN A 97 -9.26 11.44 -16.31
N THR A 98 -10.19 11.77 -17.23
CA THR A 98 -11.18 12.83 -17.03
C THR A 98 -12.36 12.29 -16.19
N THR A 99 -12.15 12.27 -14.85
CA THR A 99 -13.17 11.84 -13.88
C THR A 99 -14.31 12.90 -13.82
N THR A 100 -15.40 12.59 -14.53
CA THR A 100 -16.54 13.50 -14.71
C THR A 100 -17.86 12.75 -14.46
N ASN A 101 -18.63 13.20 -13.45
CA ASN A 101 -19.94 12.63 -13.11
C ASN A 101 -21.03 13.29 -13.98
N GLN A 1 30.64 4.79 -3.03
CA GLN A 1 31.32 4.86 -4.35
C GLN A 1 30.92 3.64 -5.20
N GLY A 2 31.02 3.79 -6.53
CA GLY A 2 30.75 2.72 -7.48
C GLY A 2 29.93 3.20 -8.67
N LEU A 3 29.29 2.25 -9.36
CA LEU A 3 28.46 2.51 -10.56
C LEU A 3 26.97 2.24 -10.24
N ASP A 4 26.08 2.94 -10.97
CA ASP A 4 24.62 2.84 -10.82
C ASP A 4 24.19 3.18 -9.36
N LEU A 5 24.64 4.36 -8.93
CA LEU A 5 24.39 4.87 -7.56
C LEU A 5 22.90 5.23 -7.35
N GLU A 6 22.15 5.37 -8.47
CA GLU A 6 20.67 5.57 -8.44
C GLU A 6 19.97 4.36 -7.77
N SER A 7 20.39 3.14 -8.15
CA SER A 7 19.88 1.89 -7.56
C SER A 7 20.40 1.70 -6.12
N ALA A 8 21.62 2.21 -5.86
CA ALA A 8 22.28 2.10 -4.55
C ALA A 8 21.56 2.94 -3.47
N ARG A 9 21.10 4.16 -3.85
CA ARG A 9 20.47 5.10 -2.90
C ARG A 9 19.01 4.72 -2.58
N LEU A 10 18.29 4.12 -3.55
CA LEU A 10 16.88 3.69 -3.33
C LEU A 10 16.86 2.43 -2.44
N ALA A 11 17.92 1.61 -2.59
CA ALA A 11 18.15 0.42 -1.74
C ALA A 11 18.54 0.84 -0.32
N SER A 12 19.35 1.91 -0.22
CA SER A 12 19.76 2.52 1.06
C SER A 12 18.55 3.14 1.80
N ALA A 13 17.58 3.66 1.02
CA ALA A 13 16.32 4.21 1.55
C ALA A 13 15.37 3.07 1.97
N ALA A 14 15.38 1.97 1.19
CA ALA A 14 14.49 0.80 1.40
C ALA A 14 14.87 -0.01 2.66
N ARG A 15 16.05 0.28 3.26
CA ARG A 15 16.50 -0.34 4.52
C ARG A 15 15.51 -0.06 5.67
N HIS A 16 14.92 1.16 5.67
CA HIS A 16 13.84 1.55 6.58
C HIS A 16 12.84 2.41 5.80
N ASN A 17 11.89 1.75 5.12
CA ASN A 17 10.84 2.43 4.31
C ASN A 17 9.49 2.40 5.04
N HIS A 18 8.93 3.60 5.29
CA HIS A 18 7.60 3.81 5.92
C HIS A 18 7.16 5.27 5.74
N SER A 19 6.77 5.62 4.49
CA SER A 19 6.52 7.02 4.09
C SER A 19 5.49 7.10 2.94
N ALA A 20 5.20 8.34 2.50
CA ALA A 20 4.39 8.61 1.30
C ALA A 20 5.13 8.15 0.03
N ASN A 21 6.48 8.23 0.08
CA ASN A 21 7.36 7.69 -0.98
C ASN A 21 7.15 6.18 -1.13
N GLN A 22 7.07 5.50 0.03
CA GLN A 22 6.89 4.04 0.08
C GLN A 22 5.52 3.62 -0.51
N THR A 23 4.54 4.52 -0.41
CA THR A 23 3.20 4.32 -0.96
C THR A 23 3.21 4.33 -2.50
N ASN A 24 3.85 5.37 -3.09
CA ASN A 24 4.01 5.48 -4.57
C ASN A 24 4.95 4.38 -5.07
N GLU A 25 5.91 3.99 -4.20
CA GLU A 25 6.80 2.84 -4.42
C GLU A 25 5.96 1.57 -4.50
N ALA A 26 4.96 1.43 -3.61
CA ALA A 26 4.07 0.26 -3.57
C ALA A 26 3.28 0.12 -4.87
N LEU A 27 2.68 1.24 -5.32
CA LEU A 27 1.91 1.31 -6.59
C LEU A 27 2.75 0.82 -7.78
N ARG A 28 3.94 1.47 -7.98
CA ARG A 28 4.84 1.18 -9.11
C ARG A 28 5.45 -0.23 -8.99
N ARG A 29 5.69 -0.70 -7.73
CA ARG A 29 6.25 -2.03 -7.48
C ARG A 29 5.30 -3.10 -7.98
N LEU A 30 4.01 -3.00 -7.59
CA LEU A 30 2.97 -3.95 -8.02
C LEU A 30 2.85 -3.95 -9.55
N THR A 31 2.98 -2.75 -10.15
CA THR A 31 2.96 -2.59 -11.62
C THR A 31 4.13 -3.36 -12.30
N GLN A 32 5.33 -3.35 -11.69
CA GLN A 32 6.52 -4.04 -12.24
C GLN A 32 6.57 -5.52 -11.79
N GLU A 33 5.78 -5.84 -10.75
CA GLU A 33 5.66 -7.17 -10.15
C GLU A 33 4.70 -8.04 -11.00
N GLY A 34 3.71 -7.37 -11.63
CA GLY A 34 2.75 -8.04 -12.51
C GLY A 34 1.33 -7.95 -12.00
N VAL A 35 0.96 -6.75 -11.51
CA VAL A 35 -0.40 -6.45 -11.04
C VAL A 35 -0.92 -5.21 -11.80
N ASP A 36 -2.05 -5.39 -12.51
CA ASP A 36 -2.69 -4.32 -13.30
C ASP A 36 -3.29 -3.26 -12.35
N MET A 37 -3.16 -1.98 -12.72
CA MET A 37 -3.54 -0.84 -11.87
C MET A 37 -5.05 -0.80 -11.58
N GLU A 38 -5.88 -1.09 -12.60
CA GLU A 38 -7.35 -1.05 -12.47
C GLU A 38 -7.87 -2.25 -11.68
N ARG A 39 -7.23 -3.42 -11.87
CA ARG A 39 -7.59 -4.69 -11.17
C ARG A 39 -7.31 -4.53 -9.67
N LEU A 40 -6.14 -3.93 -9.41
CA LEU A 40 -5.66 -3.55 -8.09
C LEU A 40 -6.62 -2.54 -7.42
N ARG A 41 -7.04 -1.50 -8.17
CA ARG A 41 -7.90 -0.41 -7.64
C ARG A 41 -9.31 -0.91 -7.32
N THR A 42 -9.82 -1.81 -8.17
CA THR A 42 -11.14 -2.43 -7.96
C THR A 42 -11.10 -3.29 -6.68
N SER A 43 -10.08 -4.16 -6.59
CA SER A 43 -9.89 -5.08 -5.45
C SER A 43 -9.69 -4.32 -4.11
N LEU A 44 -8.96 -3.20 -4.19
CA LEU A 44 -8.61 -2.36 -3.02
C LEU A 44 -9.86 -1.57 -2.57
N GLY A 45 -10.64 -1.09 -3.56
CA GLY A 45 -11.88 -0.37 -3.31
C GLY A 45 -12.95 -1.26 -2.70
N ARG A 46 -12.96 -2.54 -3.12
CA ARG A 46 -13.87 -3.55 -2.54
C ARG A 46 -13.45 -3.85 -1.11
N TYR A 47 -12.13 -3.88 -0.86
CA TYR A 47 -11.54 -4.12 0.46
C TYR A 47 -11.99 -3.06 1.49
N ILE A 48 -11.91 -1.75 1.14
CA ILE A 48 -12.28 -0.66 2.06
C ILE A 48 -13.78 -0.32 1.96
N MET A 49 -14.18 0.24 0.80
CA MET A 49 -15.52 0.85 0.59
C MET A 49 -16.64 -0.19 0.74
N SER A 50 -16.44 -1.38 0.15
CA SER A 50 -17.45 -2.46 0.16
C SER A 50 -17.18 -3.46 1.30
N LEU A 51 -16.06 -3.28 2.05
CA LEU A 51 -15.71 -4.06 3.28
C LEU A 51 -15.48 -5.56 2.98
N GLU A 52 -15.21 -5.89 1.71
CA GLU A 52 -14.97 -7.26 1.24
C GLU A 52 -13.49 -7.67 1.43
N PRO A 53 -13.13 -9.00 1.32
CA PRO A 53 -11.72 -9.43 1.21
C PRO A 53 -11.14 -9.14 -0.20
N LEU A 54 -9.87 -9.52 -0.40
CA LEU A 54 -9.15 -9.33 -1.67
C LEU A 54 -8.39 -10.63 -2.03
N PRO A 55 -8.15 -10.92 -3.36
CA PRO A 55 -7.48 -12.17 -3.81
C PRO A 55 -6.03 -12.33 -3.24
N PRO A 56 -5.53 -13.62 -3.15
CA PRO A 56 -4.16 -13.94 -2.65
C PRO A 56 -3.04 -13.22 -3.45
N ASP A 57 -3.33 -12.87 -4.72
CA ASP A 57 -2.42 -12.11 -5.60
C ASP A 57 -2.14 -10.71 -5.02
N LEU A 58 -3.23 -9.95 -4.85
CA LEU A 58 -3.19 -8.59 -4.27
C LEU A 58 -2.63 -8.59 -2.84
N ARG A 59 -2.95 -9.67 -2.09
CA ARG A 59 -2.47 -9.87 -0.72
C ARG A 59 -0.93 -9.89 -0.70
N ARG A 60 -0.32 -10.86 -1.41
CA ARG A 60 1.13 -11.11 -1.39
C ARG A 60 1.91 -9.93 -1.98
N ALA A 61 1.30 -9.23 -2.97
CA ALA A 61 1.91 -8.06 -3.63
C ALA A 61 2.11 -6.91 -2.63
N LEU A 62 1.01 -6.57 -1.92
CA LEU A 62 1.04 -5.54 -0.86
C LEU A 62 2.07 -5.90 0.23
N GLU A 63 1.99 -7.15 0.71
CA GLU A 63 2.90 -7.70 1.74
C GLU A 63 4.37 -7.66 1.28
N SER A 64 4.58 -7.81 -0.03
CA SER A 64 5.91 -7.82 -0.65
C SER A 64 6.56 -6.44 -0.56
N VAL A 65 5.75 -5.36 -0.68
CA VAL A 65 6.25 -3.98 -0.43
C VAL A 65 6.40 -3.71 1.10
N GLY A 66 5.52 -4.34 1.91
CA GLY A 66 5.56 -4.22 3.37
C GLY A 66 4.22 -3.81 3.98
N ILE A 67 3.23 -3.54 3.11
CA ILE A 67 1.87 -3.17 3.53
C ILE A 67 1.03 -4.44 3.69
N ASN A 68 0.62 -4.77 4.92
CA ASN A 68 -0.26 -5.93 5.15
C ASN A 68 -1.71 -5.53 4.75
N PRO A 69 -2.41 -6.32 3.88
CA PRO A 69 -3.81 -6.06 3.47
C PRO A 69 -4.86 -6.48 4.53
N PHE A 70 -4.76 -7.70 5.08
CA PHE A 70 -5.80 -8.26 5.98
C PHE A 70 -5.68 -7.66 7.40
N ILE A 71 -6.42 -6.56 7.62
CA ILE A 71 -6.46 -5.83 8.90
C ILE A 71 -7.69 -6.28 9.74
N PRO A 72 -7.52 -6.50 11.09
CA PRO A 72 -8.63 -6.83 12.00
C PRO A 72 -9.52 -5.60 12.33
N GLU A 73 -10.71 -5.88 12.88
CA GLU A 73 -11.76 -4.86 13.09
C GLU A 73 -11.50 -3.99 14.34
N GLU A 74 -10.40 -4.28 15.07
CA GLU A 74 -9.90 -3.42 16.15
C GLU A 74 -9.33 -2.10 15.58
N LEU A 75 -8.82 -2.15 14.33
CA LEU A 75 -8.44 -0.94 13.54
C LEU A 75 -9.68 -0.36 12.82
N SER A 76 -10.69 -1.25 12.61
CA SER A 76 -11.99 -0.93 11.97
C SER A 76 -11.83 -0.54 10.49
N LEU A 77 -10.65 -0.90 9.89
CA LEU A 77 -10.25 -0.52 8.52
C LEU A 77 -10.11 1.01 8.37
N VAL A 78 -9.97 1.69 9.53
CA VAL A 78 -9.76 3.14 9.59
C VAL A 78 -8.25 3.39 9.64
N ASP A 79 -7.63 3.17 10.81
CA ASP A 79 -6.20 3.45 10.99
C ASP A 79 -5.38 2.22 10.57
N HIS A 80 -5.34 1.97 9.26
CA HIS A 80 -4.64 0.81 8.66
C HIS A 80 -3.62 1.29 7.59
N PRO A 81 -2.51 0.53 7.29
CA PRO A 81 -1.46 0.97 6.33
C PRO A 81 -1.98 1.08 4.86
N VAL A 82 -3.12 0.42 4.62
CA VAL A 82 -3.73 0.33 3.29
C VAL A 82 -4.57 1.61 2.99
N LEU A 83 -4.73 2.49 4.00
CA LEU A 83 -5.41 3.81 3.86
C LEU A 83 -4.63 4.67 2.86
N ASN A 84 -3.36 4.92 3.22
CA ASN A 84 -2.43 5.77 2.46
C ASN A 84 -2.26 5.23 1.03
N PHE A 85 -2.18 3.89 0.94
CA PHE A 85 -2.05 3.18 -0.32
C PHE A 85 -3.25 3.45 -1.24
N SER A 86 -4.46 3.20 -0.70
CA SER A 86 -5.73 3.41 -1.41
C SER A 86 -5.88 4.85 -1.88
N ALA A 87 -5.54 5.79 -0.99
CA ALA A 87 -5.63 7.24 -1.22
C ALA A 87 -4.86 7.62 -2.49
N ALA A 88 -3.57 7.24 -2.51
CA ALA A 88 -2.66 7.49 -3.63
C ALA A 88 -3.11 6.77 -4.90
N LEU A 89 -3.66 5.56 -4.74
CA LEU A 89 -4.08 4.69 -5.84
C LEU A 89 -5.28 5.29 -6.61
N ASN A 90 -6.34 5.65 -5.87
CA ASN A 90 -7.60 6.13 -6.48
C ASN A 90 -7.40 7.52 -7.11
N ARG A 91 -6.61 8.40 -6.44
CA ARG A 91 -6.34 9.76 -6.96
C ARG A 91 -5.43 9.70 -8.21
N MET A 92 -4.48 8.72 -8.21
CA MET A 92 -3.54 8.51 -9.32
C MET A 92 -4.30 8.14 -10.59
N LEU A 93 -5.15 7.10 -10.49
CA LEU A 93 -5.92 6.59 -11.64
C LEU A 93 -7.02 7.58 -12.05
N ALA A 94 -7.53 8.37 -11.09
CA ALA A 94 -8.49 9.47 -11.37
C ALA A 94 -7.84 10.51 -12.30
N SER A 95 -6.56 10.82 -12.02
CA SER A 95 -5.77 11.79 -12.80
C SER A 95 -5.32 11.19 -14.16
N ARG A 96 -5.21 9.83 -14.22
CA ARG A 96 -4.86 9.11 -15.48
C ARG A 96 -6.10 9.00 -16.40
N GLN A 97 -7.29 8.93 -15.79
CA GLN A 97 -8.59 9.01 -16.49
C GLN A 97 -9.04 10.49 -16.57
N THR A 98 -8.08 11.37 -16.98
CA THR A 98 -8.29 12.83 -17.07
C THR A 98 -9.23 13.20 -18.26
N THR A 99 -9.61 12.20 -19.05
CA THR A 99 -10.61 12.34 -20.13
C THR A 99 -12.02 12.58 -19.56
N THR A 100 -12.26 12.08 -18.33
CA THR A 100 -13.54 12.25 -17.62
C THR A 100 -13.27 12.39 -16.11
N ASN A 101 -13.30 13.63 -15.59
CA ASN A 101 -13.14 13.94 -14.15
C ASN A 101 -14.37 14.75 -13.68
#